data_2UZZ
#
_entry.id   2UZZ
#
_cell.length_a   88.188
_cell.length_b   89.809
_cell.length_c   91.915
_cell.angle_alpha   90.00
_cell.angle_beta   104.75
_cell.angle_gamma   90.00
#
_symmetry.space_group_name_H-M   'P 1 2 1'
#
loop_
_entity.id
_entity.type
_entity.pdbx_description
1 polymer 'N-METHYL-L-TRYPTOPHAN OXIDASE'
2 non-polymer 'FLAVIN-ADENINE DINUCLEOTIDE'
3 non-polymer 'SODIUM ION'
#
_entity_poly.entity_id   1
_entity_poly.type   'polypeptide(L)'
_entity_poly.pdbx_seq_one_letter_code
;MKYDLIIIGSGSVGAAAGYYATRAGLNVLMTDAHMPPHQHGSHHGDTRLIRHAYGEGEKYVPLVLRAQMLWDELSRHNED
DPIFVRSGVINLGPADSTFLANVAHSAEQWQLNVEKLDAQGIMARWPEIRVPDNYIGLFETDSGFLRSELAIKTWIQLAK
EAGCAQLFNCPVTAIRHDDDGVTIETADGEYQAKKAIVCAGTWVKDLLPELPVQPVRKVFAWYQADGRYSVKNKFPAFTG
ELPNGDQYYGFPAENDALKIGKHNGGQVIHSADERVPFAEVVSDGSEAFPFLRNVLPGIGCCLYGAACTYDNSPDEDFII
DTLPGHDNTLLITGLSGHGFKFASVLGEIAADFAQDKKSDFDLTPFRLSRFQ
;
_entity_poly.pdbx_strand_id   A,B,C,D
#
loop_
_chem_comp.id
_chem_comp.type
_chem_comp.name
_chem_comp.formula
FAD non-polymer 'FLAVIN-ADENINE DINUCLEOTIDE' 'C27 H33 N9 O15 P2'
NA non-polymer 'SODIUM ION' 'Na 1'
#
# COMPACT_ATOMS: atom_id res chain seq x y z
N LYS A 2 -5.18 20.61 -37.76
CA LYS A 2 -5.70 21.86 -38.37
C LYS A 2 -5.16 23.15 -37.72
N TYR A 3 -4.26 22.98 -36.75
CA TYR A 3 -3.65 24.12 -36.06
C TYR A 3 -2.70 24.90 -36.96
N ASP A 4 -2.40 26.14 -36.59
CA ASP A 4 -1.41 26.94 -37.30
C ASP A 4 0.01 26.50 -36.93
N LEU A 5 0.16 26.04 -35.69
CA LEU A 5 1.46 25.67 -35.15
C LEU A 5 1.40 24.69 -33.98
N ILE A 6 2.15 23.60 -34.07
CA ILE A 6 2.33 22.68 -32.95
C ILE A 6 3.72 22.83 -32.34
N ILE A 7 3.74 23.14 -31.05
CA ILE A 7 4.96 23.13 -30.27
C ILE A 7 5.07 21.77 -29.60
N ILE A 8 6.14 21.05 -29.92
CA ILE A 8 6.38 19.73 -29.34
C ILE A 8 6.67 19.83 -27.84
N GLY A 9 7.70 20.59 -27.47
CA GLY A 9 8.04 20.75 -26.06
C GLY A 9 7.77 22.13 -25.50
N SER A 10 6.71 22.25 -24.71
CA SER A 10 6.34 23.54 -24.11
C SER A 10 7.09 23.82 -22.79
N GLY A 11 8.42 23.64 -22.84
CA GLY A 11 9.29 23.84 -21.69
C GLY A 11 9.75 25.28 -21.55
N SER A 12 11.06 25.49 -21.57
CA SER A 12 11.62 26.83 -21.42
C SER A 12 11.58 27.61 -22.73
N VAL A 13 11.91 26.94 -23.82
CA VAL A 13 11.86 27.52 -25.16
C VAL A 13 10.44 27.49 -25.71
N GLY A 14 9.75 26.36 -25.52
CA GLY A 14 8.39 26.16 -26.00
C GLY A 14 7.33 27.00 -25.31
N ALA A 15 7.53 27.30 -24.02
CA ALA A 15 6.61 28.15 -23.26
C ALA A 15 6.57 29.55 -23.85
N ALA A 16 7.75 30.09 -24.14
CA ALA A 16 7.88 31.37 -24.82
C ALA A 16 7.23 31.27 -26.20
N ALA A 17 7.64 30.25 -26.96
CA ALA A 17 7.11 30.00 -28.30
C ALA A 17 5.59 30.03 -28.35
N GLY A 18 4.96 29.41 -27.35
CA GLY A 18 3.49 29.37 -27.26
C GLY A 18 2.89 30.74 -27.04
N TYR A 19 3.39 31.44 -26.02
CA TYR A 19 2.91 32.77 -25.68
C TYR A 19 3.03 33.73 -26.87
N TYR A 20 4.23 33.82 -27.45
CA TYR A 20 4.49 34.74 -28.55
C TYR A 20 3.70 34.40 -29.82
N ALA A 21 3.55 33.10 -30.09
CA ALA A 21 2.82 32.66 -31.28
C ALA A 21 1.30 32.86 -31.16
N THR A 22 0.78 32.78 -29.93
CA THR A 22 -0.65 33.01 -29.69
C THR A 22 -0.97 34.51 -29.64
N ARG A 23 -0.02 35.28 -29.12
CA ARG A 23 -0.12 36.74 -29.05
C ARG A 23 0.07 37.35 -30.44
N ALA A 24 0.80 36.63 -31.29
CA ALA A 24 0.91 36.96 -32.71
C ALA A 24 -0.42 36.72 -33.43
N GLY A 25 -1.29 35.92 -32.81
CA GLY A 25 -2.63 35.65 -33.32
C GLY A 25 -2.78 34.35 -34.07
N LEU A 26 -1.97 33.36 -33.73
CA LEU A 26 -1.98 32.07 -34.41
C LEU A 26 -2.76 31.01 -33.62
N ASN A 27 -3.29 30.04 -34.35
CA ASN A 27 -3.98 28.91 -33.73
C ASN A 27 -2.95 27.87 -33.30
N VAL A 28 -2.58 27.91 -32.03
CA VAL A 28 -1.42 27.16 -31.53
C VAL A 28 -1.80 25.98 -30.64
N LEU A 29 -1.09 24.88 -30.80
CA LEU A 29 -1.17 23.74 -29.90
C LEU A 29 0.14 23.60 -29.13
N MET A 30 0.03 23.55 -27.80
CA MET A 30 1.18 23.35 -26.92
C MET A 30 1.15 21.96 -26.32
N THR A 31 2.29 21.27 -26.40
CA THR A 31 2.42 19.94 -25.83
C THR A 31 3.65 19.85 -24.95
N ASP A 32 3.57 18.98 -23.95
CA ASP A 32 4.72 18.61 -23.13
C ASP A 32 4.50 17.17 -22.68
N ALA A 33 5.50 16.58 -22.02
CA ALA A 33 5.36 15.24 -21.47
C ALA A 33 4.79 15.31 -20.05
N HIS A 34 4.99 16.45 -19.39
CA HIS A 34 4.53 16.66 -18.02
C HIS A 34 3.79 18.00 -17.89
N MET A 35 3.76 18.55 -16.67
CA MET A 35 3.15 19.85 -16.42
C MET A 35 4.24 20.91 -16.34
N PRO A 36 4.45 21.65 -17.45
CA PRO A 36 5.56 22.53 -17.82
C PRO A 36 6.53 22.97 -16.71
N PRO A 37 6.06 23.71 -15.68
CA PRO A 37 7.06 23.96 -14.64
C PRO A 37 7.26 22.72 -13.76
N HIS A 38 8.16 21.84 -14.18
CA HIS A 38 8.37 20.55 -13.50
C HIS A 38 9.84 20.24 -13.21
N GLN A 39 10.11 18.98 -12.84
CA GLN A 39 11.44 18.57 -12.38
C GLN A 39 12.12 17.61 -13.37
N HIS A 40 11.52 17.42 -14.53
CA HIS A 40 11.98 16.43 -15.50
C HIS A 40 12.73 17.03 -16.70
N GLY A 41 12.76 18.35 -16.79
CA GLY A 41 13.43 19.04 -17.88
C GLY A 41 14.75 19.65 -17.45
N SER A 42 15.04 20.84 -17.97
CA SER A 42 16.23 21.60 -17.59
C SER A 42 15.87 23.00 -17.10
N HIS A 43 14.63 23.17 -16.65
CA HIS A 43 14.13 24.47 -16.21
C HIS A 43 13.92 24.55 -14.69
N HIS A 44 13.99 23.41 -14.00
CA HIS A 44 13.83 23.37 -12.55
C HIS A 44 15.04 23.98 -11.84
N GLY A 45 14.99 24.04 -10.51
CA GLY A 45 15.92 24.85 -9.73
C GLY A 45 15.39 26.27 -9.76
N ASP A 46 15.77 27.10 -8.78
CA ASP A 46 15.14 28.40 -8.65
C ASP A 46 15.53 29.35 -9.78
N THR A 47 16.82 29.38 -10.12
CA THR A 47 17.38 30.46 -10.93
C THR A 47 18.18 30.05 -12.16
N ARG A 48 18.22 30.95 -13.15
CA ARG A 48 19.07 30.81 -14.33
C ARG A 48 19.77 32.13 -14.64
N LEU A 49 21.04 32.04 -15.05
CA LEU A 49 21.89 33.21 -15.23
C LEU A 49 21.70 33.91 -16.58
N ILE A 50 21.87 35.23 -16.60
CA ILE A 50 21.89 35.99 -17.85
C ILE A 50 23.11 36.91 -17.97
N ARG A 51 23.80 36.79 -19.10
CA ARG A 51 24.99 37.59 -19.38
C ARG A 51 24.87 38.19 -20.77
N HIS A 52 25.17 39.49 -20.89
CA HIS A 52 25.14 40.15 -22.18
C HIS A 52 26.49 40.03 -22.87
N ALA A 53 27.51 40.69 -22.30
CA ALA A 53 28.88 40.52 -22.74
C ALA A 53 29.21 39.04 -22.61
N TYR A 54 29.24 38.35 -23.75
CA TYR A 54 29.19 36.90 -23.77
C TYR A 54 30.54 36.28 -24.12
N GLY A 55 31.11 35.55 -23.19
CA GLY A 55 32.43 34.93 -23.37
C GLY A 55 32.43 33.73 -24.30
N GLU A 56 31.27 33.10 -24.45
CA GLU A 56 31.13 31.91 -25.28
C GLU A 56 31.37 32.19 -26.76
N GLY A 57 31.05 33.41 -27.18
CA GLY A 57 31.23 33.80 -28.56
C GLY A 57 30.51 35.10 -28.89
N GLU A 58 31.09 35.84 -29.82
CA GLU A 58 30.53 37.11 -30.29
C GLU A 58 29.16 36.91 -30.92
N LYS A 59 28.95 35.73 -31.51
CA LYS A 59 27.73 35.37 -32.24
C LYS A 59 26.44 35.45 -31.43
N TYR A 60 26.55 35.41 -30.12
CA TYR A 60 25.36 35.34 -29.25
C TYR A 60 24.80 36.70 -28.85
N VAL A 61 25.61 37.75 -28.96
CA VAL A 61 25.31 39.04 -28.30
C VAL A 61 23.97 39.69 -28.69
N PRO A 62 23.73 39.92 -30.01
CA PRO A 62 22.48 40.56 -30.40
C PRO A 62 21.24 39.80 -29.92
N LEU A 63 21.32 38.47 -29.88
CA LEU A 63 20.19 37.63 -29.47
C LEU A 63 19.87 37.79 -27.99
N VAL A 64 20.91 37.77 -27.16
CA VAL A 64 20.74 37.91 -25.70
C VAL A 64 20.31 39.33 -25.32
N LEU A 65 20.68 40.30 -26.16
CA LEU A 65 20.26 41.69 -26.01
C LEU A 65 18.75 41.81 -26.25
N ARG A 66 18.28 41.15 -27.32
CA ARG A 66 16.86 41.10 -27.64
C ARG A 66 16.12 40.27 -26.59
N ALA A 67 16.75 39.18 -26.13
CA ALA A 67 16.21 38.36 -25.06
C ALA A 67 15.93 39.18 -23.82
N GLN A 68 16.91 40.00 -23.41
CA GLN A 68 16.78 40.86 -22.24
C GLN A 68 15.57 41.78 -22.35
N MET A 69 15.35 42.34 -23.54
CA MET A 69 14.18 43.20 -23.79
C MET A 69 12.89 42.46 -23.49
N LEU A 70 12.82 41.21 -23.93
CA LEU A 70 11.64 40.38 -23.75
C LEU A 70 11.44 39.94 -22.30
N TRP A 71 12.54 39.70 -21.59
CA TRP A 71 12.51 39.42 -20.16
C TRP A 71 11.98 40.61 -19.36
N ASP A 72 12.35 41.81 -19.80
CA ASP A 72 11.88 43.05 -19.19
C ASP A 72 10.40 43.24 -19.44
N GLU A 73 9.96 42.93 -20.67
CA GLU A 73 8.55 43.00 -21.03
C GLU A 73 7.71 41.95 -20.28
N LEU A 74 8.29 40.77 -20.07
CA LEU A 74 7.60 39.68 -19.37
C LEU A 74 7.49 39.98 -17.88
N SER A 75 8.57 40.49 -17.28
CA SER A 75 8.61 40.77 -15.85
C SER A 75 7.52 41.77 -15.48
N ARG A 76 7.16 42.63 -16.43
CA ARG A 76 6.06 43.59 -16.27
C ARG A 76 4.75 42.93 -15.82
N HIS A 77 4.42 41.77 -16.39
CA HIS A 77 3.18 41.03 -16.09
C HIS A 77 3.04 40.54 -14.64
N ASN A 78 4.16 40.47 -13.91
CA ASN A 78 4.12 40.11 -12.51
C ASN A 78 4.86 41.14 -11.64
N GLU A 79 4.10 41.85 -10.81
CA GLU A 79 4.63 42.92 -9.98
C GLU A 79 5.31 42.41 -8.72
N ASP A 80 4.61 41.56 -7.96
CA ASP A 80 5.12 41.03 -6.69
C ASP A 80 6.37 40.17 -6.88
N ASP A 81 6.50 39.54 -8.05
CA ASP A 81 7.62 38.65 -8.36
C ASP A 81 8.38 39.05 -9.62
N PRO A 82 9.56 39.65 -9.45
CA PRO A 82 10.41 39.98 -10.60
C PRO A 82 10.96 38.70 -11.23
N ILE A 83 10.72 38.54 -12.53
CA ILE A 83 11.24 37.41 -13.30
C ILE A 83 12.74 37.58 -13.55
N PHE A 84 13.14 38.81 -13.85
CA PHE A 84 14.55 39.18 -13.97
C PHE A 84 14.96 40.01 -12.78
N VAL A 85 16.08 39.65 -12.16
CA VAL A 85 16.64 40.40 -11.04
C VAL A 85 18.01 40.95 -11.46
N ARG A 86 18.17 42.27 -11.37
CA ARG A 86 19.39 42.94 -11.82
C ARG A 86 20.46 42.99 -10.72
N SER A 87 21.04 41.82 -10.43
CA SER A 87 22.08 41.70 -9.41
C SER A 87 23.47 42.03 -9.97
N GLY A 88 23.56 42.07 -11.30
CA GLY A 88 24.84 42.24 -11.97
C GLY A 88 25.56 40.90 -12.05
N VAL A 89 26.46 40.77 -13.02
CA VAL A 89 27.24 39.55 -13.17
C VAL A 89 28.73 39.87 -13.26
N ILE A 90 29.51 39.30 -12.36
CA ILE A 90 30.96 39.45 -12.38
C ILE A 90 31.57 38.24 -13.08
N ASN A 91 32.46 38.50 -14.04
CA ASN A 91 33.18 37.43 -14.74
C ASN A 91 34.62 37.35 -14.25
N LEU A 92 34.94 36.22 -13.62
CA LEU A 92 36.26 36.02 -13.00
C LEU A 92 37.09 35.02 -13.79
N GLY A 93 38.40 35.25 -13.83
CA GLY A 93 39.32 34.38 -14.56
C GLY A 93 40.68 35.02 -14.81
N PRO A 94 41.63 34.23 -15.34
CA PRO A 94 42.97 34.75 -15.61
C PRO A 94 42.96 35.78 -16.74
N ALA A 95 43.90 36.72 -16.66
CA ALA A 95 44.01 37.82 -17.62
C ALA A 95 44.17 37.34 -19.06
N ASP A 96 44.93 36.25 -19.24
CA ASP A 96 45.19 35.71 -20.57
C ASP A 96 44.28 34.54 -20.96
N SER A 97 42.97 34.71 -20.75
CA SER A 97 41.99 33.67 -21.06
C SER A 97 41.13 34.05 -22.26
N THR A 98 40.90 33.07 -23.13
CA THR A 98 40.07 33.26 -24.33
C THR A 98 38.63 33.65 -24.00
N PHE A 99 38.11 33.18 -22.87
CA PHE A 99 36.74 33.45 -22.47
C PHE A 99 36.52 34.90 -22.09
N LEU A 100 37.40 35.45 -21.27
CA LEU A 100 37.29 36.86 -20.85
C LEU A 100 37.65 37.79 -21.99
N ALA A 101 38.43 37.26 -22.95
CA ALA A 101 38.78 37.98 -24.17
C ALA A 101 37.57 38.23 -25.08
N ASN A 102 36.57 37.35 -24.97
CA ASN A 102 35.32 37.50 -25.71
C ASN A 102 34.27 38.34 -24.97
N VAL A 103 34.42 38.47 -23.66
CA VAL A 103 33.55 39.34 -22.86
C VAL A 103 33.93 40.80 -23.10
N ALA A 104 35.23 41.07 -23.16
CA ALA A 104 35.75 42.43 -23.29
C ALA A 104 35.57 42.98 -24.70
N HIS A 105 35.78 42.11 -25.69
CA HIS A 105 35.65 42.48 -27.10
C HIS A 105 34.20 42.76 -27.49
N SER A 106 33.30 41.92 -27.00
CA SER A 106 31.87 42.03 -27.31
C SER A 106 31.18 43.16 -26.54
N ALA A 107 31.76 43.55 -25.41
CA ALA A 107 31.27 44.71 -24.67
C ALA A 107 31.58 46.00 -25.42
N GLU A 108 32.74 46.02 -26.07
CA GLU A 108 33.21 47.20 -26.80
C GLU A 108 32.35 47.52 -28.03
N GLN A 109 32.12 46.51 -28.86
CA GLN A 109 31.34 46.70 -30.10
C GLN A 109 29.89 47.10 -29.84
N TRP A 110 29.25 46.44 -28.87
CA TRP A 110 27.83 46.68 -28.58
C TRP A 110 27.55 47.76 -27.53
N GLN A 111 28.59 48.48 -27.13
CA GLN A 111 28.49 49.57 -26.15
C GLN A 111 27.77 49.13 -24.86
N LEU A 112 28.34 48.13 -24.20
CA LEU A 112 27.73 47.53 -23.02
C LEU A 112 28.44 47.98 -21.75
N ASN A 113 27.68 48.09 -20.66
CA ASN A 113 28.19 48.56 -19.39
C ASN A 113 29.05 47.53 -18.65
N VAL A 114 30.32 47.43 -19.04
CA VAL A 114 31.26 46.49 -18.41
C VAL A 114 32.52 47.19 -17.90
N GLU A 115 32.81 46.99 -16.61
CA GLU A 115 33.99 47.55 -15.96
C GLU A 115 35.10 46.51 -15.83
N LYS A 116 36.27 46.83 -16.38
CA LYS A 116 37.49 46.07 -16.09
C LYS A 116 37.88 46.36 -14.64
N LEU A 117 38.06 45.31 -13.85
CA LEU A 117 38.44 45.48 -12.46
C LEU A 117 39.70 44.71 -12.12
N ASP A 118 40.47 45.26 -11.20
CA ASP A 118 41.75 44.71 -10.78
C ASP A 118 41.58 43.59 -9.76
N ALA A 119 42.56 42.70 -9.67
CA ALA A 119 42.56 41.62 -8.67
C ALA A 119 42.43 42.17 -7.25
N GLN A 120 43.16 43.25 -6.98
CA GLN A 120 43.09 43.96 -5.70
C GLN A 120 41.84 44.85 -5.64
N GLY A 121 41.40 45.30 -6.81
CA GLY A 121 40.18 46.10 -6.92
C GLY A 121 38.93 45.34 -6.51
N ILE A 122 38.77 44.12 -7.03
CA ILE A 122 37.61 43.28 -6.70
C ILE A 122 37.57 42.90 -5.22
N MET A 123 38.72 42.50 -4.69
CA MET A 123 38.84 42.20 -3.26
C MET A 123 38.52 43.43 -2.40
N ALA A 124 38.81 44.62 -2.94
CA ALA A 124 38.51 45.89 -2.26
C ALA A 124 37.03 46.27 -2.37
N ARG A 125 36.38 45.86 -3.47
CA ARG A 125 34.95 46.12 -3.64
C ARG A 125 34.13 45.00 -3.00
N TRP A 126 34.53 43.76 -3.23
CA TRP A 126 33.92 42.61 -2.56
C TRP A 126 34.99 41.86 -1.76
N PRO A 127 35.03 42.09 -0.44
CA PRO A 127 36.01 41.43 0.44
C PRO A 127 35.88 39.91 0.40
N GLU A 128 34.68 39.42 0.13
CA GLU A 128 34.34 38.00 0.21
C GLU A 128 34.86 37.24 -1.01
N ILE A 129 35.01 37.95 -2.13
CA ILE A 129 35.55 37.37 -3.34
C ILE A 129 37.08 37.44 -3.28
N ARG A 130 37.73 36.28 -3.40
CA ARG A 130 39.18 36.19 -3.22
C ARG A 130 39.82 35.47 -4.41
N VAL A 131 40.64 36.19 -5.16
CA VAL A 131 41.29 35.66 -6.37
C VAL A 131 42.82 35.68 -6.27
N PRO A 132 43.51 34.96 -7.18
CA PRO A 132 44.96 35.13 -7.35
C PRO A 132 45.30 36.50 -7.90
N ASP A 133 46.48 37.02 -7.56
CA ASP A 133 46.94 38.35 -8.02
C ASP A 133 47.02 38.47 -9.53
N ASN A 134 47.31 37.36 -10.20
CA ASN A 134 47.37 37.26 -11.65
C ASN A 134 45.99 37.46 -12.33
N TYR A 135 44.92 37.38 -11.54
CA TYR A 135 43.54 37.39 -12.04
C TYR A 135 42.95 38.77 -12.35
N ILE A 136 41.91 38.77 -13.17
CA ILE A 136 41.17 39.98 -13.55
C ILE A 136 39.67 39.71 -13.48
N GLY A 137 38.88 40.75 -13.23
CA GLY A 137 37.42 40.63 -13.19
C GLY A 137 36.72 41.63 -14.10
N LEU A 138 35.65 41.19 -14.76
CA LEU A 138 34.86 42.06 -15.64
C LEU A 138 33.40 42.16 -15.18
N PHE A 139 33.11 43.22 -14.43
CA PHE A 139 31.79 43.41 -13.81
C PHE A 139 30.76 43.92 -14.82
N GLU A 140 29.66 43.19 -14.95
CA GLU A 140 28.58 43.58 -15.85
C GLU A 140 27.44 44.17 -15.02
N THR A 141 27.09 45.41 -15.34
CA THR A 141 26.16 46.18 -14.51
C THR A 141 24.69 45.81 -14.74
N ASP A 142 24.29 45.72 -16.01
CA ASP A 142 22.89 45.56 -16.38
C ASP A 142 22.42 44.10 -16.44
N SER A 143 23.34 43.17 -16.18
CA SER A 143 23.02 41.75 -16.18
C SER A 143 22.41 41.28 -14.86
N GLY A 144 22.38 39.96 -14.65
CA GLY A 144 21.87 39.37 -13.43
C GLY A 144 21.44 37.94 -13.64
N PHE A 145 20.24 37.62 -13.16
CA PHE A 145 19.69 36.26 -13.29
C PHE A 145 18.18 36.27 -13.50
N LEU A 146 17.61 35.07 -13.70
CA LEU A 146 16.20 34.91 -14.03
C LEU A 146 15.52 33.86 -13.15
N ARG A 147 14.27 34.12 -12.77
CA ARG A 147 13.43 33.12 -12.11
C ARG A 147 12.86 32.18 -13.17
N SER A 148 13.54 31.05 -13.35
CA SER A 148 13.28 30.13 -14.45
C SER A 148 11.91 29.46 -14.40
N GLU A 149 11.52 29.03 -13.20
CA GLU A 149 10.25 28.35 -13.00
C GLU A 149 9.09 29.32 -13.23
N LEU A 150 9.21 30.51 -12.66
CA LEU A 150 8.22 31.56 -12.79
C LEU A 150 8.00 31.94 -14.26
N ALA A 151 9.10 31.99 -15.01
CA ALA A 151 9.06 32.34 -16.43
C ALA A 151 8.14 31.41 -17.23
N ILE A 152 8.23 30.11 -16.94
CA ILE A 152 7.36 29.12 -17.56
C ILE A 152 5.93 29.40 -17.10
N LYS A 153 5.70 29.29 -15.80
CA LYS A 153 4.40 29.53 -15.16
C LYS A 153 3.61 30.68 -15.81
N THR A 154 4.27 31.81 -16.00
CA THR A 154 3.64 32.99 -16.58
C THR A 154 3.37 32.83 -18.07
N TRP A 155 4.35 32.31 -18.81
CA TRP A 155 4.20 32.10 -20.25
C TRP A 155 3.03 31.17 -20.58
N ILE A 156 2.77 30.20 -19.71
CA ILE A 156 1.65 29.28 -19.88
C ILE A 156 0.31 29.96 -19.65
N GLN A 157 0.15 30.62 -18.49
CA GLN A 157 -1.12 31.26 -18.13
C GLN A 157 -1.47 32.37 -19.13
N LEU A 158 -0.46 33.09 -19.59
CA LEU A 158 -0.65 34.14 -20.59
C LEU A 158 -1.12 33.55 -21.92
N ALA A 159 -0.61 32.38 -22.27
CA ALA A 159 -1.03 31.67 -23.48
C ALA A 159 -2.42 31.07 -23.29
N LYS A 160 -2.63 30.44 -22.14
CA LYS A 160 -3.91 29.84 -21.78
C LYS A 160 -5.06 30.86 -21.78
N GLU A 161 -4.76 32.09 -21.37
CA GLU A 161 -5.75 33.17 -21.38
C GLU A 161 -5.97 33.71 -22.78
N ALA A 162 -4.93 33.63 -23.61
CA ALA A 162 -4.98 34.12 -24.99
C ALA A 162 -5.63 33.11 -25.95
N GLY A 163 -6.19 32.03 -25.39
CA GLY A 163 -6.94 31.05 -26.15
C GLY A 163 -6.14 29.91 -26.75
N CYS A 164 -4.91 29.73 -26.26
CA CYS A 164 -4.03 28.65 -26.73
C CYS A 164 -4.51 27.30 -26.24
N ALA A 165 -4.55 26.33 -27.14
CA ALA A 165 -4.90 24.95 -26.79
C ALA A 165 -3.67 24.24 -26.27
N GLN A 166 -3.77 23.71 -25.05
CA GLN A 166 -2.61 23.14 -24.36
C GLN A 166 -2.85 21.70 -23.91
N LEU A 167 -2.03 20.79 -24.43
CA LEU A 167 -2.08 19.38 -24.07
C LEU A 167 -0.82 19.01 -23.30
N PHE A 168 -0.92 18.92 -21.98
CA PHE A 168 0.27 18.92 -21.14
C PHE A 168 0.81 17.56 -20.67
N ASN A 169 0.03 16.82 -19.89
CA ASN A 169 0.50 15.55 -19.32
C ASN A 169 0.49 14.40 -20.33
N CYS A 170 0.61 14.75 -21.61
CA CYS A 170 0.50 13.79 -22.71
C CYS A 170 1.75 13.81 -23.59
N PRO A 171 2.65 12.84 -23.38
CA PRO A 171 3.88 12.75 -24.18
C PRO A 171 3.59 12.60 -25.67
N VAL A 172 4.47 13.15 -26.50
CA VAL A 172 4.45 12.91 -27.94
C VAL A 172 5.29 11.67 -28.19
N THR A 173 4.86 10.84 -29.14
CA THR A 173 5.54 9.56 -29.39
C THR A 173 6.27 9.48 -30.72
N ALA A 174 5.75 10.16 -31.74
CA ALA A 174 6.41 10.24 -33.05
C ALA A 174 5.98 11.48 -33.85
N ILE A 175 6.90 11.97 -34.69
CA ILE A 175 6.62 13.07 -35.62
C ILE A 175 6.52 12.53 -37.04
N ARG A 176 5.42 12.88 -37.71
CA ARG A 176 5.17 12.44 -39.08
C ARG A 176 5.02 13.66 -40.00
N HIS A 177 5.47 13.49 -41.25
CA HIS A 177 5.36 14.58 -42.23
C HIS A 177 4.46 14.23 -43.39
N ASP A 178 3.63 15.20 -43.80
CA ASP A 178 2.71 15.02 -44.91
C ASP A 178 3.27 15.72 -46.15
N ASP A 179 2.65 16.84 -46.51
CA ASP A 179 3.14 17.73 -47.56
C ASP A 179 2.66 19.13 -47.27
N ASP A 180 1.54 19.22 -46.55
CA ASP A 180 1.00 20.50 -46.08
C ASP A 180 1.75 20.91 -44.82
N GLY A 181 1.59 20.14 -43.75
CA GLY A 181 2.16 20.46 -42.45
C GLY A 181 2.80 19.29 -41.73
N VAL A 182 2.63 19.26 -40.42
CA VAL A 182 3.26 18.27 -39.56
C VAL A 182 2.22 17.55 -38.70
N THR A 183 2.29 16.22 -38.68
CA THR A 183 1.49 15.42 -37.76
C THR A 183 2.34 14.93 -36.59
N ILE A 184 1.73 14.92 -35.41
CA ILE A 184 2.32 14.32 -34.22
C ILE A 184 1.37 13.28 -33.64
N GLU A 185 1.82 12.03 -33.59
CA GLU A 185 1.04 10.98 -32.94
C GLU A 185 1.46 10.87 -31.48
N THR A 186 0.47 10.92 -30.60
CA THR A 186 0.71 10.83 -29.17
C THR A 186 0.08 9.56 -28.63
N ALA A 187 0.44 9.20 -27.39
CA ALA A 187 -0.21 8.08 -26.70
C ALA A 187 -1.70 8.39 -26.50
N ASP A 188 -2.06 9.65 -26.75
CA ASP A 188 -3.42 10.12 -26.69
C ASP A 188 -4.08 9.94 -28.06
N GLY A 189 -3.92 10.95 -28.92
CA GLY A 189 -4.50 10.93 -30.28
C GLY A 189 -3.57 11.51 -31.33
N GLU A 190 -4.14 11.88 -32.48
CA GLU A 190 -3.36 12.46 -33.58
C GLU A 190 -3.76 13.90 -33.88
N TYR A 191 -2.77 14.79 -33.90
CA TYR A 191 -3.00 16.22 -34.18
C TYR A 191 -2.05 16.72 -35.27
N GLN A 192 -2.50 17.71 -36.04
CA GLN A 192 -1.66 18.27 -37.08
C GLN A 192 -1.72 19.81 -37.18
N ALA A 193 -0.69 20.39 -37.80
CA ALA A 193 -0.60 21.84 -37.98
C ALA A 193 0.17 22.21 -39.23
N LYS A 194 0.05 23.47 -39.64
CA LYS A 194 0.74 24.00 -40.81
C LYS A 194 2.26 23.96 -40.66
N LYS A 195 2.73 24.33 -39.47
CA LYS A 195 4.15 24.32 -39.15
C LYS A 195 4.36 23.77 -37.75
N ALA A 196 5.61 23.41 -37.43
CA ALA A 196 5.95 22.90 -36.10
C ALA A 196 7.32 23.35 -35.61
N ILE A 197 7.41 23.54 -34.29
CA ILE A 197 8.68 23.79 -33.64
C ILE A 197 8.98 22.67 -32.66
N VAL A 198 10.16 22.09 -32.80
CA VAL A 198 10.58 20.97 -31.97
C VAL A 198 11.52 21.49 -30.90
N CYS A 199 11.04 21.47 -29.66
CA CYS A 199 11.83 21.91 -28.52
C CYS A 199 11.55 21.01 -27.32
N ALA A 200 11.68 19.71 -27.55
CA ALA A 200 11.57 18.68 -26.50
C ALA A 200 12.78 18.71 -25.56
N GLY A 201 13.80 19.47 -25.95
CA GLY A 201 14.95 19.73 -25.09
C GLY A 201 15.92 18.58 -25.00
N THR A 202 16.30 18.26 -23.76
CA THR A 202 17.37 17.32 -23.47
C THR A 202 17.06 15.84 -23.75
N TRP A 203 15.81 15.53 -24.11
CA TRP A 203 15.43 14.17 -24.51
C TRP A 203 14.79 14.09 -25.89
N VAL A 204 15.05 15.11 -26.72
CA VAL A 204 14.54 15.15 -28.09
C VAL A 204 15.14 14.01 -28.91
N LYS A 205 16.26 13.46 -28.43
CA LYS A 205 16.96 12.37 -29.09
C LYS A 205 16.05 11.16 -29.30
N ASP A 206 15.26 10.78 -28.30
CA ASP A 206 14.32 9.66 -28.45
C ASP A 206 12.98 10.04 -29.09
N LEU A 207 13.00 11.11 -29.89
CA LEU A 207 11.87 11.49 -30.73
C LEU A 207 12.38 11.85 -32.11
N LEU A 208 13.68 12.15 -32.20
CA LEU A 208 14.35 12.47 -33.46
C LEU A 208 15.80 11.97 -33.35
N PRO A 209 16.00 10.63 -33.44
CA PRO A 209 17.23 9.94 -33.01
C PRO A 209 18.55 10.34 -33.68
N GLU A 210 18.50 10.87 -34.90
CA GLU A 210 19.71 11.14 -35.67
C GLU A 210 20.53 12.34 -35.20
N LEU A 211 19.89 13.24 -34.44
CA LEU A 211 20.50 14.51 -34.01
C LEU A 211 21.81 14.30 -33.25
N PRO A 212 22.80 15.18 -33.48
CA PRO A 212 24.08 15.04 -32.79
C PRO A 212 24.10 15.78 -31.46
N VAL A 213 23.07 15.56 -30.64
CA VAL A 213 23.02 16.14 -29.30
C VAL A 213 23.12 15.08 -28.22
N GLN A 214 23.97 15.34 -27.23
CA GLN A 214 24.26 14.37 -26.17
C GLN A 214 23.84 14.90 -24.79
N PRO A 215 22.77 14.33 -24.21
CA PRO A 215 22.39 14.63 -22.83
C PRO A 215 23.47 14.23 -21.83
N VAL A 216 23.71 15.08 -20.84
CA VAL A 216 24.76 14.86 -19.84
C VAL A 216 24.22 15.26 -18.47
N ARG A 217 24.38 14.39 -17.48
CA ARG A 217 23.92 14.67 -16.11
C ARG A 217 24.75 15.77 -15.44
N LYS A 218 24.12 16.91 -15.21
CA LYS A 218 24.75 18.00 -14.48
C LYS A 218 24.04 18.28 -13.16
N VAL A 219 24.72 19.00 -12.28
CA VAL A 219 24.23 19.24 -10.92
C VAL A 219 24.64 20.62 -10.40
N PHE A 220 23.69 21.36 -9.85
CA PHE A 220 24.01 22.53 -9.03
C PHE A 220 23.59 22.33 -7.57
N ALA A 221 24.23 23.06 -6.65
CA ALA A 221 24.01 22.85 -5.22
C ALA A 221 23.88 24.15 -4.42
N TRP A 222 23.28 24.03 -3.23
CA TRP A 222 23.11 25.15 -2.31
C TRP A 222 24.02 25.02 -1.07
N TYR A 223 24.93 25.98 -0.91
CA TYR A 223 25.86 26.01 0.21
C TYR A 223 25.45 27.08 1.22
N GLN A 224 25.81 26.89 2.50
CA GLN A 224 25.39 27.80 3.56
C GLN A 224 26.14 29.15 3.56
N ALA A 225 25.44 30.21 3.16
CA ALA A 225 26.00 31.56 3.15
C ALA A 225 25.34 32.44 4.21
N ASP A 226 25.60 33.74 4.13
CA ASP A 226 25.05 34.73 5.08
C ASP A 226 24.82 36.07 4.41
N GLY A 227 24.04 36.93 5.08
CA GLY A 227 23.63 38.25 4.56
C GLY A 227 24.60 39.10 3.73
N ARG A 228 25.89 38.98 4.00
CA ARG A 228 26.91 39.75 3.27
C ARG A 228 27.26 39.15 1.90
N TYR A 229 26.65 38.01 1.59
CA TYR A 229 26.78 37.38 0.27
C TYR A 229 25.55 37.66 -0.61
N SER A 230 24.72 38.63 -0.21
CA SER A 230 23.40 38.84 -0.83
C SER A 230 23.32 40.05 -1.76
N VAL A 231 22.21 40.14 -2.49
CA VAL A 231 21.90 41.30 -3.35
C VAL A 231 21.76 42.57 -2.53
N LYS A 232 21.27 42.44 -1.29
CA LYS A 232 21.17 43.56 -0.35
C LYS A 232 22.55 44.16 -0.07
N ASN A 233 23.53 43.29 0.12
CA ASN A 233 24.92 43.71 0.33
C ASN A 233 25.72 43.78 -0.98
N LYS A 234 25.02 44.03 -2.08
CA LYS A 234 25.63 44.28 -3.40
C LYS A 234 26.45 43.12 -3.98
N PHE A 235 26.25 41.92 -3.47
CA PHE A 235 26.95 40.74 -3.99
C PHE A 235 26.36 40.29 -5.33
N PRO A 236 27.22 40.15 -6.36
CA PRO A 236 26.78 39.83 -7.71
C PRO A 236 26.80 38.35 -8.06
N ALA A 237 25.98 37.97 -9.04
CA ALA A 237 26.02 36.63 -9.65
C ALA A 237 27.30 36.52 -10.47
N PHE A 238 27.87 35.32 -10.55
CA PHE A 238 29.23 35.17 -11.09
C PHE A 238 29.45 34.03 -12.09
N THR A 239 30.49 34.19 -12.90
CA THR A 239 31.10 33.09 -13.65
C THR A 239 32.60 33.12 -13.41
N GLY A 240 33.15 31.97 -13.06
CA GLY A 240 34.57 31.89 -12.73
C GLY A 240 35.35 30.89 -13.57
N GLU A 241 36.61 31.22 -13.82
CA GLU A 241 37.57 30.27 -14.35
C GLU A 241 38.60 29.92 -13.28
N LEU A 242 38.99 28.64 -13.25
CA LEU A 242 40.10 28.21 -12.40
C LEU A 242 41.32 27.94 -13.29
N PRO A 243 42.54 27.93 -12.71
CA PRO A 243 43.76 27.68 -13.50
C PRO A 243 43.66 26.34 -14.21
N ASN A 244 42.71 25.54 -13.75
CA ASN A 244 42.29 24.28 -14.34
C ASN A 244 41.64 24.45 -15.71
N GLY A 245 41.03 25.60 -15.95
CA GLY A 245 40.21 25.82 -17.12
C GLY A 245 38.75 25.48 -16.84
N ASP A 246 38.49 25.07 -15.60
CA ASP A 246 37.15 24.73 -15.14
C ASP A 246 36.31 25.98 -14.93
N GLN A 247 35.11 25.98 -15.51
CA GLN A 247 34.19 27.10 -15.37
C GLN A 247 33.15 26.82 -14.29
N TYR A 248 32.83 27.85 -13.51
CA TYR A 248 31.79 27.76 -12.50
C TYR A 248 30.84 28.94 -12.59
N TYR A 249 29.56 28.67 -12.37
CA TYR A 249 28.53 29.70 -12.33
C TYR A 249 27.95 29.78 -10.92
N GLY A 250 27.46 30.96 -10.54
CA GLY A 250 26.91 31.16 -9.20
C GLY A 250 25.97 32.34 -9.03
N PHE A 251 25.17 32.28 -7.97
CA PHE A 251 24.11 33.27 -7.71
C PHE A 251 24.26 33.87 -6.32
N PRO A 252 23.81 35.13 -6.14
CA PRO A 252 23.86 35.78 -4.83
C PRO A 252 22.98 35.07 -3.82
N ALA A 253 23.56 34.71 -2.68
CA ALA A 253 22.85 34.01 -1.61
C ALA A 253 21.41 34.50 -1.45
N GLU A 254 20.47 33.55 -1.50
CA GLU A 254 19.05 33.88 -1.48
C GLU A 254 18.59 34.16 -0.06
N ASN A 255 18.09 33.14 0.63
CA ASN A 255 17.92 33.22 2.08
C ASN A 255 18.96 32.32 2.76
N ASP A 256 20.16 32.87 2.94
CA ASP A 256 21.29 32.19 3.58
C ASP A 256 21.73 30.91 2.85
N ALA A 257 21.78 31.00 1.52
CA ALA A 257 22.21 29.90 0.66
C ALA A 257 22.81 30.41 -0.65
N LEU A 258 24.04 29.99 -0.94
CA LEU A 258 24.76 30.36 -2.18
C LEU A 258 24.71 29.21 -3.20
N LYS A 259 24.22 29.48 -4.39
CA LYS A 259 24.09 28.44 -5.44
C LYS A 259 25.28 28.42 -6.39
N ILE A 260 25.97 27.28 -6.47
CA ILE A 260 27.10 27.12 -7.40
C ILE A 260 26.94 25.86 -8.25
N GLY A 261 27.70 25.76 -9.32
CA GLY A 261 27.77 24.55 -10.14
C GLY A 261 28.97 24.57 -11.06
N LYS A 262 29.51 23.39 -11.36
CA LYS A 262 30.57 23.25 -12.36
C LYS A 262 29.92 23.25 -13.73
N HIS A 263 30.66 23.64 -14.76
CA HIS A 263 30.11 23.71 -16.12
C HIS A 263 30.70 22.69 -17.08
N ASN A 264 31.99 22.39 -16.90
CA ASN A 264 32.76 21.60 -17.89
C ASN A 264 32.63 20.08 -17.80
N GLY A 265 32.31 19.57 -16.60
CA GLY A 265 32.30 18.13 -16.35
C GLY A 265 30.94 17.46 -16.52
N GLY A 266 30.61 16.56 -15.60
CA GLY A 266 29.33 15.86 -15.60
C GLY A 266 29.37 14.52 -16.31
N GLN A 267 28.68 13.53 -15.74
CA GLN A 267 28.66 12.16 -16.28
C GLN A 267 27.58 11.96 -17.35
N VAL A 268 27.97 11.31 -18.45
CA VAL A 268 27.14 11.14 -19.63
C VAL A 268 26.03 10.11 -19.38
N ILE A 269 24.79 10.49 -19.68
CA ILE A 269 23.65 9.56 -19.63
C ILE A 269 22.91 9.49 -20.96
N HIS A 270 21.89 8.64 -21.05
CA HIS A 270 21.15 8.43 -22.29
C HIS A 270 19.64 8.30 -22.12
N SER A 271 19.21 7.91 -20.92
CA SER A 271 17.79 7.78 -20.61
C SER A 271 17.39 8.77 -19.53
N ALA A 272 16.12 9.18 -19.56
CA ALA A 272 15.57 10.10 -18.54
C ALA A 272 15.61 9.49 -17.15
N ASP A 273 15.51 8.16 -17.10
CA ASP A 273 15.61 7.39 -15.87
C ASP A 273 17.02 7.44 -15.27
N GLU A 274 18.02 7.58 -16.14
CA GLU A 274 19.42 7.54 -15.72
C GLU A 274 19.88 8.79 -14.95
N ARG A 275 19.03 9.79 -14.88
CA ARG A 275 19.32 11.02 -14.16
C ARG A 275 19.14 10.84 -12.66
N VAL A 276 20.07 10.13 -12.02
CA VAL A 276 20.04 9.90 -10.58
C VAL A 276 20.05 11.22 -9.81
N PRO A 277 19.12 11.38 -8.84
CA PRO A 277 18.95 12.61 -8.04
C PRO A 277 20.22 13.12 -7.36
N PHE A 278 20.12 14.26 -6.68
CA PHE A 278 21.29 15.01 -6.20
C PHE A 278 22.39 14.19 -5.53
N ALA A 279 22.11 13.55 -4.41
CA ALA A 279 23.17 12.97 -3.59
C ALA A 279 23.60 11.55 -3.98
N GLU A 280 23.02 11.01 -5.05
CA GLU A 280 23.20 9.60 -5.40
C GLU A 280 24.58 9.23 -5.98
N VAL A 281 25.12 10.10 -6.84
CA VAL A 281 26.52 9.96 -7.24
C VAL A 281 27.37 10.94 -6.43
N VAL A 282 28.58 10.51 -6.08
CA VAL A 282 29.32 11.12 -4.96
C VAL A 282 30.29 12.26 -5.26
N SER A 283 30.28 12.76 -6.49
CA SER A 283 31.05 13.97 -6.80
C SER A 283 30.26 15.18 -6.36
N ASP A 284 28.94 15.00 -6.32
CA ASP A 284 27.97 16.09 -6.25
C ASP A 284 28.15 17.02 -5.05
N GLY A 285 28.07 16.46 -3.84
CA GLY A 285 28.19 17.24 -2.61
C GLY A 285 29.46 18.05 -2.46
N SER A 286 30.46 17.73 -3.25
CA SER A 286 31.78 18.38 -3.17
C SER A 286 32.27 18.84 -4.55
N GLU A 287 31.34 19.11 -5.45
CA GLU A 287 31.64 19.49 -6.83
C GLU A 287 32.09 20.95 -6.93
N ALA A 288 31.42 21.82 -6.18
CA ALA A 288 31.72 23.25 -6.21
C ALA A 288 32.84 23.65 -5.21
N PHE A 289 33.36 22.66 -4.50
CA PHE A 289 34.38 22.88 -3.46
C PHE A 289 35.66 23.54 -3.99
N PRO A 290 36.25 23.01 -5.08
CA PRO A 290 37.49 23.60 -5.59
C PRO A 290 37.41 25.10 -5.88
N PHE A 291 36.23 25.56 -6.32
CA PHE A 291 36.00 26.98 -6.54
C PHE A 291 35.80 27.69 -5.21
N LEU A 292 35.02 27.07 -4.32
CA LEU A 292 34.58 27.72 -3.09
C LEU A 292 35.70 27.99 -2.07
N ARG A 293 36.61 27.04 -1.91
CA ARG A 293 37.67 27.19 -0.92
C ARG A 293 38.69 28.27 -1.36
N ASN A 294 38.94 28.35 -2.65
CA ASN A 294 39.83 29.37 -3.22
C ASN A 294 39.19 30.75 -3.34
N VAL A 295 38.02 30.80 -3.97
CA VAL A 295 37.40 32.07 -4.36
C VAL A 295 36.43 32.62 -3.30
N LEU A 296 35.65 31.75 -2.69
CA LEU A 296 34.67 32.18 -1.68
C LEU A 296 34.87 31.41 -0.38
N PRO A 297 36.04 31.60 0.28
CA PRO A 297 36.47 30.70 1.37
C PRO A 297 35.57 30.66 2.61
N GLY A 298 34.86 31.76 2.88
CA GLY A 298 33.92 31.79 4.00
C GLY A 298 32.50 31.44 3.56
N ILE A 299 32.31 30.22 3.08
CA ILE A 299 31.04 29.82 2.45
C ILE A 299 30.38 28.55 3.01
N GLY A 300 31.12 27.80 3.83
CA GLY A 300 30.54 26.66 4.55
C GLY A 300 30.06 25.47 3.74
N CYS A 301 29.23 24.65 4.38
CA CYS A 301 28.83 23.33 3.87
C CYS A 301 27.70 23.35 2.83
N CYS A 302 27.68 22.31 2.01
CA CYS A 302 26.57 22.04 1.12
C CYS A 302 25.34 21.66 1.95
N LEU A 303 24.19 22.25 1.61
CA LEU A 303 22.94 22.01 2.34
C LEU A 303 22.01 21.06 1.58
N TYR A 304 21.77 21.38 0.31
CA TYR A 304 20.95 20.57 -0.61
C TYR A 304 21.37 20.90 -2.04
N GLY A 305 20.75 20.27 -3.04
CA GLY A 305 21.11 20.55 -4.45
C GLY A 305 20.17 19.94 -5.50
N ALA A 306 20.64 19.96 -6.76
CA ALA A 306 19.79 19.51 -7.87
C ALA A 306 20.23 18.37 -8.80
N ALA A 307 19.69 18.35 -10.02
CA ALA A 307 19.66 17.08 -10.76
C ALA A 307 19.64 17.26 -12.30
N CYS A 308 19.92 18.44 -12.76
CA CYS A 308 19.61 18.85 -14.13
C CYS A 308 20.39 18.11 -15.25
N THR A 309 20.05 18.42 -16.53
CA THR A 309 20.72 17.82 -17.69
C THR A 309 21.10 18.83 -18.79
N TYR A 310 22.37 18.82 -19.20
CA TYR A 310 22.84 19.62 -20.33
C TYR A 310 22.46 18.99 -21.67
N ASP A 311 21.95 19.80 -22.59
CA ASP A 311 21.65 19.37 -23.94
C ASP A 311 22.83 19.71 -24.84
N ASN A 312 23.93 18.97 -24.66
CA ASN A 312 25.20 19.27 -25.32
C ASN A 312 25.22 18.96 -26.81
N SER A 313 25.73 19.92 -27.59
CA SER A 313 26.12 19.67 -28.98
C SER A 313 27.63 19.42 -28.98
N PRO A 314 28.19 18.88 -30.09
CA PRO A 314 29.61 18.52 -30.10
C PRO A 314 30.58 19.71 -30.07
N ASP A 315 30.12 20.89 -30.48
CA ASP A 315 30.94 22.11 -30.38
C ASP A 315 30.42 23.08 -29.32
N GLU A 316 29.42 22.62 -28.56
CA GLU A 316 28.81 23.38 -27.45
C GLU A 316 27.99 24.59 -27.87
N ASP A 317 27.87 24.83 -29.18
CA ASP A 317 27.04 25.90 -29.71
C ASP A 317 25.60 25.44 -29.93
N PHE A 318 24.69 26.40 -30.10
CA PHE A 318 23.28 26.09 -30.30
C PHE A 318 23.01 25.46 -31.67
N ILE A 319 21.92 24.70 -31.76
CA ILE A 319 21.41 24.22 -33.02
C ILE A 319 20.04 24.85 -33.25
N ILE A 320 20.01 25.86 -34.11
CA ILE A 320 18.77 26.52 -34.50
C ILE A 320 18.69 26.46 -36.02
N ASP A 321 17.92 25.49 -36.51
CA ASP A 321 17.81 25.26 -37.95
C ASP A 321 16.50 24.53 -38.26
N THR A 322 16.02 24.72 -39.48
CA THR A 322 14.89 23.97 -40.00
C THR A 322 15.37 22.55 -40.35
N LEU A 323 14.49 21.57 -40.17
CA LEU A 323 14.81 20.16 -40.35
C LEU A 323 15.33 19.90 -41.78
N PRO A 324 16.36 19.03 -41.92
CA PRO A 324 16.99 18.68 -43.20
C PRO A 324 16.03 18.52 -44.40
N GLY A 325 14.96 17.76 -44.22
CA GLY A 325 14.03 17.50 -45.31
C GLY A 325 12.79 18.38 -45.32
N HIS A 326 12.56 19.11 -44.22
CA HIS A 326 11.32 19.86 -44.06
C HIS A 326 11.54 21.29 -43.54
N ASP A 327 11.34 22.26 -44.42
CA ASP A 327 11.30 23.69 -44.07
C ASP A 327 10.05 23.94 -43.24
N ASN A 328 9.10 23.04 -43.44
CA ASN A 328 7.89 22.87 -42.62
C ASN A 328 8.13 23.04 -41.11
N THR A 329 9.18 22.40 -40.60
CA THR A 329 9.46 22.35 -39.16
C THR A 329 10.84 22.88 -38.77
N LEU A 330 10.87 23.61 -37.66
CA LEU A 330 12.06 24.22 -37.09
C LEU A 330 12.41 23.54 -35.77
N LEU A 331 13.69 23.29 -35.52
CA LEU A 331 14.10 22.76 -34.22
C LEU A 331 15.15 23.62 -33.48
N ILE A 332 14.99 23.70 -32.16
CA ILE A 332 15.94 24.36 -31.27
C ILE A 332 16.39 23.32 -30.25
N THR A 333 17.68 22.97 -30.27
CA THR A 333 18.17 21.87 -29.43
C THR A 333 19.62 21.92 -28.96
N GLY A 334 20.47 22.69 -29.64
CA GLY A 334 21.90 22.70 -29.33
C GLY A 334 22.27 23.33 -28.00
N LEU A 335 21.31 23.99 -27.36
CA LEU A 335 21.52 24.73 -26.11
C LEU A 335 22.24 23.93 -25.03
N SER A 336 23.56 24.10 -25.00
CA SER A 336 24.44 23.29 -24.17
C SER A 336 24.73 23.94 -22.83
N GLY A 337 23.70 24.10 -22.01
CA GLY A 337 23.87 24.57 -20.64
C GLY A 337 23.94 26.08 -20.44
N HIS A 338 23.81 26.84 -21.52
CA HIS A 338 23.77 28.30 -21.42
C HIS A 338 22.60 28.87 -22.22
N GLY A 339 21.49 28.15 -22.24
CA GLY A 339 20.38 28.46 -23.13
C GLY A 339 19.17 29.18 -22.55
N PHE A 340 18.98 29.09 -21.22
CA PHE A 340 17.77 29.68 -20.64
C PHE A 340 17.68 31.20 -20.81
N LYS A 341 18.81 31.89 -20.66
CA LYS A 341 18.86 33.35 -20.90
C LYS A 341 18.31 33.72 -22.29
N PHE A 342 18.35 32.77 -23.21
CA PHE A 342 17.90 32.96 -24.58
C PHE A 342 16.45 32.51 -24.80
N ALA A 343 15.88 31.82 -23.83
CA ALA A 343 14.52 31.28 -23.94
C ALA A 343 13.50 32.24 -24.58
N SER A 344 13.48 33.48 -24.09
CA SER A 344 12.55 34.50 -24.58
C SER A 344 12.75 34.85 -26.05
N VAL A 345 14.00 35.00 -26.47
CA VAL A 345 14.30 35.36 -27.85
C VAL A 345 14.09 34.17 -28.80
N LEU A 346 14.30 32.96 -28.29
CA LEU A 346 14.16 31.76 -29.11
C LEU A 346 12.71 31.44 -29.39
N GLY A 347 11.84 31.77 -28.43
CA GLY A 347 10.40 31.66 -28.62
C GLY A 347 9.89 32.65 -29.66
N GLU A 348 10.46 33.86 -29.64
CA GLU A 348 10.10 34.92 -30.57
C GLU A 348 10.48 34.57 -32.01
N ILE A 349 11.70 34.06 -32.20
CA ILE A 349 12.16 33.68 -33.54
C ILE A 349 11.38 32.48 -34.08
N ALA A 350 10.86 31.66 -33.17
CA ALA A 350 9.97 30.56 -33.52
C ALA A 350 8.59 31.09 -33.91
N ALA A 351 8.09 32.07 -33.16
CA ALA A 351 6.83 32.74 -33.47
C ALA A 351 6.92 33.48 -34.81
N ASP A 352 8.09 34.09 -35.06
CA ASP A 352 8.38 34.71 -36.35
C ASP A 352 8.42 33.66 -37.46
N PHE A 353 9.10 32.55 -37.19
CA PHE A 353 9.19 31.45 -38.14
C PHE A 353 7.82 30.92 -38.54
N ALA A 354 6.91 30.88 -37.57
CA ALA A 354 5.58 30.28 -37.73
C ALA A 354 4.73 31.01 -38.76
N GLN A 355 4.78 32.34 -38.73
CA GLN A 355 4.10 33.18 -39.71
C GLN A 355 5.07 33.65 -40.80
N ASP A 356 5.93 32.72 -41.22
CA ASP A 356 7.05 32.96 -42.15
C ASP A 356 7.49 34.42 -42.21
N LYS A 357 7.99 34.88 -41.07
CA LYS A 357 8.39 36.28 -40.88
C LYS A 357 9.92 36.43 -40.87
N LYS A 358 10.42 37.58 -40.26
CA LYS A 358 11.85 37.97 -40.51
C LYS A 358 12.74 38.05 -39.24
N SER A 359 13.83 37.56 -39.29
CA SER A 359 14.81 37.09 -38.33
C SER A 359 15.11 38.16 -37.28
N ASP A 360 15.28 39.36 -37.47
CA ASP A 360 16.59 40.05 -37.64
C ASP A 360 17.98 39.39 -37.60
N PHE A 361 18.25 38.49 -36.66
CA PHE A 361 19.58 37.92 -36.45
C PHE A 361 20.01 37.05 -37.60
N ASP A 362 21.31 36.80 -37.71
CA ASP A 362 21.80 35.76 -38.62
C ASP A 362 22.11 34.49 -37.84
N LEU A 363 21.35 33.44 -38.15
CA LEU A 363 21.47 32.17 -37.42
C LEU A 363 22.42 31.21 -38.12
N THR A 364 23.34 31.75 -38.91
CA THR A 364 24.28 30.95 -39.69
C THR A 364 25.12 29.99 -38.82
N PRO A 365 25.74 30.49 -37.73
CA PRO A 365 26.58 29.59 -36.92
C PRO A 365 25.82 28.53 -36.14
N PHE A 366 24.51 28.51 -36.26
CA PHE A 366 23.68 27.50 -35.59
C PHE A 366 23.10 26.52 -36.61
N ARG A 367 23.76 26.47 -37.76
CA ARG A 367 23.50 25.48 -38.80
C ARG A 367 23.56 24.06 -38.26
N LEU A 368 22.78 23.18 -38.88
CA LEU A 368 22.87 21.75 -38.63
C LEU A 368 23.98 21.18 -39.53
N SER A 369 24.29 21.92 -40.58
CA SER A 369 25.30 21.54 -41.58
C SER A 369 26.71 21.39 -41.01
N ARG A 370 27.06 22.28 -40.07
CA ARG A 370 28.41 22.33 -39.48
C ARG A 370 29.08 20.96 -39.40
N PHE A 371 28.38 20.02 -38.78
CA PHE A 371 28.90 18.68 -38.55
C PHE A 371 29.01 17.95 -39.88
N GLN A 372 30.22 17.50 -40.19
CA GLN A 372 30.61 16.98 -41.52
C GLN A 372 31.11 18.12 -42.39
N MET B 1 4.71 -30.78 0.94
CA MET B 1 3.97 -29.88 -0.08
C MET B 1 4.93 -29.38 -1.22
N LYS B 2 6.22 -29.05 -1.37
CA LYS B 2 6.92 -28.80 -2.64
C LYS B 2 8.32 -28.29 -2.33
N TYR B 3 8.38 -27.11 -1.73
CA TYR B 3 9.57 -26.66 -1.06
C TYR B 3 9.32 -26.87 0.42
N ASP B 4 10.39 -27.11 1.18
CA ASP B 4 10.28 -27.22 2.62
C ASP B 4 10.09 -25.85 3.26
N LEU B 5 10.65 -24.82 2.62
CA LEU B 5 10.61 -23.45 3.13
C LEU B 5 10.56 -22.40 2.03
N ILE B 6 9.63 -21.45 2.17
CA ILE B 6 9.56 -20.29 1.28
C ILE B 6 9.93 -19.02 2.04
N ILE B 7 10.87 -18.25 1.51
CA ILE B 7 11.31 -17.01 2.12
C ILE B 7 10.81 -15.83 1.29
N ILE B 8 9.87 -15.09 1.87
CA ILE B 8 9.20 -14.00 1.17
C ILE B 8 10.14 -12.85 0.82
N GLY B 9 11.06 -12.54 1.73
CA GLY B 9 12.00 -11.44 1.51
C GLY B 9 13.45 -11.82 1.75
N SER B 10 14.16 -12.16 0.68
CA SER B 10 15.57 -12.55 0.79
C SER B 10 16.53 -11.36 0.85
N GLY B 11 16.23 -10.43 1.76
CA GLY B 11 17.11 -9.29 2.04
C GLY B 11 18.16 -9.70 3.06
N SER B 12 18.25 -8.97 4.16
CA SER B 12 19.25 -9.25 5.18
C SER B 12 18.92 -10.46 6.07
N VAL B 13 17.71 -10.50 6.61
CA VAL B 13 17.26 -11.65 7.38
C VAL B 13 17.08 -12.85 6.44
N GLY B 14 16.59 -12.57 5.24
CA GLY B 14 16.30 -13.59 4.24
C GLY B 14 17.52 -14.27 3.66
N ALA B 15 18.53 -13.49 3.32
CA ALA B 15 19.80 -14.01 2.82
C ALA B 15 20.43 -14.97 3.81
N ALA B 16 20.29 -14.65 5.10
CA ALA B 16 20.72 -15.54 6.17
C ALA B 16 19.83 -16.77 6.22
N ALA B 17 18.51 -16.53 6.23
CA ALA B 17 17.52 -17.59 6.36
C ALA B 17 17.71 -18.69 5.32
N GLY B 18 17.96 -18.28 4.08
CA GLY B 18 18.18 -19.21 2.97
C GLY B 18 19.45 -20.03 3.11
N TYR B 19 20.56 -19.34 3.36
CA TYR B 19 21.84 -20.01 3.53
C TYR B 19 21.79 -21.09 4.61
N TYR B 20 21.26 -20.72 5.78
CA TYR B 20 21.22 -21.64 6.91
C TYR B 20 20.21 -22.77 6.72
N ALA B 21 19.06 -22.46 6.15
CA ALA B 21 18.02 -23.46 5.87
C ALA B 21 18.49 -24.48 4.83
N THR B 22 19.15 -24.01 3.76
CA THR B 22 19.67 -24.90 2.72
C THR B 22 20.84 -25.72 3.25
N ARG B 23 21.60 -25.13 4.17
CA ARG B 23 22.72 -25.84 4.81
C ARG B 23 22.21 -26.93 5.76
N ALA B 24 20.98 -26.77 6.24
CA ALA B 24 20.30 -27.80 7.01
C ALA B 24 19.79 -28.93 6.10
N GLY B 25 19.62 -28.60 4.83
CA GLY B 25 19.26 -29.59 3.81
C GLY B 25 17.79 -29.57 3.42
N LEU B 26 17.19 -28.38 3.48
CA LEU B 26 15.79 -28.24 3.15
C LEU B 26 15.65 -27.72 1.73
N ASN B 27 14.64 -28.22 1.03
CA ASN B 27 14.31 -27.71 -0.29
C ASN B 27 13.70 -26.33 -0.11
N VAL B 28 14.47 -25.29 -0.45
CA VAL B 28 14.09 -23.92 -0.11
C VAL B 28 13.89 -23.04 -1.35
N LEU B 29 12.88 -22.16 -1.29
CA LEU B 29 12.68 -21.13 -2.30
C LEU B 29 12.90 -19.74 -1.69
N MET B 30 13.88 -19.03 -2.24
CA MET B 30 14.19 -17.66 -1.87
C MET B 30 13.54 -16.69 -2.85
N THR B 31 12.76 -15.76 -2.31
CA THR B 31 12.09 -14.75 -3.13
C THR B 31 12.40 -13.34 -2.66
N ASP B 32 12.52 -12.42 -3.61
CA ASP B 32 12.67 -11.00 -3.34
C ASP B 32 12.00 -10.25 -4.48
N ALA B 33 11.85 -8.94 -4.33
CA ALA B 33 11.28 -8.12 -5.40
C ALA B 33 12.38 -7.61 -6.32
N HIS B 34 13.57 -7.39 -5.76
CA HIS B 34 14.69 -6.82 -6.51
C HIS B 34 15.89 -7.77 -6.52
N MET B 35 17.09 -7.22 -6.70
CA MET B 35 18.33 -7.98 -6.56
C MET B 35 18.91 -7.70 -5.17
N PRO B 36 18.75 -8.67 -4.23
CA PRO B 36 18.98 -8.56 -2.78
C PRO B 36 20.01 -7.52 -2.28
N PRO B 37 21.26 -7.52 -2.78
CA PRO B 37 22.06 -6.34 -2.43
C PRO B 37 21.63 -5.14 -3.29
N HIS B 38 20.54 -4.48 -2.89
CA HIS B 38 19.94 -3.39 -3.65
C HIS B 38 19.69 -2.11 -2.82
N GLN B 39 18.99 -1.15 -3.42
CA GLN B 39 18.78 0.16 -2.83
C GLN B 39 17.38 0.39 -2.24
N HIS B 40 16.47 -0.56 -2.47
CA HIS B 40 15.07 -0.40 -2.08
C HIS B 40 14.72 -1.03 -0.73
N GLY B 41 15.71 -1.61 -0.07
CA GLY B 41 15.53 -2.20 1.26
C GLY B 41 16.23 -1.40 2.34
N SER B 42 16.61 -2.06 3.42
CA SER B 42 17.33 -1.40 4.52
C SER B 42 18.70 -2.02 4.80
N HIS B 43 19.22 -2.73 3.80
CA HIS B 43 20.52 -3.41 3.91
C HIS B 43 21.63 -2.68 3.15
N HIS B 44 21.27 -1.63 2.41
CA HIS B 44 22.25 -0.85 1.65
C HIS B 44 23.09 0.08 2.53
N GLY B 45 23.81 1.01 1.90
CA GLY B 45 24.85 1.77 2.60
C GLY B 45 26.08 0.88 2.72
N ASP B 46 27.16 1.40 3.28
CA ASP B 46 28.39 0.61 3.34
C ASP B 46 28.33 -0.41 4.47
N THR B 47 28.05 0.07 5.67
CA THR B 47 28.31 -0.69 6.89
C THR B 47 27.16 -0.69 7.87
N ARG B 48 27.09 -1.75 8.67
CA ARG B 48 26.18 -1.83 9.82
C ARG B 48 26.97 -2.05 11.11
N LEU B 49 26.45 -1.52 12.21
CA LEU B 49 27.12 -1.61 13.49
C LEU B 49 26.75 -2.92 14.20
N ILE B 50 27.65 -3.38 15.08
CA ILE B 50 27.36 -4.52 15.96
C ILE B 50 27.87 -4.26 17.38
N ARG B 51 26.97 -4.43 18.34
CA ARG B 51 27.24 -4.18 19.76
C ARG B 51 26.79 -5.38 20.58
N HIS B 52 27.64 -5.85 21.47
CA HIS B 52 27.28 -6.99 22.34
C HIS B 52 26.60 -6.51 23.61
N ALA B 53 27.32 -5.71 24.40
CA ALA B 53 26.74 -5.08 25.58
C ALA B 53 25.68 -4.10 25.09
N TYR B 54 24.43 -4.50 25.22
CA TYR B 54 23.34 -3.87 24.49
C TYR B 54 22.50 -2.91 25.33
N GLY B 55 22.62 -1.63 25.00
CA GLY B 55 21.88 -0.57 25.69
C GLY B 55 20.38 -0.63 25.51
N GLU B 56 19.93 -1.26 24.42
CA GLU B 56 18.51 -1.43 24.15
C GLU B 56 17.83 -2.36 25.14
N GLY B 57 18.61 -3.25 25.74
CA GLY B 57 18.09 -4.18 26.74
C GLY B 57 18.93 -5.42 26.92
N GLU B 58 18.87 -5.98 28.13
CA GLU B 58 19.57 -7.21 28.48
C GLU B 58 19.08 -8.38 27.64
N LYS B 59 17.78 -8.39 27.32
CA LYS B 59 17.13 -9.49 26.61
C LYS B 59 17.80 -9.90 25.30
N TYR B 60 18.45 -8.94 24.65
CA TYR B 60 19.05 -9.14 23.32
C TYR B 60 20.40 -9.86 23.32
N VAL B 61 21.10 -9.81 24.45
CA VAL B 61 22.51 -10.19 24.54
C VAL B 61 22.85 -11.64 24.09
N PRO B 62 22.16 -12.65 24.65
CA PRO B 62 22.50 -14.02 24.23
C PRO B 62 22.31 -14.28 22.73
N LEU B 63 21.42 -13.53 22.09
CA LEU B 63 21.22 -13.63 20.65
C LEU B 63 22.40 -13.04 19.87
N VAL B 64 22.74 -11.80 20.19
CA VAL B 64 23.80 -11.07 19.49
C VAL B 64 25.17 -11.75 19.67
N LEU B 65 25.31 -12.49 20.76
CA LEU B 65 26.49 -13.32 21.01
C LEU B 65 26.51 -14.54 20.07
N ARG B 66 25.34 -15.11 19.81
CA ARG B 66 25.21 -16.23 18.89
C ARG B 66 25.38 -15.71 17.47
N ALA B 67 24.95 -14.48 17.24
CA ALA B 67 25.11 -13.83 15.95
C ALA B 67 26.59 -13.65 15.61
N GLN B 68 27.37 -13.24 16.61
CA GLN B 68 28.81 -13.00 16.47
C GLN B 68 29.59 -14.25 16.07
N MET B 69 29.21 -15.40 16.62
CA MET B 69 29.77 -16.69 16.20
C MET B 69 29.53 -16.87 14.69
N LEU B 70 28.29 -16.61 14.27
CA LEU B 70 27.87 -16.85 12.90
C LEU B 70 28.43 -15.83 11.89
N TRP B 71 28.74 -14.62 12.37
CA TRP B 71 29.41 -13.63 11.53
C TRP B 71 30.87 -14.01 11.35
N ASP B 72 31.51 -14.50 12.42
CA ASP B 72 32.88 -14.99 12.38
C ASP B 72 33.03 -16.14 11.39
N GLU B 73 32.11 -17.11 11.47
CA GLU B 73 32.09 -18.26 10.56
C GLU B 73 31.90 -17.83 9.11
N LEU B 74 31.04 -16.83 8.90
CA LEU B 74 30.76 -16.30 7.58
C LEU B 74 31.98 -15.58 7.02
N SER B 75 32.63 -14.78 7.88
CA SER B 75 33.80 -14.01 7.48
C SER B 75 34.94 -14.89 6.97
N ARG B 76 35.06 -16.09 7.55
CA ARG B 76 36.09 -17.05 7.17
C ARG B 76 36.04 -17.42 5.67
N HIS B 77 34.84 -17.47 5.11
CA HIS B 77 34.64 -17.77 3.69
C HIS B 77 35.36 -16.79 2.76
N ASN B 78 35.40 -15.51 3.16
CA ASN B 78 36.07 -14.49 2.36
C ASN B 78 37.28 -13.91 3.08
N GLU B 79 38.47 -14.20 2.54
CA GLU B 79 39.73 -13.70 3.12
C GLU B 79 39.98 -12.25 2.70
N ASP B 80 39.79 -11.97 1.41
CA ASP B 80 40.04 -10.64 0.82
C ASP B 80 39.26 -9.51 1.47
N ASP B 81 37.97 -9.75 1.73
CA ASP B 81 37.11 -8.76 2.34
C ASP B 81 36.47 -9.30 3.61
N PRO B 82 36.87 -8.75 4.77
CA PRO B 82 36.27 -9.16 6.04
C PRO B 82 34.86 -8.61 6.14
N ILE B 83 33.91 -9.50 6.38
CA ILE B 83 32.52 -9.09 6.58
C ILE B 83 32.40 -8.38 7.93
N PHE B 84 33.11 -8.91 8.94
CA PHE B 84 33.18 -8.27 10.25
C PHE B 84 34.55 -7.64 10.48
N VAL B 85 34.56 -6.39 10.94
CA VAL B 85 35.78 -5.67 11.24
C VAL B 85 35.77 -5.33 12.72
N ARG B 86 36.81 -5.76 13.43
CA ARG B 86 36.89 -5.58 14.88
C ARG B 86 37.47 -4.22 15.25
N SER B 87 36.75 -3.17 14.86
CA SER B 87 37.17 -1.79 15.11
C SER B 87 36.99 -1.38 16.56
N GLY B 88 36.04 -2.03 17.24
CA GLY B 88 35.64 -1.65 18.58
C GLY B 88 34.49 -0.66 18.51
N VAL B 89 33.70 -0.61 19.57
CA VAL B 89 32.57 0.30 19.65
C VAL B 89 32.64 1.05 20.97
N ILE B 90 32.69 2.38 20.91
CA ILE B 90 32.71 3.22 22.10
C ILE B 90 31.35 3.85 22.36
N ASN B 91 30.82 3.62 23.56
CA ASN B 91 29.50 4.12 23.92
C ASN B 91 29.57 5.39 24.76
N LEU B 92 29.09 6.49 24.18
CA LEU B 92 29.16 7.81 24.80
C LEU B 92 27.80 8.29 25.27
N GLY B 93 27.80 9.07 26.36
CA GLY B 93 26.58 9.62 26.92
C GLY B 93 26.79 10.16 28.32
N PRO B 94 25.80 10.87 28.86
CA PRO B 94 25.91 11.41 30.21
C PRO B 94 25.81 10.30 31.25
N ALA B 95 26.36 10.56 32.44
CA ALA B 95 26.42 9.59 33.53
C ALA B 95 25.09 8.87 33.80
N ASP B 96 24.00 9.62 33.75
CA ASP B 96 22.69 9.10 34.11
C ASP B 96 21.78 8.80 32.92
N SER B 97 22.24 7.94 32.02
CA SER B 97 21.45 7.55 30.84
C SER B 97 20.96 6.11 30.90
N THR B 98 19.71 5.91 30.52
CA THR B 98 19.08 4.58 30.47
C THR B 98 19.85 3.58 29.61
N PHE B 99 20.46 4.10 28.55
CA PHE B 99 21.20 3.30 27.56
C PHE B 99 22.50 2.74 28.13
N LEU B 100 23.39 3.61 28.60
CA LEU B 100 24.69 3.19 29.14
C LEU B 100 24.55 2.28 30.35
N ALA B 101 23.45 2.44 31.09
CA ALA B 101 23.15 1.60 32.24
C ALA B 101 22.97 0.14 31.82
N ASN B 102 22.30 -0.07 30.69
CA ASN B 102 22.07 -1.41 30.16
C ASN B 102 23.30 -2.02 29.49
N VAL B 103 24.22 -1.15 29.07
CA VAL B 103 25.49 -1.60 28.53
C VAL B 103 26.33 -2.14 29.68
N ALA B 104 26.33 -1.41 30.80
CA ALA B 104 27.08 -1.78 32.00
C ALA B 104 26.53 -3.06 32.62
N HIS B 105 25.21 -3.11 32.79
CA HIS B 105 24.52 -4.26 33.32
C HIS B 105 24.77 -5.52 32.48
N SER B 106 24.59 -5.39 31.16
CA SER B 106 24.80 -6.50 30.23
C SER B 106 26.22 -7.03 30.27
N ALA B 107 27.19 -6.11 30.36
CA ALA B 107 28.61 -6.46 30.45
C ALA B 107 28.90 -7.35 31.66
N GLU B 108 28.36 -6.94 32.81
CA GLU B 108 28.50 -7.68 34.07
C GLU B 108 27.92 -9.08 33.92
N GLN B 109 26.62 -9.14 33.65
CA GLN B 109 25.87 -10.39 33.54
C GLN B 109 26.52 -11.45 32.66
N TRP B 110 26.90 -11.07 31.45
CA TRP B 110 27.50 -12.03 30.51
C TRP B 110 29.03 -11.96 30.43
N GLN B 111 29.65 -11.36 31.44
CA GLN B 111 31.11 -11.28 31.58
C GLN B 111 31.79 -10.70 30.33
N LEU B 112 31.17 -9.69 29.73
CA LEU B 112 31.63 -9.14 28.46
C LEU B 112 32.80 -8.19 28.66
N ASN B 113 33.73 -8.17 27.69
CA ASN B 113 34.91 -7.31 27.77
C ASN B 113 34.54 -5.86 27.47
N VAL B 114 34.05 -5.17 28.50
CA VAL B 114 33.69 -3.75 28.39
C VAL B 114 34.37 -2.96 29.50
N GLU B 115 35.03 -1.87 29.12
CA GLU B 115 35.72 -0.99 30.05
C GLU B 115 34.89 0.26 30.29
N LYS B 116 34.79 0.67 31.55
CA LYS B 116 34.10 1.91 31.91
C LYS B 116 35.07 3.07 31.92
N LEU B 117 34.91 3.99 30.96
CA LEU B 117 35.86 5.09 30.78
C LEU B 117 35.41 6.43 31.33
N ASP B 118 36.37 7.10 31.96
CA ASP B 118 36.21 8.44 32.51
C ASP B 118 36.10 9.45 31.38
N ALA B 119 35.42 10.56 31.64
CA ALA B 119 35.35 11.67 30.69
C ALA B 119 36.75 12.15 30.29
N GLN B 120 37.65 12.19 31.27
CA GLN B 120 39.04 12.53 31.04
C GLN B 120 39.74 11.43 30.24
N GLY B 121 39.39 10.17 30.54
CA GLY B 121 40.01 9.00 29.94
C GLY B 121 39.75 8.85 28.45
N ILE B 122 38.52 9.08 28.03
CA ILE B 122 38.14 8.98 26.62
C ILE B 122 38.87 10.00 25.75
N MET B 123 38.98 11.22 26.24
CA MET B 123 39.67 12.29 25.53
C MET B 123 41.18 12.07 25.51
N ALA B 124 41.70 11.47 26.57
CA ALA B 124 43.13 11.12 26.64
C ALA B 124 43.49 10.05 25.61
N ARG B 125 42.64 9.03 25.49
CA ARG B 125 42.87 7.91 24.58
C ARG B 125 42.51 8.28 23.15
N TRP B 126 41.32 8.86 22.97
CA TRP B 126 40.91 9.36 21.67
C TRP B 126 40.85 10.88 21.71
N PRO B 127 41.93 11.53 21.25
CA PRO B 127 42.11 12.99 21.34
C PRO B 127 41.04 13.79 20.60
N GLU B 128 40.53 13.22 19.51
CA GLU B 128 39.55 13.89 18.63
C GLU B 128 38.10 13.79 19.12
N ILE B 129 37.89 13.07 20.22
CA ILE B 129 36.59 13.04 20.88
C ILE B 129 36.53 14.12 21.97
N ARG B 130 35.49 14.94 21.91
CA ARG B 130 35.31 16.04 22.87
C ARG B 130 33.97 15.86 23.60
N VAL B 131 34.05 15.59 24.90
CA VAL B 131 32.86 15.38 25.72
C VAL B 131 32.90 16.27 26.96
N PRO B 132 31.71 16.68 27.46
CA PRO B 132 31.66 17.37 28.75
C PRO B 132 32.23 16.49 29.86
N ASP B 133 32.73 17.12 30.91
CA ASP B 133 33.42 16.41 31.99
C ASP B 133 32.54 15.43 32.79
N ASN B 134 31.22 15.61 32.71
CA ASN B 134 30.28 14.74 33.41
C ASN B 134 29.94 13.48 32.61
N TYR B 135 30.46 13.40 31.39
CA TYR B 135 30.17 12.28 30.49
C TYR B 135 30.87 10.98 30.89
N ILE B 136 30.30 9.87 30.44
CA ILE B 136 30.81 8.52 30.72
C ILE B 136 30.95 7.75 29.42
N GLY B 137 32.01 6.96 29.32
CA GLY B 137 32.23 6.09 28.17
C GLY B 137 32.24 4.62 28.55
N LEU B 138 31.73 3.78 27.66
CA LEU B 138 31.88 2.34 27.83
C LEU B 138 32.37 1.73 26.52
N PHE B 139 33.64 1.30 26.53
CA PHE B 139 34.28 0.80 25.31
C PHE B 139 34.21 -0.72 25.19
N GLU B 140 33.61 -1.18 24.10
CA GLU B 140 33.51 -2.59 23.81
C GLU B 140 34.59 -2.98 22.79
N THR B 141 35.51 -3.83 23.24
CA THR B 141 36.69 -4.19 22.46
C THR B 141 36.40 -5.23 21.38
N ASP B 142 35.62 -6.24 21.74
CA ASP B 142 35.31 -7.35 20.83
C ASP B 142 34.29 -7.02 19.74
N SER B 143 33.63 -5.86 19.89
CA SER B 143 32.64 -5.38 18.94
C SER B 143 33.28 -4.84 17.67
N GLY B 144 32.45 -4.26 16.80
CA GLY B 144 32.93 -3.62 15.59
C GLY B 144 31.79 -3.24 14.67
N PHE B 145 32.01 -3.38 13.37
CA PHE B 145 30.98 -3.12 12.39
C PHE B 145 30.97 -4.19 11.31
N LEU B 146 29.83 -4.31 10.63
CA LEU B 146 29.64 -5.33 9.60
C LEU B 146 29.51 -4.72 8.23
N ARG B 147 30.06 -5.40 7.23
CA ARG B 147 29.88 -5.03 5.83
C ARG B 147 28.60 -5.67 5.33
N SER B 148 27.51 -4.90 5.38
CA SER B 148 26.15 -5.41 5.14
C SER B 148 25.93 -5.95 3.73
N GLU B 149 26.24 -5.15 2.72
CA GLU B 149 26.07 -5.54 1.33
C GLU B 149 26.90 -6.79 0.98
N LEU B 150 28.07 -6.89 1.58
CA LEU B 150 28.95 -8.04 1.41
C LEU B 150 28.34 -9.30 2.04
N ALA B 151 27.67 -9.13 3.16
CA ALA B 151 27.06 -10.24 3.90
C ALA B 151 25.89 -10.83 3.13
N ILE B 152 25.10 -9.96 2.49
CA ILE B 152 23.99 -10.40 1.64
C ILE B 152 24.58 -11.17 0.47
N LYS B 153 25.45 -10.51 -0.29
CA LYS B 153 26.10 -11.06 -1.48
C LYS B 153 26.58 -12.50 -1.30
N THR B 154 27.34 -12.72 -0.23
CA THR B 154 27.93 -14.03 0.04
C THR B 154 26.90 -15.08 0.49
N TRP B 155 25.87 -14.64 1.23
CA TRP B 155 24.80 -15.53 1.68
C TRP B 155 23.94 -16.09 0.55
N ILE B 156 23.67 -15.26 -0.47
CA ILE B 156 22.96 -15.72 -1.66
C ILE B 156 23.82 -16.71 -2.45
N GLN B 157 25.08 -16.34 -2.69
CA GLN B 157 25.96 -17.16 -3.53
C GLN B 157 26.27 -18.52 -2.91
N LEU B 158 26.38 -18.56 -1.59
CA LEU B 158 26.61 -19.82 -0.88
C LEU B 158 25.36 -20.71 -0.93
N ALA B 159 24.18 -20.07 -0.81
CA ALA B 159 22.91 -20.77 -0.88
C ALA B 159 22.67 -21.35 -2.26
N LYS B 160 23.02 -20.57 -3.28
CA LYS B 160 22.80 -20.95 -4.67
C LYS B 160 23.70 -22.10 -5.11
N GLU B 161 24.89 -22.19 -4.52
CA GLU B 161 25.80 -23.31 -4.75
C GLU B 161 25.28 -24.59 -4.11
N ALA B 162 24.53 -24.43 -3.01
CA ALA B 162 23.94 -25.56 -2.29
C ALA B 162 22.58 -25.99 -2.84
N GLY B 163 22.20 -25.40 -3.98
CA GLY B 163 20.99 -25.81 -4.71
C GLY B 163 19.69 -25.12 -4.35
N CYS B 164 19.79 -24.02 -3.61
CA CYS B 164 18.63 -23.22 -3.21
C CYS B 164 18.03 -22.49 -4.42
N ALA B 165 16.71 -22.50 -4.52
CA ALA B 165 16.01 -21.87 -5.63
C ALA B 165 15.79 -20.39 -5.34
N GLN B 166 16.16 -19.54 -6.30
CA GLN B 166 16.13 -18.09 -6.10
C GLN B 166 15.38 -17.36 -7.21
N LEU B 167 14.25 -16.76 -6.86
CA LEU B 167 13.42 -16.01 -7.79
C LEU B 167 13.44 -14.54 -7.40
N PHE B 168 14.28 -13.76 -8.07
CA PHE B 168 14.65 -12.42 -7.56
C PHE B 168 13.83 -11.22 -7.99
N ASN B 169 13.87 -10.84 -9.27
CA ASN B 169 13.15 -9.65 -9.71
C ASN B 169 11.64 -9.86 -9.80
N CYS B 170 11.09 -10.52 -8.78
CA CYS B 170 9.71 -10.99 -8.78
C CYS B 170 8.98 -10.67 -7.48
N PRO B 171 8.29 -9.52 -7.43
CA PRO B 171 7.52 -9.10 -6.25
C PRO B 171 6.43 -10.09 -5.89
N VAL B 172 6.41 -10.53 -4.63
CA VAL B 172 5.35 -11.38 -4.12
C VAL B 172 4.12 -10.52 -3.83
N THR B 173 2.96 -10.93 -4.35
CA THR B 173 1.73 -10.13 -4.24
C THR B 173 0.87 -10.46 -3.03
N ALA B 174 0.79 -11.74 -2.65
CA ALA B 174 -0.06 -12.17 -1.54
C ALA B 174 0.30 -13.54 -0.96
N ILE B 175 0.08 -13.68 0.35
CA ILE B 175 0.21 -14.96 1.03
C ILE B 175 -1.19 -15.59 1.16
N ARG B 176 -1.28 -16.88 0.84
CA ARG B 176 -2.52 -17.62 0.97
C ARG B 176 -2.28 -18.92 1.75
N HIS B 177 -3.23 -19.28 2.61
CA HIS B 177 -3.12 -20.48 3.42
C HIS B 177 -4.20 -21.50 3.09
N ASP B 178 -3.86 -22.79 3.20
CA ASP B 178 -4.78 -23.87 2.87
C ASP B 178 -5.04 -24.69 4.13
N ASP B 179 -4.26 -25.74 4.32
CA ASP B 179 -4.30 -26.56 5.54
C ASP B 179 -2.96 -27.24 5.73
N ASP B 180 -2.35 -27.64 4.61
CA ASP B 180 -1.04 -28.26 4.62
C ASP B 180 0.06 -27.21 4.88
N GLY B 181 0.19 -26.25 3.96
CA GLY B 181 1.25 -25.27 4.04
C GLY B 181 0.92 -23.88 3.55
N VAL B 182 1.94 -23.21 3.02
CA VAL B 182 1.84 -21.83 2.56
C VAL B 182 1.98 -21.73 1.05
N THR B 183 1.02 -21.09 0.39
CA THR B 183 1.17 -20.68 -0.99
C THR B 183 1.41 -19.18 -1.05
N ILE B 184 2.31 -18.75 -1.93
CA ILE B 184 2.46 -17.33 -2.23
C ILE B 184 2.26 -17.08 -3.72
N GLU B 185 1.30 -16.21 -4.03
CA GLU B 185 1.01 -15.86 -5.41
C GLU B 185 1.84 -14.67 -5.88
N THR B 186 2.41 -14.81 -7.06
CA THR B 186 3.25 -13.77 -7.66
C THR B 186 2.78 -13.42 -9.07
N ALA B 187 3.16 -12.23 -9.54
CA ALA B 187 2.92 -11.80 -10.92
C ALA B 187 3.49 -12.83 -11.90
N ASP B 188 4.46 -13.60 -11.41
CA ASP B 188 5.14 -14.63 -12.17
C ASP B 188 4.36 -15.94 -12.15
N GLY B 189 4.06 -16.44 -10.95
CA GLY B 189 3.34 -17.71 -10.79
C GLY B 189 2.96 -18.02 -9.35
N GLU B 190 2.69 -19.30 -9.07
CA GLU B 190 2.27 -19.74 -7.75
C GLU B 190 3.11 -20.91 -7.25
N TYR B 191 3.71 -20.72 -6.07
CA TYR B 191 4.60 -21.72 -5.47
C TYR B 191 4.14 -22.04 -4.04
N GLN B 192 4.37 -23.28 -3.62
CA GLN B 192 3.91 -23.74 -2.32
C GLN B 192 5.02 -24.36 -1.47
N ALA B 193 4.86 -24.24 -0.16
CA ALA B 193 5.75 -24.87 0.81
C ALA B 193 4.98 -25.30 2.05
N LYS B 194 5.55 -26.23 2.83
CA LYS B 194 4.91 -26.71 4.06
C LYS B 194 5.21 -25.80 5.26
N LYS B 195 6.14 -24.86 5.07
CA LYS B 195 6.48 -23.82 6.05
C LYS B 195 7.06 -22.61 5.34
N ALA B 196 7.01 -21.45 5.98
CA ALA B 196 7.46 -20.21 5.34
C ALA B 196 7.92 -19.15 6.32
N ILE B 197 8.84 -18.29 5.87
CA ILE B 197 9.31 -17.15 6.65
C ILE B 197 8.98 -15.84 5.96
N VAL B 198 8.33 -14.93 6.68
CA VAL B 198 7.96 -13.64 6.13
C VAL B 198 8.92 -12.56 6.66
N CYS B 199 9.86 -12.17 5.82
CA CYS B 199 10.85 -11.16 6.18
C CYS B 199 11.05 -10.14 5.06
N ALA B 200 9.94 -9.53 4.64
CA ALA B 200 9.95 -8.51 3.58
C ALA B 200 10.47 -7.17 4.10
N GLY B 201 10.94 -7.16 5.34
CA GLY B 201 11.52 -5.97 5.95
C GLY B 201 10.51 -4.87 6.18
N THR B 202 10.93 -3.65 5.90
CA THR B 202 10.17 -2.42 6.18
C THR B 202 8.77 -2.39 5.55
N TRP B 203 8.63 -2.98 4.36
CA TRP B 203 7.37 -2.94 3.62
C TRP B 203 6.58 -4.24 3.67
N VAL B 204 6.61 -4.91 4.83
CA VAL B 204 5.84 -6.13 5.04
C VAL B 204 4.35 -5.79 5.20
N LYS B 205 4.08 -4.55 5.62
CA LYS B 205 2.75 -4.08 5.93
C LYS B 205 1.77 -4.10 4.74
N ASP B 206 2.27 -3.94 3.52
CA ASP B 206 1.39 -4.00 2.34
C ASP B 206 1.30 -5.43 1.77
N LEU B 207 1.51 -6.39 2.66
CA LEU B 207 1.39 -7.81 2.34
C LEU B 207 0.64 -8.45 3.51
N LEU B 208 0.88 -7.91 4.71
CA LEU B 208 0.18 -8.28 5.94
C LEU B 208 -0.21 -6.99 6.66
N PRO B 209 -1.28 -6.30 6.19
CA PRO B 209 -1.62 -4.94 6.66
C PRO B 209 -1.87 -4.81 8.16
N GLU B 210 -2.36 -5.90 8.76
CA GLU B 210 -2.74 -5.94 10.17
C GLU B 210 -1.60 -5.66 11.16
N LEU B 211 -0.37 -5.87 10.72
CA LEU B 211 0.81 -5.79 11.59
C LEU B 211 1.07 -4.40 12.15
N PRO B 212 1.46 -4.33 13.44
CA PRO B 212 1.66 -3.05 14.11
C PRO B 212 3.08 -2.53 13.92
N VAL B 213 3.51 -2.42 12.68
CA VAL B 213 4.83 -1.88 12.37
C VAL B 213 4.76 -0.64 11.49
N GLN B 214 5.57 0.36 11.82
CA GLN B 214 5.58 1.63 11.10
C GLN B 214 6.90 1.87 10.35
N PRO B 215 6.85 1.86 9.01
CA PRO B 215 7.98 2.34 8.23
C PRO B 215 8.26 3.81 8.53
N VAL B 216 9.54 4.14 8.74
CA VAL B 216 9.97 5.50 9.04
C VAL B 216 11.18 5.85 8.17
N ARG B 217 11.11 6.97 7.47
CA ARG B 217 12.23 7.42 6.63
C ARG B 217 13.38 7.91 7.48
N LYS B 218 14.51 7.23 7.35
CA LYS B 218 15.72 7.58 8.09
C LYS B 218 16.87 7.85 7.13
N VAL B 219 17.98 8.36 7.67
CA VAL B 219 19.10 8.81 6.86
C VAL B 219 20.44 8.58 7.57
N PHE B 220 21.44 8.14 6.80
CA PHE B 220 22.83 8.30 7.21
C PHE B 220 23.64 9.08 6.18
N ALA B 221 24.63 9.83 6.66
CA ALA B 221 25.42 10.71 5.82
C ALA B 221 26.91 10.62 6.12
N TRP B 222 27.73 10.84 5.09
CA TRP B 222 29.18 10.81 5.21
C TRP B 222 29.78 12.22 5.30
N TYR B 223 30.68 12.41 6.26
CA TYR B 223 31.30 13.72 6.49
C TYR B 223 32.80 13.63 6.28
N GLN B 224 33.36 14.65 5.64
CA GLN B 224 34.79 14.67 5.29
C GLN B 224 35.71 14.66 6.51
N ALA B 225 36.10 13.45 6.92
CA ALA B 225 37.09 13.28 7.97
C ALA B 225 38.48 13.04 7.38
N ASP B 226 39.36 12.42 8.16
CA ASP B 226 40.75 12.18 7.75
C ASP B 226 41.33 10.93 8.40
N GLY B 227 42.59 10.62 8.06
CA GLY B 227 43.26 9.39 8.51
C GLY B 227 43.27 9.10 10.00
N ARG B 228 43.19 10.14 10.82
CA ARG B 228 43.26 9.98 12.28
C ARG B 228 41.97 9.45 12.91
N TYR B 229 40.88 9.48 12.13
CA TYR B 229 39.60 8.93 12.54
C TYR B 229 39.41 7.49 12.03
N SER B 230 40.49 6.85 11.57
CA SER B 230 40.42 5.53 10.96
C SER B 230 40.90 4.41 11.88
N VAL B 231 40.59 3.17 11.49
CA VAL B 231 41.01 1.97 12.21
C VAL B 231 42.54 1.89 12.25
N LYS B 232 43.18 2.41 11.21
CA LYS B 232 44.64 2.50 11.15
C LYS B 232 45.18 3.31 12.33
N ASN B 233 44.46 4.37 12.70
CA ASN B 233 44.84 5.19 13.85
C ASN B 233 44.03 4.81 15.09
N LYS B 234 43.68 3.52 15.18
CA LYS B 234 42.99 2.94 16.34
C LYS B 234 41.69 3.66 16.75
N PHE B 235 40.99 4.25 15.78
CA PHE B 235 39.73 4.90 16.05
C PHE B 235 38.59 3.90 15.96
N PRO B 236 37.64 3.92 16.93
CA PRO B 236 36.60 2.93 16.96
C PRO B 236 35.31 3.40 16.28
N ALA B 237 34.27 2.57 16.38
CA ALA B 237 32.91 2.97 16.08
C ALA B 237 32.29 3.54 17.36
N PHE B 238 31.13 4.19 17.24
CA PHE B 238 30.52 4.85 18.39
C PHE B 238 29.00 4.89 18.42
N THR B 239 28.45 5.00 19.64
CA THR B 239 27.08 5.45 19.86
C THR B 239 27.13 6.56 20.91
N GLY B 240 26.60 7.71 20.55
CA GLY B 240 26.64 8.86 21.44
C GLY B 240 25.27 9.37 21.82
N GLU B 241 25.19 9.96 23.01
CA GLU B 241 23.99 10.65 23.46
C GLU B 241 24.31 12.11 23.74
N LEU B 242 23.28 12.94 23.65
CA LEU B 242 23.37 14.33 24.08
C LEU B 242 22.42 14.54 25.27
N PRO B 243 22.57 15.67 25.99
CA PRO B 243 21.58 16.05 27.01
C PRO B 243 20.10 15.96 26.56
N ASN B 244 19.87 16.13 25.26
CA ASN B 244 18.53 16.01 24.67
C ASN B 244 17.95 14.59 24.80
N GLY B 245 18.83 13.60 24.78
CA GLY B 245 18.44 12.22 24.64
C GLY B 245 18.49 11.81 23.18
N ASP B 246 19.04 12.68 22.34
CA ASP B 246 19.24 12.39 20.93
C ASP B 246 20.40 11.41 20.77
N GLN B 247 20.14 10.27 20.15
CA GLN B 247 21.17 9.26 19.92
C GLN B 247 21.75 9.35 18.51
N TYR B 248 23.06 9.16 18.41
CA TYR B 248 23.78 9.13 17.13
C TYR B 248 24.71 7.92 17.11
N TYR B 249 24.86 7.33 15.92
CA TYR B 249 25.80 6.22 15.71
C TYR B 249 26.79 6.59 14.63
N GLY B 250 27.95 5.95 14.63
CA GLY B 250 28.99 6.25 13.65
C GLY B 250 29.99 5.15 13.39
N PHE B 251 30.79 5.35 12.34
CA PHE B 251 31.76 4.37 11.87
C PHE B 251 33.12 5.03 11.64
N PRO B 252 34.22 4.23 11.69
CA PRO B 252 35.54 4.79 11.42
C PRO B 252 35.68 5.28 9.99
N ALA B 253 36.40 6.39 9.80
CA ALA B 253 36.58 7.00 8.48
C ALA B 253 37.11 5.99 7.46
N GLU B 254 36.51 5.98 6.27
CA GLU B 254 36.86 5.02 5.23
C GLU B 254 37.88 5.59 4.26
N ASN B 255 37.42 6.16 3.14
CA ASN B 255 38.32 6.83 2.20
C ASN B 255 38.86 8.08 2.85
N ASP B 256 37.95 9.00 3.18
CA ASP B 256 38.20 10.14 4.04
C ASP B 256 36.85 10.68 4.49
N ALA B 257 35.90 9.78 4.66
CA ALA B 257 34.53 10.13 5.01
C ALA B 257 34.04 9.39 6.23
N LEU B 258 33.50 10.15 7.19
CA LEU B 258 32.97 9.60 8.43
C LEU B 258 31.45 9.46 8.31
N LYS B 259 30.94 8.25 8.53
CA LYS B 259 29.50 8.01 8.47
C LYS B 259 28.85 8.25 9.83
N ILE B 260 27.83 9.11 9.83
CA ILE B 260 27.03 9.39 11.03
C ILE B 260 25.56 9.21 10.68
N GLY B 261 24.75 8.93 11.69
CA GLY B 261 23.30 8.91 11.55
C GLY B 261 22.59 9.20 12.85
N LYS B 262 21.58 10.06 12.80
CA LYS B 262 20.71 10.29 13.94
C LYS B 262 19.77 9.09 14.03
N HIS B 263 19.50 8.65 15.26
CA HIS B 263 18.74 7.42 15.47
C HIS B 263 17.26 7.62 15.78
N ASN B 264 16.94 8.70 16.49
CA ASN B 264 15.61 8.83 17.09
C ASN B 264 14.58 9.64 16.30
N GLY B 265 15.04 10.52 15.42
CA GLY B 265 14.14 11.36 14.62
C GLY B 265 13.48 10.63 13.46
N GLY B 266 13.48 11.27 12.29
CA GLY B 266 13.00 10.64 11.05
C GLY B 266 11.52 10.78 10.81
N GLN B 267 11.15 10.94 9.54
CA GLN B 267 9.77 11.18 9.15
C GLN B 267 8.96 9.90 8.88
N VAL B 268 7.71 9.92 9.34
CA VAL B 268 6.80 8.80 9.15
C VAL B 268 6.30 8.76 7.71
N ILE B 269 6.42 7.60 7.08
CA ILE B 269 5.94 7.40 5.71
C ILE B 269 4.98 6.21 5.66
N HIS B 270 4.39 5.98 4.49
CA HIS B 270 3.42 4.90 4.32
C HIS B 270 3.58 4.16 2.99
N SER B 271 4.32 4.78 2.06
CA SER B 271 4.52 4.22 0.73
C SER B 271 6.01 4.15 0.37
N ALA B 272 6.39 3.11 -0.36
CA ALA B 272 7.78 2.88 -0.76
C ALA B 272 8.36 4.06 -1.53
N ASP B 273 7.49 4.77 -2.23
CA ASP B 273 7.85 5.94 -3.03
C ASP B 273 8.23 7.14 -2.17
N GLU B 274 7.70 7.19 -0.96
CA GLU B 274 7.86 8.35 -0.07
C GLU B 274 9.26 8.51 0.55
N ARG B 275 10.09 7.48 0.43
CA ARG B 275 11.47 7.55 0.89
C ARG B 275 12.31 8.37 -0.09
N VAL B 276 12.20 9.69 0.01
CA VAL B 276 12.89 10.60 -0.92
C VAL B 276 14.42 10.56 -0.78
N PRO B 277 15.14 10.57 -1.93
CA PRO B 277 16.60 10.54 -1.96
C PRO B 277 17.27 11.49 -0.96
N PHE B 278 18.45 11.12 -0.51
CA PHE B 278 19.12 11.78 0.63
C PHE B 278 18.92 13.30 0.70
N ALA B 279 19.09 14.00 -0.42
CA ALA B 279 19.06 15.46 -0.41
C ALA B 279 17.68 16.08 -0.17
N GLU B 280 16.65 15.44 -0.74
CA GLU B 280 15.35 16.10 -0.96
C GLU B 280 14.72 16.82 0.25
N VAL B 281 14.60 16.15 1.39
CA VAL B 281 14.16 16.85 2.60
C VAL B 281 15.37 17.48 3.29
N VAL B 282 15.15 18.64 3.93
CA VAL B 282 16.28 19.49 4.37
C VAL B 282 16.59 19.47 5.88
N SER B 283 16.68 18.27 6.45
CA SER B 283 17.35 18.08 7.72
C SER B 283 18.60 17.26 7.42
N ASP B 284 18.54 16.53 6.31
CA ASP B 284 19.51 15.51 5.94
C ASP B 284 20.95 16.00 5.82
N GLY B 285 21.13 17.17 5.22
CA GLY B 285 22.46 17.73 5.03
C GLY B 285 23.14 18.08 6.35
N SER B 286 22.33 18.51 7.32
CA SER B 286 22.83 18.96 8.61
C SER B 286 22.08 18.34 9.77
N GLU B 287 21.89 17.02 9.70
CA GLU B 287 21.16 16.28 10.72
C GLU B 287 22.10 15.85 11.85
N ALA B 288 23.35 15.61 11.50
CA ALA B 288 24.34 15.09 12.44
C ALA B 288 25.17 16.20 13.10
N PHE B 289 24.88 17.45 12.76
CA PHE B 289 25.64 18.60 13.27
C PHE B 289 25.65 18.77 14.80
N PRO B 290 24.48 18.72 15.46
CA PRO B 290 24.48 18.88 16.93
C PRO B 290 25.47 17.98 17.65
N PHE B 291 25.64 16.75 17.14
CA PHE B 291 26.60 15.81 17.68
C PHE B 291 28.02 16.15 17.20
N LEU B 292 28.18 16.19 15.87
CA LEU B 292 29.49 16.36 15.25
C LEU B 292 30.30 17.54 15.78
N ARG B 293 29.70 18.73 15.80
CA ARG B 293 30.40 19.93 16.23
C ARG B 293 30.91 19.82 17.67
N ASN B 294 30.08 19.26 18.56
CA ASN B 294 30.43 19.11 19.97
C ASN B 294 31.44 18.00 20.23
N VAL B 295 31.11 16.80 19.77
CA VAL B 295 31.86 15.60 20.11
C VAL B 295 33.06 15.36 19.18
N LEU B 296 32.87 15.59 17.89
CA LEU B 296 33.93 15.37 16.90
C LEU B 296 34.21 16.66 16.11
N PRO B 297 34.75 17.71 16.79
CA PRO B 297 34.79 19.05 16.23
C PRO B 297 35.52 19.20 14.90
N GLY B 298 36.62 18.45 14.71
CA GLY B 298 37.40 18.53 13.48
C GLY B 298 36.90 17.55 12.44
N ILE B 299 35.77 17.87 11.81
CA ILE B 299 35.07 16.89 11.00
C ILE B 299 34.55 17.39 9.64
N GLY B 300 34.30 18.69 9.52
CA GLY B 300 33.94 19.27 8.23
C GLY B 300 32.53 18.97 7.73
N CYS B 301 32.38 19.02 6.41
CA CYS B 301 31.07 19.02 5.74
C CYS B 301 30.57 17.63 5.35
N CYS B 302 29.27 17.55 5.07
CA CYS B 302 28.67 16.35 4.49
C CYS B 302 29.04 16.24 3.01
N LEU B 303 29.65 15.12 2.64
CA LEU B 303 30.05 14.86 1.27
C LEU B 303 28.94 14.20 0.48
N TYR B 304 28.23 13.27 1.13
CA TYR B 304 27.10 12.55 0.55
C TYR B 304 26.30 11.80 1.61
N GLY B 305 25.23 11.14 1.20
CA GLY B 305 24.40 10.34 2.10
C GLY B 305 23.44 9.45 1.36
N ALA B 306 22.57 8.77 2.11
CA ALA B 306 21.58 7.86 1.52
C ALA B 306 20.27 7.84 2.29
N ALA B 307 19.22 7.32 1.65
CA ALA B 307 17.91 7.20 2.27
C ALA B 307 17.66 5.75 2.67
N CYS B 308 17.36 5.55 3.95
CA CYS B 308 17.03 4.23 4.47
C CYS B 308 15.73 4.31 5.29
N THR B 309 15.21 3.16 5.69
CA THR B 309 13.95 3.10 6.42
C THR B 309 14.02 2.19 7.64
N TYR B 310 13.35 2.61 8.71
CA TYR B 310 13.21 1.78 9.91
C TYR B 310 11.91 0.99 9.87
N ASP B 311 11.93 -0.22 10.42
CA ASP B 311 10.75 -1.05 10.52
C ASP B 311 10.26 -1.00 11.97
N ASN B 312 9.59 0.11 12.31
CA ASN B 312 9.31 0.45 13.71
C ASN B 312 8.08 -0.19 14.34
N SER B 313 8.32 -1.10 15.29
CA SER B 313 7.28 -1.58 16.19
C SER B 313 7.00 -0.47 17.20
N PRO B 314 5.83 -0.51 17.87
CA PRO B 314 5.52 0.57 18.83
C PRO B 314 6.46 0.64 20.04
N ASP B 315 6.91 -0.50 20.55
CA ASP B 315 7.85 -0.53 21.68
C ASP B 315 9.30 -0.66 21.24
N GLU B 316 9.54 -0.49 19.94
CA GLU B 316 10.88 -0.51 19.34
C GLU B 316 11.72 -1.77 19.60
N ASP B 317 11.04 -2.87 19.87
CA ASP B 317 11.67 -4.18 20.01
C ASP B 317 11.29 -5.06 18.83
N PHE B 318 11.99 -6.18 18.66
CA PHE B 318 11.73 -7.09 17.53
C PHE B 318 10.40 -7.79 17.66
N ILE B 319 9.82 -8.12 16.52
CA ILE B 319 8.67 -9.03 16.46
C ILE B 319 9.14 -10.32 15.79
N ILE B 320 9.31 -11.35 16.61
CA ILE B 320 9.67 -12.70 16.16
C ILE B 320 8.63 -13.66 16.71
N ASP B 321 7.55 -13.85 15.96
CA ASP B 321 6.44 -14.69 16.42
C ASP B 321 5.75 -15.43 15.29
N THR B 322 5.27 -16.63 15.60
CA THR B 322 4.44 -17.41 14.69
C THR B 322 3.15 -16.65 14.37
N LEU B 323 2.81 -16.60 13.08
CA LEU B 323 1.63 -15.89 12.60
C LEU B 323 0.38 -16.32 13.36
N PRO B 324 -0.45 -15.34 13.83
CA PRO B 324 -1.58 -15.53 14.74
C PRO B 324 -2.42 -16.80 14.57
N GLY B 325 -2.77 -17.14 13.34
CA GLY B 325 -3.57 -18.33 13.08
C GLY B 325 -2.86 -19.42 12.30
N HIS B 326 -1.54 -19.32 12.20
CA HIS B 326 -0.76 -20.24 11.37
C HIS B 326 0.61 -20.54 11.97
N ASP B 327 0.67 -21.61 12.78
CA ASP B 327 1.92 -22.18 13.28
C ASP B 327 2.84 -22.45 12.10
N ASN B 328 2.19 -22.67 10.96
CA ASN B 328 2.80 -22.85 9.66
C ASN B 328 3.95 -21.89 9.36
N THR B 329 3.67 -20.59 9.47
CA THR B 329 4.58 -19.56 8.97
C THR B 329 5.05 -18.60 10.05
N LEU B 330 6.33 -18.31 10.03
CA LEU B 330 6.99 -17.45 11.02
C LEU B 330 7.34 -16.11 10.38
N LEU B 331 7.16 -15.02 11.12
CA LEU B 331 7.51 -13.71 10.60
C LEU B 331 8.47 -12.92 11.50
N ILE B 332 9.38 -12.18 10.86
CA ILE B 332 10.33 -11.31 11.55
C ILE B 332 10.25 -9.90 10.97
N THR B 333 9.83 -8.95 11.80
CA THR B 333 9.61 -7.58 11.34
C THR B 333 9.94 -6.47 12.34
N GLY B 334 9.81 -6.76 13.63
CA GLY B 334 9.95 -5.73 14.67
C GLY B 334 11.22 -4.90 14.62
N LEU B 335 12.29 -5.49 14.11
CA LEU B 335 13.61 -4.86 14.05
C LEU B 335 13.55 -3.36 13.73
N SER B 336 13.78 -2.55 14.76
CA SER B 336 13.63 -1.11 14.67
C SER B 336 14.98 -0.40 14.69
N GLY B 337 15.63 -0.34 13.54
CA GLY B 337 16.90 0.37 13.41
C GLY B 337 18.10 -0.40 13.92
N HIS B 338 17.87 -1.35 14.83
CA HIS B 338 18.96 -2.15 15.37
C HIS B 338 18.81 -3.63 15.01
N GLY B 339 18.49 -3.88 13.74
CA GLY B 339 18.12 -5.22 13.30
C GLY B 339 19.14 -6.02 12.50
N PHE B 340 20.13 -5.35 11.89
CA PHE B 340 21.07 -6.06 11.04
C PHE B 340 22.08 -6.94 11.78
N LYS B 341 22.61 -6.44 12.90
CA LYS B 341 23.57 -7.21 13.69
C LYS B 341 23.00 -8.57 14.12
N PHE B 342 21.67 -8.69 14.07
CA PHE B 342 20.97 -9.91 14.43
C PHE B 342 20.67 -10.80 13.22
N ALA B 343 20.93 -10.30 12.02
CA ALA B 343 20.58 -11.02 10.78
C ALA B 343 21.05 -12.47 10.74
N SER B 344 22.30 -12.71 11.14
CA SER B 344 22.85 -14.06 11.19
C SER B 344 22.09 -14.98 12.15
N VAL B 345 21.92 -14.54 13.40
CA VAL B 345 21.17 -15.32 14.39
C VAL B 345 19.68 -15.47 14.05
N LEU B 346 19.09 -14.44 13.44
CA LEU B 346 17.69 -14.48 13.04
C LEU B 346 17.48 -15.51 11.94
N GLY B 347 18.46 -15.61 11.05
CA GLY B 347 18.46 -16.63 10.01
C GLY B 347 18.44 -18.04 10.57
N GLU B 348 19.26 -18.27 11.59
CA GLU B 348 19.38 -19.58 12.24
C GLU B 348 18.09 -20.03 12.94
N ILE B 349 17.46 -19.11 13.68
CA ILE B 349 16.24 -19.46 14.42
C ILE B 349 15.08 -19.76 13.46
N ALA B 350 15.09 -19.11 12.30
CA ALA B 350 14.14 -19.39 11.23
C ALA B 350 14.45 -20.75 10.60
N ALA B 351 15.74 -21.03 10.39
CA ALA B 351 16.21 -22.31 9.88
C ALA B 351 15.95 -23.46 10.85
N ASP B 352 15.93 -23.15 12.14
CA ASP B 352 15.51 -24.10 13.16
C ASP B 352 13.99 -24.30 13.11
N PHE B 353 13.26 -23.20 13.06
CA PHE B 353 11.80 -23.20 12.94
C PHE B 353 11.34 -24.06 11.78
N ALA B 354 12.04 -23.94 10.66
CA ALA B 354 11.72 -24.67 9.43
C ALA B 354 11.81 -26.19 9.55
N GLN B 355 12.67 -26.65 10.45
CA GLN B 355 12.88 -28.09 10.65
C GLN B 355 12.36 -28.58 12.02
N ASP B 356 11.33 -27.91 12.52
CA ASP B 356 10.64 -28.26 13.79
C ASP B 356 11.52 -28.22 15.04
N LYS B 357 12.80 -27.91 14.88
CA LYS B 357 13.71 -27.69 16.00
C LYS B 357 13.31 -26.43 16.75
N LYS B 358 13.70 -26.34 18.02
CA LYS B 358 13.26 -25.22 18.84
C LYS B 358 14.34 -24.15 19.07
N SER B 359 14.62 -23.82 20.29
CA SER B 359 14.60 -22.45 20.75
C SER B 359 15.89 -21.71 20.38
N ASP B 360 17.01 -22.25 20.51
CA ASP B 360 17.92 -21.97 21.66
C ASP B 360 17.49 -20.98 22.73
N PHE B 361 16.98 -19.81 22.38
CA PHE B 361 16.70 -18.85 23.46
C PHE B 361 15.28 -18.82 24.00
N ASP B 362 14.90 -17.71 24.59
CA ASP B 362 13.51 -17.39 24.73
C ASP B 362 13.07 -16.17 24.01
N LEU B 363 12.17 -16.32 23.06
CA LEU B 363 11.77 -15.15 22.28
C LEU B 363 10.46 -14.58 22.81
N THR B 364 10.17 -14.88 24.08
CA THR B 364 8.97 -14.43 24.77
C THR B 364 8.80 -12.89 24.77
N PRO B 365 9.89 -12.12 25.01
CA PRO B 365 9.75 -10.66 24.89
C PRO B 365 9.48 -10.16 23.48
N PHE B 366 9.54 -11.06 22.49
CA PHE B 366 9.27 -10.70 21.10
C PHE B 366 7.93 -11.28 20.61
N ARG B 367 7.04 -11.50 21.57
CA ARG B 367 5.65 -11.87 21.33
C ARG B 367 4.93 -10.85 20.46
N LEU B 368 3.94 -11.32 19.71
CA LEU B 368 3.05 -10.43 18.98
C LEU B 368 1.87 -10.03 19.87
N SER B 369 1.71 -10.76 20.99
CA SER B 369 0.67 -10.51 21.98
C SER B 369 0.88 -9.22 22.77
N ARG B 370 2.14 -8.78 22.89
CA ARG B 370 2.52 -7.57 23.62
C ARG B 370 1.54 -6.43 23.40
N PHE B 371 1.00 -6.37 22.20
CA PHE B 371 0.02 -5.37 21.83
C PHE B 371 -1.29 -6.11 21.71
N GLN B 372 -1.86 -6.42 22.88
CA GLN B 372 -3.08 -7.23 23.05
C GLN B 372 -4.02 -7.27 21.86
N LYS C 2 -6.36 26.62 2.76
CA LYS C 2 -6.87 27.07 1.44
C LYS C 2 -6.22 26.34 0.25
N TYR C 3 -7.05 26.00 -0.73
CA TYR C 3 -6.62 25.22 -1.89
C TYR C 3 -7.25 25.76 -3.18
N ASP C 4 -6.76 25.28 -4.32
CA ASP C 4 -7.38 25.60 -5.60
C ASP C 4 -8.67 24.81 -5.74
N LEU C 5 -8.66 23.58 -5.22
CA LEU C 5 -9.78 22.66 -5.35
C LEU C 5 -9.94 21.76 -4.13
N ILE C 6 -11.18 21.70 -3.63
CA ILE C 6 -11.56 20.74 -2.61
C ILE C 6 -12.52 19.71 -3.21
N ILE C 7 -12.31 18.44 -2.88
CA ILE C 7 -13.18 17.36 -3.35
C ILE C 7 -13.86 16.71 -2.15
N ILE C 8 -15.19 16.85 -2.09
CA ILE C 8 -15.98 16.35 -0.97
C ILE C 8 -15.90 14.82 -0.85
N GLY C 9 -16.16 14.12 -1.95
CA GLY C 9 -16.12 12.66 -1.95
C GLY C 9 -15.02 12.14 -2.85
N SER C 10 -13.99 11.55 -2.25
CA SER C 10 -12.89 10.96 -3.03
C SER C 10 -13.11 9.46 -3.23
N GLY C 11 -14.15 9.13 -4.00
CA GLY C 11 -14.49 7.74 -4.32
C GLY C 11 -14.06 7.38 -5.73
N SER C 12 -14.98 6.81 -6.51
CA SER C 12 -14.71 6.42 -7.89
C SER C 12 -14.52 7.64 -8.80
N VAL C 13 -15.40 8.63 -8.63
CA VAL C 13 -15.27 9.89 -9.35
C VAL C 13 -14.30 10.83 -8.62
N GLY C 14 -14.29 10.74 -7.29
CA GLY C 14 -13.42 11.57 -6.46
C GLY C 14 -11.94 11.36 -6.73
N ALA C 15 -11.50 10.12 -6.58
CA ALA C 15 -10.11 9.75 -6.82
C ALA C 15 -9.65 10.05 -8.24
N ALA C 16 -10.58 10.06 -9.19
CA ALA C 16 -10.31 10.44 -10.56
C ALA C 16 -10.09 11.96 -10.64
N ALA C 17 -10.94 12.72 -9.97
CA ALA C 17 -10.83 14.18 -9.93
C ALA C 17 -9.57 14.63 -9.20
N GLY C 18 -9.22 13.90 -8.13
CA GLY C 18 -8.01 14.16 -7.37
C GLY C 18 -6.77 14.08 -8.24
N TYR C 19 -6.57 12.92 -8.87
CA TYR C 19 -5.40 12.64 -9.69
C TYR C 19 -5.25 13.63 -10.86
N TYR C 20 -6.34 13.87 -11.57
CA TYR C 20 -6.30 14.69 -12.78
C TYR C 20 -6.05 16.18 -12.51
N ALA C 21 -6.58 16.67 -11.39
CA ALA C 21 -6.33 18.05 -10.96
C ALA C 21 -4.88 18.24 -10.51
N THR C 22 -4.45 17.42 -9.55
CA THR C 22 -3.10 17.46 -8.99
C THR C 22 -2.03 17.26 -10.07
N ARG C 23 -2.34 16.47 -11.08
CA ARG C 23 -1.40 16.22 -12.17
C ARG C 23 -1.19 17.47 -13.01
N ALA C 24 -2.25 18.28 -13.14
CA ALA C 24 -2.20 19.54 -13.89
C ALA C 24 -1.74 20.72 -13.02
N GLY C 25 -1.11 20.40 -11.89
CA GLY C 25 -0.42 21.39 -11.05
C GLY C 25 -1.31 22.32 -10.25
N LEU C 26 -2.34 21.75 -9.62
CA LEU C 26 -3.22 22.54 -8.78
C LEU C 26 -3.11 22.11 -7.33
N ASN C 27 -3.28 23.07 -6.42
CA ASN C 27 -3.27 22.79 -4.99
C ASN C 27 -4.62 22.16 -4.63
N VAL C 28 -4.59 20.89 -4.23
CA VAL C 28 -5.84 20.12 -4.09
C VAL C 28 -6.01 19.49 -2.70
N LEU C 29 -7.24 19.51 -2.20
CA LEU C 29 -7.59 18.74 -1.00
C LEU C 29 -8.56 17.63 -1.37
N MET C 30 -8.20 16.40 -1.01
CA MET C 30 -9.08 15.24 -1.17
C MET C 30 -9.61 14.82 0.20
N THR C 31 -10.94 14.72 0.32
CA THR C 31 -11.58 14.29 1.55
C THR C 31 -12.54 13.13 1.32
N ASP C 32 -12.67 12.26 2.33
CA ASP C 32 -13.64 11.17 2.32
C ASP C 32 -14.12 10.85 3.73
N ALA C 33 -15.15 10.01 3.84
CA ALA C 33 -15.66 9.60 5.13
C ALA C 33 -14.92 8.38 5.68
N HIS C 34 -14.34 7.58 4.77
CA HIS C 34 -13.65 6.35 5.14
C HIS C 34 -12.30 6.21 4.42
N MET C 35 -11.81 4.97 4.29
CA MET C 35 -10.55 4.70 3.60
C MET C 35 -10.80 4.20 2.16
N PRO C 36 -10.85 5.14 1.20
CA PRO C 36 -11.50 5.11 -0.11
C PRO C 36 -11.87 3.76 -0.74
N PRO C 37 -10.90 2.88 -1.09
CA PRO C 37 -11.41 1.55 -1.46
C PRO C 37 -12.03 0.86 -0.24
N HIS C 38 -13.33 1.08 -0.04
CA HIS C 38 -14.05 0.60 1.14
C HIS C 38 -15.41 0.01 0.76
N GLN C 39 -16.12 -0.58 1.73
CA GLN C 39 -17.40 -1.26 1.46
C GLN C 39 -18.62 -0.36 1.71
N HIS C 40 -18.38 0.89 2.09
CA HIS C 40 -19.46 1.80 2.47
C HIS C 40 -19.90 2.73 1.33
N GLY C 41 -19.29 2.54 0.16
CA GLY C 41 -19.65 3.32 -1.03
C GLY C 41 -20.18 2.44 -2.14
N SER C 42 -20.19 2.96 -3.36
CA SER C 42 -20.73 2.24 -4.51
C SER C 42 -19.68 1.71 -5.47
N HIS C 43 -18.43 1.67 -5.02
CA HIS C 43 -17.33 1.22 -5.87
C HIS C 43 -16.81 -0.18 -5.52
N HIS C 44 -17.15 -0.67 -4.32
CA HIS C 44 -16.72 -1.98 -3.84
C HIS C 44 -17.26 -3.15 -4.69
N GLY C 45 -16.94 -4.38 -4.28
CA GLY C 45 -17.10 -5.53 -5.17
C GLY C 45 -15.88 -5.53 -6.08
N ASP C 46 -15.67 -6.61 -6.81
CA ASP C 46 -14.43 -6.74 -7.58
C ASP C 46 -14.44 -5.87 -8.83
N THR C 47 -15.50 -5.99 -9.63
CA THR C 47 -15.48 -5.48 -11.00
C THR C 47 -16.68 -4.61 -11.38
N ARG C 48 -16.44 -3.68 -12.30
CA ARG C 48 -17.48 -2.86 -12.91
C ARG C 48 -17.41 -2.97 -14.43
N LEU C 49 -18.55 -2.83 -15.10
CA LEU C 49 -18.64 -3.01 -16.54
C LEU C 49 -18.37 -1.72 -17.31
N ILE C 50 -17.95 -1.87 -18.57
CA ILE C 50 -17.75 -0.72 -19.47
C ILE C 50 -18.23 -1.05 -20.88
N ARG C 51 -18.99 -0.11 -21.46
CA ARG C 51 -19.59 -0.28 -22.79
C ARG C 51 -19.49 1.03 -23.57
N HIS C 52 -19.23 0.93 -24.87
CA HIS C 52 -19.14 2.11 -25.72
C HIS C 52 -20.48 2.38 -26.41
N ALA C 53 -20.84 1.52 -27.36
CA ALA C 53 -22.16 1.53 -27.98
C ALA C 53 -23.17 1.42 -26.86
N TYR C 54 -23.74 2.56 -26.49
CA TYR C 54 -24.48 2.68 -25.25
C TYR C 54 -25.98 2.63 -25.47
N GLY C 55 -26.61 1.60 -24.90
CA GLY C 55 -28.05 1.39 -25.03
C GLY C 55 -28.88 2.39 -24.26
N GLU C 56 -28.34 2.86 -23.13
CA GLU C 56 -29.02 3.82 -22.28
C GLU C 56 -29.35 5.11 -23.03
N GLY C 57 -28.53 5.42 -24.03
CA GLY C 57 -28.75 6.63 -24.82
C GLY C 57 -27.52 7.08 -25.59
N GLU C 58 -27.77 7.82 -26.67
CA GLU C 58 -26.75 8.36 -27.54
C GLU C 58 -25.90 9.42 -26.86
N LYS C 59 -26.51 10.14 -25.91
CA LYS C 59 -25.89 11.25 -25.20
C LYS C 59 -24.60 10.91 -24.46
N TYR C 60 -24.40 9.62 -24.18
CA TYR C 60 -23.28 9.15 -23.37
C TYR C 60 -22.03 8.77 -24.17
N VAL C 61 -22.23 8.33 -25.41
CA VAL C 61 -21.20 7.66 -26.22
C VAL C 61 -19.87 8.42 -26.34
N PRO C 62 -19.91 9.70 -26.72
CA PRO C 62 -18.64 10.43 -26.87
C PRO C 62 -17.82 10.45 -25.57
N LEU C 63 -18.51 10.59 -24.44
CA LEU C 63 -17.88 10.68 -23.12
C LEU C 63 -17.22 9.37 -22.71
N VAL C 64 -17.92 8.26 -22.93
CA VAL C 64 -17.42 6.95 -22.50
C VAL C 64 -16.26 6.49 -23.39
N LEU C 65 -16.23 6.99 -24.62
CA LEU C 65 -15.11 6.82 -25.55
C LEU C 65 -13.85 7.48 -25.01
N ARG C 66 -14.01 8.69 -24.47
CA ARG C 66 -12.92 9.42 -23.87
C ARG C 66 -12.50 8.73 -22.57
N ALA C 67 -13.50 8.26 -21.83
CA ALA C 67 -13.28 7.52 -20.59
C ALA C 67 -12.38 6.32 -20.87
N GLN C 68 -12.70 5.59 -21.93
CA GLN C 68 -11.90 4.43 -22.35
C GLN C 68 -10.45 4.81 -22.55
N MET C 69 -10.20 5.86 -23.34
CA MET C 69 -8.84 6.36 -23.58
C MET C 69 -8.08 6.63 -22.29
N LEU C 70 -8.81 7.11 -21.28
CA LEU C 70 -8.22 7.44 -19.98
C LEU C 70 -8.02 6.20 -19.11
N TRP C 71 -8.87 5.19 -19.29
CA TRP C 71 -8.71 3.92 -18.61
C TRP C 71 -7.48 3.17 -19.13
N ASP C 72 -7.28 3.24 -20.45
CA ASP C 72 -6.11 2.66 -21.09
C ASP C 72 -4.83 3.21 -20.46
N GLU C 73 -4.77 4.53 -20.35
CA GLU C 73 -3.61 5.24 -19.81
C GLU C 73 -3.34 4.89 -18.35
N LEU C 74 -4.41 4.78 -17.57
CA LEU C 74 -4.32 4.39 -16.17
C LEU C 74 -3.79 2.97 -16.07
N SER C 75 -4.23 2.12 -16.99
CA SER C 75 -3.84 0.71 -17.02
C SER C 75 -2.36 0.52 -17.37
N ARG C 76 -1.77 1.52 -18.02
CA ARG C 76 -0.33 1.51 -18.32
C ARG C 76 0.54 1.71 -17.08
N HIS C 77 -0.05 2.29 -16.03
CA HIS C 77 0.65 2.47 -14.75
C HIS C 77 0.84 1.15 -13.99
N ASN C 78 0.17 0.09 -14.45
CA ASN C 78 0.26 -1.22 -13.82
C ASN C 78 0.13 -2.35 -14.84
N GLU C 79 1.28 -2.88 -15.26
CA GLU C 79 1.34 -3.97 -16.24
C GLU C 79 0.93 -5.31 -15.63
N ASP C 80 1.34 -5.51 -14.38
CA ASP C 80 1.10 -6.75 -13.64
C ASP C 80 -0.39 -6.98 -13.41
N ASP C 81 -1.09 -5.92 -13.01
CA ASP C 81 -2.53 -5.96 -12.78
C ASP C 81 -3.21 -4.93 -13.68
N PRO C 82 -3.90 -5.40 -14.73
CA PRO C 82 -4.60 -4.47 -15.61
C PRO C 82 -5.89 -3.97 -14.97
N ILE C 83 -6.15 -2.68 -15.11
CA ILE C 83 -7.39 -2.09 -14.59
C ILE C 83 -8.52 -2.37 -15.59
N PHE C 84 -8.21 -2.33 -16.88
CA PHE C 84 -9.18 -2.66 -17.91
C PHE C 84 -8.89 -4.01 -18.55
N VAL C 85 -9.91 -4.87 -18.58
CA VAL C 85 -9.82 -6.16 -19.23
C VAL C 85 -10.73 -6.16 -20.45
N ARG C 86 -10.14 -6.41 -21.63
CA ARG C 86 -10.88 -6.42 -22.89
C ARG C 86 -11.54 -7.77 -23.14
N SER C 87 -12.53 -8.08 -22.31
CA SER C 87 -13.29 -9.33 -22.44
C SER C 87 -14.33 -9.22 -23.54
N GLY C 88 -14.68 -7.99 -23.88
CA GLY C 88 -15.77 -7.73 -24.81
C GLY C 88 -17.10 -7.88 -24.12
N VAL C 89 -18.09 -7.11 -24.58
CA VAL C 89 -19.43 -7.16 -24.01
C VAL C 89 -20.43 -7.60 -25.08
N ILE C 90 -21.17 -8.66 -24.78
CA ILE C 90 -22.25 -9.10 -25.64
C ILE C 90 -23.55 -8.53 -25.10
N ASN C 91 -24.30 -7.86 -25.97
CA ASN C 91 -25.58 -7.27 -25.61
C ASN C 91 -26.73 -8.13 -26.11
N LEU C 92 -27.40 -8.81 -25.19
CA LEU C 92 -28.41 -9.81 -25.51
C LEU C 92 -29.83 -9.32 -25.29
N GLY C 93 -30.74 -9.73 -26.16
CA GLY C 93 -32.16 -9.38 -26.01
C GLY C 93 -32.98 -9.69 -27.25
N PRO C 94 -34.31 -9.51 -27.15
CA PRO C 94 -35.18 -9.60 -28.33
C PRO C 94 -34.79 -8.56 -29.36
N ALA C 95 -34.90 -8.91 -30.64
CA ALA C 95 -34.48 -8.04 -31.75
C ALA C 95 -35.19 -6.68 -31.78
N ASP C 96 -36.28 -6.56 -31.04
CA ASP C 96 -37.13 -5.37 -31.07
C ASP C 96 -37.00 -4.45 -29.84
N SER C 97 -35.94 -4.63 -29.06
CA SER C 97 -35.76 -3.84 -27.84
C SER C 97 -35.23 -2.44 -28.14
N THR C 98 -35.72 -1.46 -27.37
CA THR C 98 -35.28 -0.08 -27.54
C THR C 98 -33.86 0.11 -27.02
N PHE C 99 -33.38 -0.84 -26.22
CA PHE C 99 -32.03 -0.80 -25.68
C PHE C 99 -31.01 -1.14 -26.76
N LEU C 100 -31.17 -2.30 -27.39
CA LEU C 100 -30.26 -2.77 -28.42
C LEU C 100 -30.34 -1.92 -29.69
N ALA C 101 -31.48 -1.22 -29.84
CA ALA C 101 -31.71 -0.32 -30.97
C ALA C 101 -30.74 0.86 -30.93
N ASN C 102 -30.46 1.34 -29.72
CA ASN C 102 -29.52 2.43 -29.50
C ASN C 102 -28.07 1.95 -29.62
N VAL C 103 -27.83 0.70 -29.23
CA VAL C 103 -26.51 0.11 -29.32
C VAL C 103 -26.03 0.08 -30.78
N ALA C 104 -26.85 -0.46 -31.67
CA ALA C 104 -26.52 -0.53 -33.09
C ALA C 104 -26.43 0.85 -33.73
N HIS C 105 -27.29 1.76 -33.27
CA HIS C 105 -27.32 3.14 -33.78
C HIS C 105 -26.06 3.91 -33.40
N SER C 106 -25.59 3.72 -32.16
CA SER C 106 -24.38 4.35 -31.68
C SER C 106 -23.13 3.74 -32.33
N ALA C 107 -23.18 2.43 -32.56
CA ALA C 107 -22.13 1.73 -33.29
C ALA C 107 -21.96 2.30 -34.70
N GLU C 108 -23.08 2.62 -35.33
CA GLU C 108 -23.07 3.22 -36.66
C GLU C 108 -22.51 4.64 -36.62
N GLN C 109 -23.02 5.43 -35.68
CA GLN C 109 -22.63 6.83 -35.56
C GLN C 109 -21.15 7.01 -35.32
N TRP C 110 -20.66 6.46 -34.22
CA TRP C 110 -19.26 6.62 -33.83
C TRP C 110 -18.32 5.51 -34.33
N GLN C 111 -18.66 4.93 -35.49
CA GLN C 111 -17.78 3.99 -36.22
C GLN C 111 -17.29 2.80 -35.40
N LEU C 112 -18.11 2.36 -34.45
CA LEU C 112 -17.68 1.36 -33.45
C LEU C 112 -17.78 -0.07 -33.93
N ASN C 113 -16.74 -0.85 -33.62
CA ASN C 113 -16.66 -2.26 -33.99
C ASN C 113 -17.61 -3.09 -33.13
N VAL C 114 -18.83 -3.22 -33.62
CA VAL C 114 -19.88 -4.01 -32.97
C VAL C 114 -20.46 -5.00 -33.97
N GLU C 115 -20.60 -6.24 -33.55
CA GLU C 115 -21.08 -7.31 -34.41
C GLU C 115 -22.53 -7.63 -34.09
N LYS C 116 -23.39 -7.56 -35.11
CA LYS C 116 -24.80 -7.91 -34.95
C LYS C 116 -24.98 -9.40 -35.10
N LEU C 117 -25.25 -10.08 -33.99
CA LEU C 117 -25.21 -11.53 -33.94
C LEU C 117 -26.60 -12.17 -33.95
N ASP C 118 -26.73 -13.22 -34.75
CA ASP C 118 -27.97 -13.96 -34.95
C ASP C 118 -28.32 -14.79 -33.72
N ALA C 119 -29.60 -15.19 -33.63
CA ALA C 119 -30.05 -16.10 -32.56
C ALA C 119 -29.27 -17.41 -32.56
N GLN C 120 -29.05 -17.96 -33.74
CA GLN C 120 -28.26 -19.18 -33.91
C GLN C 120 -26.78 -18.88 -33.85
N GLY C 121 -26.41 -17.65 -34.23
CA GLY C 121 -25.03 -17.20 -34.28
C GLY C 121 -24.32 -17.23 -32.93
N ILE C 122 -24.98 -16.66 -31.92
CA ILE C 122 -24.41 -16.63 -30.56
C ILE C 122 -24.23 -18.03 -30.00
N MET C 123 -25.24 -18.88 -30.18
CA MET C 123 -25.23 -20.24 -29.64
C MET C 123 -24.17 -21.11 -30.32
N ALA C 124 -23.90 -20.83 -31.59
CA ALA C 124 -22.81 -21.50 -32.30
C ALA C 124 -21.45 -20.97 -31.84
N ARG C 125 -21.43 -19.71 -31.40
CA ARG C 125 -20.21 -19.02 -31.00
C ARG C 125 -19.89 -19.20 -29.52
N TRP C 126 -20.94 -19.37 -28.71
CA TRP C 126 -20.82 -19.68 -27.29
C TRP C 126 -21.95 -20.62 -26.91
N PRO C 127 -21.67 -21.94 -26.93
CA PRO C 127 -22.67 -22.98 -26.58
C PRO C 127 -23.28 -22.80 -25.18
N GLU C 128 -22.54 -22.12 -24.30
CA GLU C 128 -22.94 -21.94 -22.91
C GLU C 128 -24.06 -20.92 -22.75
N ILE C 129 -24.25 -20.10 -23.78
CA ILE C 129 -25.30 -19.09 -23.79
C ILE C 129 -26.47 -19.58 -24.63
N ARG C 130 -27.65 -19.66 -24.02
CA ARG C 130 -28.85 -20.16 -24.67
C ARG C 130 -29.93 -19.07 -24.75
N VAL C 131 -30.39 -18.79 -25.96
CA VAL C 131 -31.38 -17.74 -26.19
C VAL C 131 -32.58 -18.24 -27.00
N PRO C 132 -33.76 -17.61 -26.83
CA PRO C 132 -34.89 -17.87 -27.72
C PRO C 132 -34.54 -17.63 -29.20
N ASP C 133 -35.31 -18.24 -30.10
CA ASP C 133 -35.06 -18.14 -31.54
C ASP C 133 -35.31 -16.74 -32.12
N ASN C 134 -35.92 -15.86 -31.33
CA ASN C 134 -36.18 -14.49 -31.77
C ASN C 134 -35.16 -13.47 -31.26
N TYR C 135 -34.22 -13.96 -30.44
CA TYR C 135 -33.22 -13.09 -29.81
C TYR C 135 -32.11 -12.69 -30.77
N ILE C 136 -31.52 -11.54 -30.50
CA ILE C 136 -30.40 -11.01 -31.26
C ILE C 136 -29.31 -10.52 -30.31
N GLY C 137 -28.06 -10.63 -30.76
CA GLY C 137 -26.92 -10.17 -29.97
C GLY C 137 -26.16 -9.02 -30.61
N LEU C 138 -25.52 -8.22 -29.77
CA LEU C 138 -24.64 -7.16 -30.25
C LEU C 138 -23.33 -7.25 -29.50
N PHE C 139 -22.38 -7.97 -30.09
CA PHE C 139 -21.09 -8.18 -29.46
C PHE C 139 -20.10 -7.06 -29.79
N GLU C 140 -19.58 -6.45 -28.73
CA GLU C 140 -18.61 -5.38 -28.85
C GLU C 140 -17.24 -5.89 -28.42
N THR C 141 -16.28 -5.82 -29.33
CA THR C 141 -14.95 -6.40 -29.11
C THR C 141 -14.05 -5.54 -28.22
N ASP C 142 -14.07 -4.22 -28.47
CA ASP C 142 -13.15 -3.28 -27.81
C ASP C 142 -13.54 -2.94 -26.38
N SER C 143 -14.66 -3.52 -25.94
CA SER C 143 -15.23 -3.24 -24.62
C SER C 143 -14.72 -4.24 -23.58
N GLY C 144 -15.36 -4.26 -22.41
CA GLY C 144 -15.00 -5.21 -21.36
C GLY C 144 -15.47 -4.79 -19.98
N PHE C 145 -14.56 -4.89 -19.01
CA PHE C 145 -14.87 -4.49 -17.64
C PHE C 145 -13.65 -3.87 -16.95
N LEU C 146 -13.86 -3.38 -15.73
CA LEU C 146 -12.84 -2.65 -14.99
C LEU C 146 -12.70 -3.15 -13.56
N ARG C 147 -11.50 -3.02 -13.01
CA ARG C 147 -11.23 -3.34 -11.61
C ARG C 147 -11.42 -2.09 -10.76
N SER C 148 -12.62 -1.93 -10.21
CA SER C 148 -13.05 -0.69 -9.54
C SER C 148 -12.28 -0.32 -8.28
N GLU C 149 -11.98 -1.32 -7.46
CA GLU C 149 -11.16 -1.11 -6.26
C GLU C 149 -9.71 -0.74 -6.63
N LEU C 150 -9.12 -1.49 -7.56
CA LEU C 150 -7.76 -1.26 -8.03
C LEU C 150 -7.60 0.11 -8.71
N ALA C 151 -8.63 0.52 -9.45
CA ALA C 151 -8.66 1.82 -10.14
C ALA C 151 -8.60 2.98 -9.15
N ILE C 152 -9.30 2.81 -8.03
CA ILE C 152 -9.31 3.81 -6.97
C ILE C 152 -7.98 3.77 -6.21
N LYS C 153 -7.55 2.57 -5.83
CA LYS C 153 -6.26 2.36 -5.18
C LYS C 153 -5.15 3.12 -5.91
N THR C 154 -5.04 2.90 -7.21
CA THR C 154 -4.00 3.52 -8.04
C THR C 154 -4.14 5.04 -8.08
N TRP C 155 -5.36 5.53 -8.27
CA TRP C 155 -5.65 6.97 -8.33
C TRP C 155 -5.30 7.70 -7.03
N ILE C 156 -5.54 7.06 -5.90
CA ILE C 156 -5.14 7.61 -4.59
C ILE C 156 -3.62 7.73 -4.49
N GLN C 157 -2.92 6.66 -4.85
CA GLN C 157 -1.46 6.56 -4.74
C GLN C 157 -0.75 7.54 -5.65
N LEU C 158 -1.26 7.71 -6.86
CA LEU C 158 -0.67 8.62 -7.86
C LEU C 158 -0.88 10.08 -7.49
N ALA C 159 -2.03 10.38 -6.88
CA ALA C 159 -2.35 11.73 -6.44
C ALA C 159 -1.51 12.11 -5.23
N LYS C 160 -1.25 11.13 -4.36
CA LYS C 160 -0.48 11.35 -3.14
C LYS C 160 0.95 11.79 -3.48
N GLU C 161 1.56 11.08 -4.44
CA GLU C 161 2.93 11.36 -4.85
C GLU C 161 3.08 12.77 -5.39
N ALA C 162 2.11 13.19 -6.20
CA ALA C 162 2.13 14.49 -6.86
C ALA C 162 1.84 15.68 -5.93
N GLY C 163 1.91 15.44 -4.62
CA GLY C 163 1.83 16.51 -3.63
C GLY C 163 0.43 16.95 -3.25
N CYS C 164 -0.52 16.02 -3.29
CA CYS C 164 -1.88 16.31 -2.90
C CYS C 164 -2.10 16.00 -1.41
N ALA C 165 -3.00 16.75 -0.78
CA ALA C 165 -3.37 16.52 0.62
C ALA C 165 -4.57 15.61 0.68
N GLN C 166 -4.54 14.65 1.60
CA GLN C 166 -5.57 13.61 1.69
C GLN C 166 -6.07 13.38 3.12
N LEU C 167 -7.25 13.93 3.41
CA LEU C 167 -7.88 13.78 4.71
C LEU C 167 -8.99 12.74 4.58
N PHE C 168 -8.74 11.54 5.08
CA PHE C 168 -9.57 10.39 4.68
C PHE C 168 -10.65 9.88 5.62
N ASN C 169 -10.30 9.48 6.84
CA ASN C 169 -11.33 9.00 7.77
C ASN C 169 -12.07 10.15 8.45
N CYS C 170 -12.39 11.18 7.66
CA CYS C 170 -12.92 12.43 8.18
C CYS C 170 -14.15 12.87 7.39
N PRO C 171 -15.35 12.40 7.83
CA PRO C 171 -16.58 12.75 7.13
C PRO C 171 -16.83 14.25 7.14
N VAL C 172 -17.05 14.83 5.95
CA VAL C 172 -17.43 16.22 5.83
C VAL C 172 -18.87 16.37 6.34
N THR C 173 -19.14 17.44 7.06
CA THR C 173 -20.44 17.62 7.72
C THR C 173 -21.33 18.72 7.13
N ALA C 174 -20.72 19.68 6.42
CA ALA C 174 -21.47 20.77 5.77
C ALA C 174 -20.64 21.60 4.80
N ILE C 175 -21.29 22.08 3.74
CA ILE C 175 -20.70 23.01 2.77
C ILE C 175 -21.22 24.42 3.05
N ARG C 176 -20.34 25.40 2.90
CA ARG C 176 -20.70 26.80 3.13
C ARG C 176 -20.21 27.66 1.95
N HIS C 177 -20.99 28.67 1.61
CA HIS C 177 -20.62 29.61 0.54
C HIS C 177 -20.51 31.04 1.03
N ASP C 178 -19.43 31.71 0.64
CA ASP C 178 -19.19 33.09 1.03
C ASP C 178 -19.20 33.99 -0.21
N ASP C 179 -18.02 34.35 -0.70
CA ASP C 179 -17.91 35.19 -1.88
C ASP C 179 -16.73 34.81 -2.74
N ASP C 180 -15.64 34.40 -2.09
CA ASP C 180 -14.40 34.08 -2.79
C ASP C 180 -14.35 32.62 -3.21
N GLY C 181 -14.76 31.72 -2.31
CA GLY C 181 -14.76 30.29 -2.58
C GLY C 181 -15.60 29.46 -1.63
N VAL C 182 -15.21 28.20 -1.48
CA VAL C 182 -15.99 27.22 -0.73
C VAL C 182 -15.32 26.82 0.58
N THR C 183 -16.12 26.75 1.64
CA THR C 183 -15.68 26.21 2.93
C THR C 183 -16.37 24.89 3.21
N ILE C 184 -15.68 23.99 3.92
CA ILE C 184 -16.21 22.66 4.22
C ILE C 184 -15.91 22.21 5.65
N GLU C 185 -16.71 22.68 6.61
CA GLU C 185 -16.54 22.29 8.00
C GLU C 185 -16.62 20.77 8.17
N THR C 186 -15.64 20.21 8.87
CA THR C 186 -15.58 18.77 9.11
C THR C 186 -15.65 18.46 10.61
N ALA C 187 -15.68 17.17 10.94
CA ALA C 187 -15.68 16.72 12.34
C ALA C 187 -14.38 17.08 13.07
N ASP C 188 -13.41 17.60 12.32
CA ASP C 188 -12.08 17.92 12.84
C ASP C 188 -11.82 19.43 12.85
N GLY C 189 -11.83 20.03 11.65
CA GLY C 189 -11.61 21.47 11.50
C GLY C 189 -12.26 22.06 10.27
N GLU C 190 -11.75 23.21 9.83
CA GLU C 190 -12.28 23.91 8.66
C GLU C 190 -11.23 24.11 7.58
N TYR C 191 -11.65 23.96 6.32
CA TYR C 191 -10.76 24.17 5.16
C TYR C 191 -11.54 24.85 4.05
N GLN C 192 -10.85 25.67 3.25
CA GLN C 192 -11.50 26.38 2.14
C GLN C 192 -10.72 26.34 0.83
N ALA C 193 -11.41 26.62 -0.27
CA ALA C 193 -10.84 26.55 -1.61
C ALA C 193 -11.51 27.53 -2.58
N LYS C 194 -10.87 27.77 -3.72
CA LYS C 194 -11.37 28.69 -4.74
C LYS C 194 -12.49 28.07 -5.59
N LYS C 195 -12.46 26.76 -5.73
CA LYS C 195 -13.53 25.98 -6.35
C LYS C 195 -13.69 24.69 -5.57
N ALA C 196 -14.76 23.93 -5.86
CA ALA C 196 -14.95 22.61 -5.26
C ALA C 196 -15.70 21.66 -6.19
N ILE C 197 -15.48 20.36 -5.98
CA ILE C 197 -16.25 19.30 -6.64
C ILE C 197 -17.00 18.43 -5.61
N VAL C 198 -18.31 18.30 -5.80
CA VAL C 198 -19.15 17.51 -4.89
C VAL C 198 -19.51 16.18 -5.54
N CYS C 199 -19.00 15.10 -4.97
CA CYS C 199 -19.19 13.74 -5.52
C CYS C 199 -19.17 12.70 -4.40
N ALA C 200 -20.09 12.86 -3.45
CA ALA C 200 -20.16 12.00 -2.27
C ALA C 200 -20.80 10.63 -2.54
N GLY C 201 -21.22 10.39 -3.77
CA GLY C 201 -21.92 9.16 -4.10
C GLY C 201 -23.35 9.17 -3.59
N THR C 202 -23.89 7.98 -3.35
CA THR C 202 -25.33 7.83 -3.08
C THR C 202 -25.79 8.31 -1.69
N TRP C 203 -24.97 9.09 -1.01
CA TRP C 203 -25.36 9.67 0.28
C TRP C 203 -25.11 11.18 0.38
N VAL C 204 -25.06 11.85 -0.78
CA VAL C 204 -24.93 13.29 -0.85
C VAL C 204 -26.17 13.98 -0.25
N LYS C 205 -27.25 13.19 -0.11
CA LYS C 205 -28.53 13.68 0.39
C LYS C 205 -28.43 14.34 1.77
N ASP C 206 -27.68 13.71 2.68
CA ASP C 206 -27.49 14.26 4.02
C ASP C 206 -26.36 15.31 4.08
N LEU C 207 -26.00 15.84 2.92
CA LEU C 207 -25.03 16.94 2.82
C LEU C 207 -25.62 18.04 1.94
N LEU C 208 -26.40 17.64 0.93
CA LEU C 208 -27.19 18.55 0.09
C LEU C 208 -28.59 17.93 -0.09
N PRO C 209 -29.53 18.27 0.81
CA PRO C 209 -30.81 17.55 0.90
C PRO C 209 -31.84 17.89 -0.17
N GLU C 210 -31.68 19.05 -0.81
CA GLU C 210 -32.64 19.51 -1.84
C GLU C 210 -32.52 18.76 -3.17
N LEU C 211 -31.46 17.98 -3.33
CA LEU C 211 -31.19 17.27 -4.57
C LEU C 211 -32.20 16.16 -4.88
N PRO C 212 -32.56 15.99 -6.18
CA PRO C 212 -33.53 15.00 -6.60
C PRO C 212 -32.92 13.61 -6.85
N VAL C 213 -32.21 13.08 -5.86
CA VAL C 213 -31.61 11.74 -5.97
C VAL C 213 -32.15 10.78 -4.93
N GLN C 214 -32.39 9.54 -5.34
CA GLN C 214 -32.83 8.50 -4.42
C GLN C 214 -31.87 7.32 -4.38
N PRO C 215 -31.18 7.15 -3.23
CA PRO C 215 -30.38 5.97 -2.94
C PRO C 215 -31.25 4.70 -2.94
N VAL C 216 -30.86 3.72 -3.73
CA VAL C 216 -31.59 2.45 -3.84
C VAL C 216 -30.65 1.27 -3.58
N ARG C 217 -31.05 0.39 -2.67
CA ARG C 217 -30.27 -0.82 -2.37
C ARG C 217 -30.31 -1.81 -3.53
N LYS C 218 -29.15 -2.02 -4.14
CA LYS C 218 -29.01 -2.99 -5.22
C LYS C 218 -28.01 -4.08 -4.85
N VAL C 219 -28.13 -5.22 -5.51
CA VAL C 219 -27.38 -6.41 -5.14
C VAL C 219 -26.85 -7.18 -6.35
N PHE C 220 -25.56 -7.51 -6.31
CA PHE C 220 -25.00 -8.50 -7.24
C PHE C 220 -24.46 -9.70 -6.49
N ALA C 221 -24.43 -10.85 -7.16
CA ALA C 221 -23.98 -12.09 -6.55
C ALA C 221 -23.08 -12.90 -7.48
N TRP C 222 -22.36 -13.85 -6.89
CA TRP C 222 -21.52 -14.78 -7.62
C TRP C 222 -22.16 -16.17 -7.65
N TYR C 223 -22.10 -16.83 -8.81
CA TYR C 223 -22.73 -18.13 -9.00
C TYR C 223 -21.75 -19.14 -9.56
N GLN C 224 -21.76 -20.36 -9.00
CA GLN C 224 -20.74 -21.38 -9.29
C GLN C 224 -20.60 -21.75 -10.76
N ALA C 225 -19.72 -21.05 -11.46
CA ALA C 225 -19.42 -21.34 -12.85
C ALA C 225 -18.15 -22.20 -12.93
N ASP C 226 -17.63 -22.36 -14.15
CA ASP C 226 -16.40 -23.11 -14.37
C ASP C 226 -15.60 -22.59 -15.57
N GLY C 227 -14.48 -23.24 -15.85
CA GLY C 227 -13.53 -22.83 -16.89
C GLY C 227 -14.06 -22.30 -18.22
N ARG C 228 -15.21 -22.83 -18.67
CA ARG C 228 -15.75 -22.50 -19.98
C ARG C 228 -16.43 -21.13 -20.05
N TYR C 229 -16.79 -20.60 -18.88
CA TYR C 229 -17.42 -19.28 -18.76
C TYR C 229 -16.39 -18.18 -18.46
N SER C 230 -15.11 -18.48 -18.71
CA SER C 230 -14.03 -17.57 -18.35
C SER C 230 -13.43 -16.85 -19.56
N VAL C 231 -12.66 -15.80 -19.29
CA VAL C 231 -11.95 -15.03 -20.32
C VAL C 231 -11.01 -15.92 -21.14
N LYS C 232 -10.54 -17.00 -20.51
CA LYS C 232 -9.70 -17.99 -21.18
C LYS C 232 -10.44 -18.72 -22.31
N ASN C 233 -11.76 -18.84 -22.18
CA ASN C 233 -12.59 -19.49 -23.19
C ASN C 233 -13.40 -18.50 -24.03
N LYS C 234 -12.85 -17.30 -24.21
CA LYS C 234 -13.46 -16.27 -25.07
C LYS C 234 -14.82 -15.78 -24.56
N PHE C 235 -15.23 -16.22 -23.38
CA PHE C 235 -16.53 -15.85 -22.81
C PHE C 235 -16.57 -14.37 -22.42
N PRO C 236 -17.56 -13.63 -22.94
CA PRO C 236 -17.62 -12.17 -22.78
C PRO C 236 -18.39 -11.70 -21.55
N ALA C 237 -18.24 -10.43 -21.22
CA ALA C 237 -19.14 -9.76 -20.29
C ALA C 237 -20.46 -9.54 -21.02
N PHE C 238 -21.53 -9.29 -20.27
CA PHE C 238 -22.83 -9.23 -20.92
C PHE C 238 -23.87 -8.37 -20.22
N THR C 239 -24.80 -7.88 -21.03
CA THR C 239 -26.04 -7.30 -20.55
C THR C 239 -27.14 -7.97 -21.34
N GLY C 240 -28.29 -8.19 -20.71
CA GLY C 240 -29.37 -8.94 -21.34
C GLY C 240 -30.75 -8.66 -20.78
N GLU C 241 -31.72 -8.54 -21.67
CA GLU C 241 -33.11 -8.29 -21.30
C GLU C 241 -33.95 -9.54 -21.49
N LEU C 242 -34.91 -9.74 -20.60
CA LEU C 242 -35.89 -10.82 -20.72
C LEU C 242 -37.15 -10.30 -21.41
N PRO C 243 -38.08 -11.19 -21.82
CA PRO C 243 -39.36 -10.74 -22.39
C PRO C 243 -40.10 -9.71 -21.51
N ASN C 244 -40.00 -9.85 -20.19
CA ASN C 244 -40.54 -8.85 -19.27
C ASN C 244 -39.68 -7.58 -19.18
N GLY C 245 -38.49 -7.64 -19.79
CA GLY C 245 -37.62 -6.49 -19.97
C GLY C 245 -36.91 -6.02 -18.70
N ASP C 246 -36.21 -6.95 -18.05
CA ASP C 246 -35.67 -6.65 -16.72
C ASP C 246 -34.18 -6.30 -16.62
N GLN C 247 -33.42 -6.47 -17.70
CA GLN C 247 -31.97 -6.12 -17.74
C GLN C 247 -31.11 -6.75 -16.64
N TYR C 248 -30.17 -7.58 -17.07
CA TYR C 248 -29.22 -8.22 -16.16
C TYR C 248 -27.82 -7.99 -16.71
N TYR C 249 -26.87 -7.65 -15.84
CA TYR C 249 -25.50 -7.43 -16.26
C TYR C 249 -24.61 -8.55 -15.73
N GLY C 250 -23.54 -8.85 -16.45
CA GLY C 250 -22.69 -9.98 -16.08
C GLY C 250 -21.23 -9.93 -16.45
N PHE C 251 -20.43 -10.69 -15.71
CA PHE C 251 -18.99 -10.72 -15.85
C PHE C 251 -18.49 -12.14 -16.06
N PRO C 252 -17.39 -12.31 -16.82
CA PRO C 252 -16.76 -13.62 -16.96
C PRO C 252 -16.40 -14.24 -15.61
N ALA C 253 -16.48 -15.56 -15.52
CA ALA C 253 -16.21 -16.29 -14.30
C ALA C 253 -14.77 -16.09 -13.85
N GLU C 254 -14.61 -15.58 -12.63
CA GLU C 254 -13.31 -15.20 -12.10
C GLU C 254 -12.61 -16.42 -11.50
N ASN C 255 -12.76 -16.62 -10.20
CA ASN C 255 -12.19 -17.78 -9.51
C ASN C 255 -12.84 -19.05 -10.02
N ASP C 256 -14.10 -19.25 -9.63
CA ASP C 256 -14.98 -20.25 -10.24
C ASP C 256 -16.42 -19.81 -10.03
N ALA C 257 -16.66 -18.53 -10.24
CA ALA C 257 -17.96 -17.92 -9.98
C ALA C 257 -18.27 -16.81 -11.00
N LEU C 258 -19.46 -16.89 -11.58
CA LEU C 258 -19.96 -15.91 -12.52
C LEU C 258 -20.70 -14.84 -11.74
N LYS C 259 -20.38 -13.57 -11.98
CA LYS C 259 -21.03 -12.47 -11.28
C LYS C 259 -22.21 -11.90 -12.07
N ILE C 260 -23.39 -11.91 -11.47
CA ILE C 260 -24.61 -11.38 -12.09
C ILE C 260 -25.28 -10.40 -11.15
N GLY C 261 -26.02 -9.45 -11.75
CA GLY C 261 -26.88 -8.55 -10.99
C GLY C 261 -28.09 -8.18 -11.81
N LYS C 262 -29.25 -8.10 -11.15
CA LYS C 262 -30.45 -7.55 -11.74
C LYS C 262 -30.33 -6.04 -11.64
N HIS C 263 -30.75 -5.32 -12.68
CA HIS C 263 -30.59 -3.88 -12.71
C HIS C 263 -31.84 -3.11 -12.31
N ASN C 264 -32.98 -3.54 -12.83
CA ASN C 264 -34.19 -2.71 -12.80
C ASN C 264 -34.96 -2.62 -11.48
N GLY C 265 -34.75 -3.58 -10.59
CA GLY C 265 -35.44 -3.61 -9.29
C GLY C 265 -34.81 -2.75 -8.21
N GLY C 266 -34.67 -3.32 -7.02
CA GLY C 266 -33.98 -2.66 -5.90
C GLY C 266 -34.92 -2.06 -4.89
N GLN C 267 -34.59 -2.22 -3.60
CA GLN C 267 -35.43 -1.71 -2.51
C GLN C 267 -34.99 -0.33 -2.02
N VAL C 268 -35.96 0.58 -1.94
CA VAL C 268 -35.72 1.99 -1.61
C VAL C 268 -35.35 2.19 -0.15
N ILE C 269 -34.18 2.79 0.09
CA ILE C 269 -33.71 3.09 1.45
C ILE C 269 -33.38 4.58 1.63
N HIS C 270 -33.27 5.01 2.89
CA HIS C 270 -33.08 6.44 3.20
C HIS C 270 -31.87 6.73 4.10
N SER C 271 -31.44 5.74 4.86
CA SER C 271 -30.27 5.86 5.71
C SER C 271 -29.21 4.83 5.33
N ALA C 272 -27.93 5.23 5.45
CA ALA C 272 -26.80 4.35 5.14
C ALA C 272 -26.84 3.07 5.96
N ASP C 273 -27.56 3.13 7.07
CA ASP C 273 -27.73 2.02 8.00
C ASP C 273 -28.60 0.91 7.42
N GLU C 274 -29.39 1.26 6.40
CA GLU C 274 -30.43 0.37 5.86
C GLU C 274 -29.97 -0.49 4.68
N ARG C 275 -28.70 -0.37 4.30
CA ARG C 275 -28.14 -1.25 3.28
C ARG C 275 -27.74 -2.57 3.92
N VAL C 276 -28.75 -3.35 4.29
CA VAL C 276 -28.58 -4.64 4.99
C VAL C 276 -27.68 -5.56 4.17
N PRO C 277 -26.80 -6.34 4.86
CA PRO C 277 -25.88 -7.24 4.15
C PRO C 277 -26.59 -8.21 3.20
N PHE C 278 -25.85 -8.70 2.21
CA PHE C 278 -26.40 -9.48 1.09
C PHE C 278 -27.58 -10.41 1.38
N ALA C 279 -27.35 -11.45 2.18
CA ALA C 279 -28.38 -12.48 2.36
C ALA C 279 -29.55 -12.09 3.29
N GLU C 280 -29.50 -10.88 3.86
CA GLU C 280 -30.46 -10.51 4.92
C GLU C 280 -31.90 -10.22 4.47
N VAL C 281 -32.06 -9.47 3.37
CA VAL C 281 -33.37 -9.37 2.71
C VAL C 281 -33.43 -10.43 1.60
N VAL C 282 -34.55 -11.13 1.52
CA VAL C 282 -34.61 -12.42 0.83
C VAL C 282 -35.21 -12.42 -0.58
N SER C 283 -34.63 -11.60 -1.45
CA SER C 283 -34.79 -11.75 -2.89
C SER C 283 -33.40 -11.98 -3.44
N ASP C 284 -32.41 -11.63 -2.61
CA ASP C 284 -31.01 -11.45 -3.02
C ASP C 284 -30.33 -12.70 -3.55
N GLY C 285 -30.47 -13.80 -2.80
CA GLY C 285 -29.84 -15.06 -3.16
C GLY C 285 -30.23 -15.64 -4.52
N SER C 286 -31.46 -15.36 -4.93
CA SER C 286 -32.00 -15.90 -6.19
C SER C 286 -32.55 -14.82 -7.13
N GLU C 287 -31.99 -13.61 -7.02
CA GLU C 287 -32.41 -12.46 -7.83
C GLU C 287 -32.01 -12.63 -9.30
N ALA C 288 -30.93 -13.36 -9.51
CA ALA C 288 -30.36 -13.58 -10.85
C ALA C 288 -30.86 -14.87 -11.51
N PHE C 289 -31.68 -15.63 -10.80
CA PHE C 289 -32.22 -16.90 -11.30
C PHE C 289 -33.06 -16.82 -12.58
N PRO C 290 -33.99 -15.84 -12.68
CA PRO C 290 -34.80 -15.75 -13.90
C PRO C 290 -33.95 -15.65 -15.16
N PHE C 291 -32.81 -14.96 -15.05
CA PHE C 291 -31.89 -14.84 -16.17
C PHE C 291 -31.02 -16.08 -16.32
N LEU C 292 -30.50 -16.58 -15.19
CA LEU C 292 -29.52 -17.65 -15.20
C LEU C 292 -30.07 -19.00 -15.64
N ARG C 293 -31.35 -19.24 -15.37
CA ARG C 293 -31.93 -20.52 -15.74
C ARG C 293 -32.27 -20.56 -17.23
N ASN C 294 -32.60 -19.40 -17.79
CA ASN C 294 -32.96 -19.29 -19.20
C ASN C 294 -31.76 -19.18 -20.14
N VAL C 295 -30.81 -18.33 -19.76
CA VAL C 295 -29.70 -17.98 -20.66
C VAL C 295 -28.42 -18.77 -20.39
N LEU C 296 -28.16 -19.06 -19.12
CA LEU C 296 -26.95 -19.76 -18.72
C LEU C 296 -27.28 -20.96 -17.82
N PRO C 297 -27.93 -21.99 -18.40
CA PRO C 297 -28.55 -23.08 -17.64
C PRO C 297 -27.60 -23.97 -16.82
N GLY C 298 -26.31 -23.99 -17.17
CA GLY C 298 -25.34 -24.78 -16.43
C GLY C 298 -24.49 -23.92 -15.53
N ILE C 299 -25.14 -23.25 -14.58
CA ILE C 299 -24.48 -22.23 -13.77
C ILE C 299 -24.57 -22.44 -12.26
N GLY C 300 -25.41 -23.39 -11.83
CA GLY C 300 -25.49 -23.79 -10.42
C GLY C 300 -26.01 -22.73 -9.46
N CYS C 301 -25.70 -22.93 -8.18
CA CYS C 301 -26.25 -22.11 -7.10
C CYS C 301 -25.52 -20.79 -6.88
N CYS C 302 -25.97 -20.05 -5.88
CA CYS C 302 -25.41 -18.78 -5.45
C CYS C 302 -24.36 -19.00 -4.36
N LEU C 303 -23.22 -18.33 -4.48
CA LEU C 303 -22.10 -18.56 -3.56
C LEU C 303 -21.93 -17.43 -2.54
N TYR C 304 -22.00 -16.18 -2.98
CA TYR C 304 -21.86 -15.02 -2.11
C TYR C 304 -22.26 -13.73 -2.83
N GLY C 305 -22.44 -12.64 -2.07
CA GLY C 305 -23.04 -11.44 -2.62
C GLY C 305 -22.44 -10.09 -2.28
N ALA C 306 -23.27 -9.05 -2.41
CA ALA C 306 -22.78 -7.69 -2.59
C ALA C 306 -23.21 -6.66 -1.53
N ALA C 307 -24.48 -6.26 -1.58
CA ALA C 307 -24.97 -5.05 -0.89
C ALA C 307 -24.25 -3.79 -1.39
N CYS C 308 -24.87 -3.12 -2.35
CA CYS C 308 -24.38 -1.84 -2.90
C CYS C 308 -25.58 -0.92 -3.09
N THR C 309 -25.34 0.35 -3.44
CA THR C 309 -26.45 1.28 -3.66
C THR C 309 -26.35 2.04 -4.99
N TYR C 310 -27.51 2.23 -5.62
CA TYR C 310 -27.61 3.04 -6.83
C TYR C 310 -27.90 4.49 -6.46
N ASP C 311 -27.36 5.42 -7.23
CA ASP C 311 -27.60 6.85 -7.03
C ASP C 311 -28.60 7.37 -8.07
N ASN C 312 -29.88 7.07 -7.85
CA ASN C 312 -30.90 7.23 -8.88
C ASN C 312 -31.55 8.60 -8.98
N SER C 313 -31.46 9.19 -10.17
CA SER C 313 -32.20 10.39 -10.53
C SER C 313 -33.59 9.97 -11.03
N PRO C 314 -34.58 10.89 -11.01
CA PRO C 314 -35.93 10.53 -11.47
C PRO C 314 -36.03 10.07 -12.93
N ASP C 315 -35.04 10.40 -13.76
CA ASP C 315 -35.02 9.96 -15.16
C ASP C 315 -33.93 8.95 -15.45
N GLU C 316 -33.21 8.54 -14.40
CA GLU C 316 -32.11 7.56 -14.48
C GLU C 316 -30.87 8.01 -15.25
N ASP C 317 -30.84 9.28 -15.65
CA ASP C 317 -29.67 9.89 -16.29
C ASP C 317 -28.79 10.62 -15.26
N PHE C 318 -27.61 11.06 -15.68
CA PHE C 318 -26.66 11.71 -14.78
C PHE C 318 -27.03 13.17 -14.48
N ILE C 319 -26.60 13.66 -13.32
CA ILE C 319 -26.71 15.07 -12.97
C ILE C 319 -25.30 15.68 -12.86
N ILE C 320 -24.80 16.20 -13.97
CA ILE C 320 -23.51 16.87 -14.00
C ILE C 320 -23.77 18.34 -14.28
N ASP C 321 -23.84 19.13 -13.22
CA ASP C 321 -24.09 20.56 -13.33
C ASP C 321 -23.37 21.30 -12.22
N THR C 322 -23.16 22.61 -12.43
CA THR C 322 -22.69 23.49 -11.39
C THR C 322 -23.85 23.79 -10.44
N LEU C 323 -23.53 24.19 -9.20
CA LEU C 323 -24.56 24.42 -8.20
C LEU C 323 -25.42 25.65 -8.53
N PRO C 324 -26.73 25.61 -8.21
CA PRO C 324 -27.69 26.66 -8.55
C PRO C 324 -27.13 28.09 -8.48
N GLY C 325 -26.78 28.55 -7.28
CA GLY C 325 -26.35 29.93 -7.08
C GLY C 325 -24.85 30.06 -6.86
N HIS C 326 -24.10 29.04 -7.28
CA HIS C 326 -22.66 29.00 -7.06
C HIS C 326 -21.94 28.29 -8.21
N ASP C 327 -21.51 29.06 -9.21
CA ASP C 327 -20.60 28.55 -10.25
C ASP C 327 -19.28 28.10 -9.59
N ASN C 328 -19.15 28.54 -8.34
CA ASN C 328 -18.13 28.11 -7.40
C ASN C 328 -17.94 26.58 -7.36
N THR C 329 -19.04 25.84 -7.27
CA THR C 329 -18.99 24.38 -7.15
C THR C 329 -19.70 23.62 -8.27
N LEU C 330 -19.03 22.58 -8.78
CA LEU C 330 -19.57 21.63 -9.73
C LEU C 330 -19.91 20.34 -8.99
N LEU C 331 -21.03 19.71 -9.33
CA LEU C 331 -21.39 18.43 -8.69
C LEU C 331 -21.85 17.32 -9.64
N ILE C 332 -21.48 16.10 -9.30
CA ILE C 332 -21.74 14.90 -10.11
C ILE C 332 -22.39 13.87 -9.21
N THR C 333 -23.66 13.54 -9.48
CA THR C 333 -24.42 12.65 -8.60
C THR C 333 -25.53 11.82 -9.23
N GLY C 334 -25.96 12.18 -10.44
CA GLY C 334 -27.06 11.47 -11.08
C GLY C 334 -26.77 10.04 -11.54
N LEU C 335 -25.53 9.60 -11.35
CA LEU C 335 -25.06 8.32 -11.89
C LEU C 335 -25.78 7.09 -11.33
N SER C 336 -26.79 6.65 -12.07
CA SER C 336 -27.76 5.69 -11.59
C SER C 336 -27.42 4.27 -12.02
N GLY C 337 -26.43 3.68 -11.34
CA GLY C 337 -26.05 2.28 -11.57
C GLY C 337 -25.15 1.99 -12.76
N HIS C 338 -25.01 2.95 -13.67
CA HIS C 338 -24.16 2.79 -14.84
C HIS C 338 -23.10 3.89 -14.93
N GLY C 339 -22.58 4.29 -13.78
CA GLY C 339 -21.73 5.47 -13.69
C GLY C 339 -20.24 5.27 -13.51
N PHE C 340 -19.80 4.06 -13.14
CA PHE C 340 -18.37 3.82 -12.92
C PHE C 340 -17.53 3.90 -14.18
N LYS C 341 -18.06 3.38 -15.29
CA LYS C 341 -17.33 3.44 -16.57
C LYS C 341 -16.99 4.88 -16.95
N PHE C 342 -17.82 5.82 -16.50
CA PHE C 342 -17.63 7.25 -16.76
C PHE C 342 -16.72 7.97 -15.76
N ALA C 343 -16.35 7.29 -14.67
CA ALA C 343 -15.56 7.89 -13.59
C ALA C 343 -14.31 8.65 -14.07
N SER C 344 -13.55 8.02 -14.96
CA SER C 344 -12.31 8.58 -15.46
C SER C 344 -12.51 9.88 -16.24
N VAL C 345 -13.52 9.88 -17.12
CA VAL C 345 -13.83 11.08 -17.90
C VAL C 345 -14.53 12.14 -17.03
N LEU C 346 -15.25 11.68 -16.01
CA LEU C 346 -15.88 12.58 -15.05
C LEU C 346 -14.83 13.33 -14.22
N GLY C 347 -13.76 12.62 -13.87
CA GLY C 347 -12.65 13.23 -13.17
C GLY C 347 -11.98 14.29 -14.02
N GLU C 348 -11.75 13.95 -15.29
CA GLU C 348 -11.09 14.85 -16.24
C GLU C 348 -11.90 16.12 -16.54
N ILE C 349 -13.23 16.03 -16.48
CA ILE C 349 -14.07 17.22 -16.65
C ILE C 349 -14.15 18.05 -15.36
N ALA C 350 -13.88 17.41 -14.23
CA ALA C 350 -13.78 18.11 -12.95
C ALA C 350 -12.49 18.91 -12.88
N ALA C 351 -11.40 18.32 -13.40
CA ALA C 351 -10.10 18.99 -13.44
C ALA C 351 -10.10 20.17 -14.41
N ASP C 352 -10.83 20.03 -15.52
CA ASP C 352 -11.00 21.11 -16.49
C ASP C 352 -11.78 22.27 -15.87
N PHE C 353 -12.92 21.96 -15.24
CA PHE C 353 -13.70 22.93 -14.47
C PHE C 353 -12.84 23.69 -13.45
N ALA C 354 -11.96 22.95 -12.78
CA ALA C 354 -11.08 23.48 -11.73
C ALA C 354 -10.13 24.55 -12.26
N GLN C 355 -9.38 24.23 -13.31
CA GLN C 355 -8.49 25.21 -13.94
C GLN C 355 -9.18 26.03 -15.03
N ASP C 356 -10.50 26.19 -14.86
CA ASP C 356 -11.32 27.11 -15.66
C ASP C 356 -11.46 26.74 -17.14
N LYS C 357 -11.04 25.52 -17.48
CA LYS C 357 -11.10 25.02 -18.85
C LYS C 357 -12.51 24.66 -19.32
N LYS C 358 -12.63 24.44 -20.63
CA LYS C 358 -13.90 24.21 -21.29
C LYS C 358 -14.09 22.73 -21.63
N SER C 359 -15.21 22.17 -21.19
CA SER C 359 -15.53 20.77 -21.46
C SER C 359 -15.91 20.58 -22.92
N ASP C 360 -15.25 19.63 -23.57
CA ASP C 360 -15.41 19.40 -25.00
C ASP C 360 -16.83 18.89 -25.35
N PHE C 361 -17.31 17.92 -24.57
CA PHE C 361 -18.65 17.36 -24.74
C PHE C 361 -19.68 18.35 -24.24
N ASP C 362 -20.89 18.31 -24.78
CA ASP C 362 -21.98 19.12 -24.24
C ASP C 362 -22.71 18.35 -23.15
N LEU C 363 -22.96 19.03 -22.05
CA LEU C 363 -23.54 18.42 -20.85
C LEU C 363 -24.95 18.93 -20.59
N THR C 364 -25.60 19.41 -21.64
CA THR C 364 -26.98 19.92 -21.56
C THR C 364 -27.97 18.84 -21.07
N PRO C 365 -27.89 17.61 -21.59
CA PRO C 365 -28.81 16.59 -21.10
C PRO C 365 -28.62 16.24 -19.61
N PHE C 366 -27.59 16.81 -19.00
CA PHE C 366 -27.29 16.55 -17.58
C PHE C 366 -27.50 17.77 -16.67
N ARG C 367 -28.42 18.66 -17.07
CA ARG C 367 -28.80 19.83 -16.26
C ARG C 367 -29.56 19.43 -15.01
N LEU C 368 -29.43 20.23 -13.96
CA LEU C 368 -30.24 20.08 -12.78
C LEU C 368 -31.61 20.74 -13.01
N SER C 369 -31.71 21.48 -14.11
CA SER C 369 -32.92 22.21 -14.50
C SER C 369 -34.14 21.30 -14.80
N ARG C 370 -33.87 20.12 -15.35
CA ARG C 370 -34.92 19.13 -15.60
C ARG C 370 -35.34 18.43 -14.31
N LYS D 2 -16.67 -10.64 48.40
CA LYS D 2 -18.09 -10.29 48.09
C LYS D 2 -18.84 -11.40 47.35
N TYR D 3 -18.12 -12.19 46.55
CA TYR D 3 -18.67 -13.40 45.95
C TYR D 3 -17.77 -14.61 46.19
N ASP D 4 -18.34 -15.80 46.05
CA ASP D 4 -17.59 -17.04 46.12
C ASP D 4 -16.93 -17.33 44.79
N LEU D 5 -17.59 -16.89 43.71
CA LEU D 5 -17.14 -17.15 42.37
C LEU D 5 -17.63 -16.07 41.42
N ILE D 6 -16.78 -15.70 40.47
CA ILE D 6 -17.19 -14.83 39.36
C ILE D 6 -17.01 -15.62 38.07
N ILE D 7 -18.04 -15.58 37.22
CA ILE D 7 -17.96 -16.24 35.91
C ILE D 7 -17.87 -15.19 34.81
N ILE D 8 -16.72 -15.16 34.14
CA ILE D 8 -16.41 -14.14 33.12
C ILE D 8 -17.27 -14.28 31.86
N GLY D 9 -17.39 -15.50 31.34
CA GLY D 9 -18.17 -15.72 30.13
C GLY D 9 -19.37 -16.62 30.33
N SER D 10 -20.49 -16.03 30.75
CA SER D 10 -21.72 -16.79 30.99
C SER D 10 -22.45 -17.15 29.69
N GLY D 11 -21.76 -17.90 28.83
CA GLY D 11 -22.30 -18.35 27.55
C GLY D 11 -22.76 -19.79 27.64
N SER D 12 -22.10 -20.67 26.88
CA SER D 12 -22.48 -22.09 26.87
C SER D 12 -21.85 -22.88 28.01
N VAL D 13 -20.58 -22.58 28.30
CA VAL D 13 -19.87 -23.16 29.44
C VAL D 13 -20.26 -22.41 30.70
N GLY D 14 -20.33 -21.08 30.59
CA GLY D 14 -20.61 -20.21 31.72
C GLY D 14 -21.92 -20.48 32.39
N ALA D 15 -22.99 -20.50 31.60
CA ALA D 15 -24.35 -20.70 32.11
C ALA D 15 -24.46 -22.01 32.89
N ALA D 16 -23.85 -23.07 32.36
CA ALA D 16 -23.76 -24.36 33.03
C ALA D 16 -23.11 -24.21 34.40
N ALA D 17 -21.92 -23.59 34.41
CA ALA D 17 -21.18 -23.33 35.65
C ALA D 17 -21.98 -22.48 36.62
N GLY D 18 -22.79 -21.56 36.08
CA GLY D 18 -23.57 -20.62 36.87
C GLY D 18 -24.69 -21.29 37.63
N TYR D 19 -25.53 -22.03 36.90
CA TYR D 19 -26.62 -22.80 37.50
C TYR D 19 -26.09 -23.85 38.49
N TYR D 20 -25.05 -24.59 38.09
CA TYR D 20 -24.47 -25.66 38.90
C TYR D 20 -23.82 -25.18 40.19
N ALA D 21 -23.13 -24.04 40.13
CA ALA D 21 -22.49 -23.44 41.30
C ALA D 21 -23.53 -22.88 42.27
N THR D 22 -24.55 -22.22 41.70
CA THR D 22 -25.63 -21.61 42.47
C THR D 22 -26.53 -22.66 43.12
N ARG D 23 -26.82 -23.74 42.38
CA ARG D 23 -27.59 -24.88 42.89
C ARG D 23 -26.86 -25.55 44.06
N ALA D 24 -25.54 -25.56 43.99
CA ALA D 24 -24.68 -26.17 45.03
C ALA D 24 -24.49 -25.26 46.25
N GLY D 25 -25.10 -24.08 46.21
CA GLY D 25 -25.14 -23.18 47.37
C GLY D 25 -23.98 -22.20 47.47
N LEU D 26 -23.68 -21.52 46.36
CA LEU D 26 -22.60 -20.53 46.33
C LEU D 26 -23.09 -19.16 45.89
N ASN D 27 -22.53 -18.12 46.50
CA ASN D 27 -22.85 -16.74 46.14
C ASN D 27 -22.04 -16.32 44.92
N VAL D 28 -22.70 -16.32 43.76
CA VAL D 28 -22.00 -16.22 42.47
C VAL D 28 -22.42 -14.99 41.65
N LEU D 29 -21.48 -14.51 40.84
CA LEU D 29 -21.75 -13.46 39.86
C LEU D 29 -21.46 -14.01 38.47
N MET D 30 -22.48 -13.97 37.61
CA MET D 30 -22.33 -14.37 36.22
C MET D 30 -22.28 -13.13 35.33
N THR D 31 -21.17 -12.98 34.61
CA THR D 31 -20.99 -11.82 33.74
C THR D 31 -20.89 -12.24 32.27
N ASP D 32 -21.17 -11.30 31.39
CA ASP D 32 -21.09 -11.51 29.96
C ASP D 32 -20.74 -10.18 29.27
N ALA D 33 -20.74 -10.18 27.94
CA ALA D 33 -20.60 -8.94 27.18
C ALA D 33 -21.94 -8.52 26.60
N HIS D 34 -22.83 -9.50 26.43
CA HIS D 34 -24.11 -9.29 25.77
C HIS D 34 -25.24 -9.97 26.53
N MET D 35 -26.33 -10.29 25.82
CA MET D 35 -27.46 -11.03 26.38
C MET D 35 -27.33 -12.53 26.06
N PRO D 36 -26.82 -13.31 27.04
CA PRO D 36 -26.25 -14.65 26.95
C PRO D 36 -26.69 -15.58 25.82
N PRO D 37 -28.01 -15.78 25.60
CA PRO D 37 -28.35 -16.44 24.33
C PRO D 37 -28.36 -15.44 23.15
N HIS D 38 -27.19 -15.23 22.54
CA HIS D 38 -27.03 -14.19 21.51
C HIS D 38 -26.30 -14.66 20.24
N GLN D 39 -25.92 -13.70 19.38
CA GLN D 39 -25.32 -13.98 18.07
C GLN D 39 -23.82 -13.63 18.00
N HIS D 40 -23.32 -12.98 19.05
CA HIS D 40 -21.95 -12.50 19.08
C HIS D 40 -20.98 -13.53 19.65
N GLY D 41 -21.53 -14.65 20.12
CA GLY D 41 -20.73 -15.73 20.66
C GLY D 41 -20.57 -16.87 19.69
N SER D 42 -20.43 -18.08 20.23
CA SER D 42 -20.27 -19.28 19.43
C SER D 42 -21.38 -20.29 19.74
N HIS D 43 -22.46 -19.81 20.34
CA HIS D 43 -23.55 -20.67 20.78
C HIS D 43 -24.85 -20.45 19.97
N HIS D 44 -24.86 -19.42 19.13
CA HIS D 44 -26.02 -19.14 18.27
C HIS D 44 -26.21 -20.22 17.19
N GLY D 45 -27.21 -20.02 16.34
CA GLY D 45 -27.66 -21.08 15.44
C GLY D 45 -28.59 -21.98 16.25
N ASP D 46 -29.21 -22.94 15.60
CA ASP D 46 -30.25 -23.72 16.26
C ASP D 46 -29.69 -24.85 17.09
N THR D 47 -28.80 -25.63 16.49
CA THR D 47 -28.45 -26.95 17.02
C THR D 47 -26.94 -27.20 17.10
N ARG D 48 -26.56 -28.05 18.05
CA ARG D 48 -25.18 -28.53 18.16
C ARG D 48 -25.18 -30.05 18.24
N LEU D 49 -24.16 -30.66 17.65
CA LEU D 49 -24.07 -32.11 17.59
C LEU D 49 -23.54 -32.69 18.89
N ILE D 50 -24.00 -33.89 19.25
CA ILE D 50 -23.48 -34.64 20.40
C ILE D 50 -23.22 -36.11 20.04
N ARG D 51 -21.96 -36.53 20.20
CA ARG D 51 -21.52 -37.88 19.88
C ARG D 51 -20.85 -38.52 21.09
N HIS D 52 -20.89 -39.84 21.17
CA HIS D 52 -20.28 -40.55 22.30
C HIS D 52 -18.97 -41.25 21.92
N ALA D 53 -19.05 -42.20 20.99
CA ALA D 53 -17.85 -42.89 20.50
C ALA D 53 -17.00 -41.91 19.71
N TYR D 54 -16.14 -41.20 20.43
CA TYR D 54 -15.47 -40.03 19.89
C TYR D 54 -14.29 -40.37 18.98
N GLY D 55 -14.23 -39.68 17.85
CA GLY D 55 -13.20 -39.91 16.83
C GLY D 55 -12.04 -38.93 16.91
N GLU D 56 -12.22 -37.87 17.69
CA GLU D 56 -11.15 -36.90 17.94
C GLU D 56 -10.14 -37.47 18.94
N GLY D 57 -10.61 -38.37 19.80
CA GLY D 57 -9.75 -38.99 20.80
C GLY D 57 -10.47 -39.74 21.90
N GLU D 58 -9.81 -40.78 22.41
CA GLU D 58 -10.31 -41.59 23.50
C GLU D 58 -10.47 -40.77 24.80
N LYS D 59 -9.64 -39.73 24.92
CA LYS D 59 -9.57 -38.92 26.15
C LYS D 59 -10.86 -38.18 26.51
N TYR D 60 -11.75 -38.02 25.54
CA TYR D 60 -12.98 -37.27 25.72
C TYR D 60 -14.15 -38.11 26.24
N VAL D 61 -14.12 -39.41 25.97
CA VAL D 61 -15.27 -40.29 26.18
C VAL D 61 -15.87 -40.26 27.59
N PRO D 62 -15.03 -40.43 28.64
CA PRO D 62 -15.63 -40.39 29.98
C PRO D 62 -16.32 -39.06 30.29
N LEU D 63 -15.81 -37.97 29.73
CA LEU D 63 -16.37 -36.64 29.94
C LEU D 63 -17.71 -36.46 29.23
N VAL D 64 -17.77 -36.86 27.95
CA VAL D 64 -18.99 -36.70 27.16
C VAL D 64 -20.13 -37.58 27.67
N LEU D 65 -19.78 -38.72 28.27
CA LEU D 65 -20.75 -39.60 28.90
C LEU D 65 -21.41 -38.91 30.09
N ARG D 66 -20.61 -38.20 30.87
CA ARG D 66 -21.09 -37.43 32.01
C ARG D 66 -21.94 -36.26 31.53
N ALA D 67 -21.53 -35.68 30.40
CA ALA D 67 -22.26 -34.57 29.80
C ALA D 67 -23.68 -35.00 29.43
N GLN D 68 -23.77 -36.08 28.65
CA GLN D 68 -25.06 -36.64 28.23
C GLN D 68 -26.03 -36.85 29.40
N MET D 69 -25.52 -37.39 30.50
CA MET D 69 -26.29 -37.53 31.74
C MET D 69 -26.91 -36.20 32.15
N LEU D 70 -26.09 -35.16 32.17
CA LEU D 70 -26.51 -33.84 32.64
C LEU D 70 -27.49 -33.16 31.69
N TRP D 71 -27.32 -33.43 30.39
CA TRP D 71 -28.25 -32.94 29.37
C TRP D 71 -29.64 -33.55 29.56
N ASP D 72 -29.69 -34.82 29.94
CA ASP D 72 -30.96 -35.50 30.22
C ASP D 72 -31.65 -34.84 31.40
N GLU D 73 -30.86 -34.43 32.40
CA GLU D 73 -31.37 -33.70 33.56
C GLU D 73 -31.84 -32.32 33.20
N LEU D 74 -31.10 -31.63 32.33
CA LEU D 74 -31.47 -30.30 31.86
C LEU D 74 -32.72 -30.39 31.00
N SER D 75 -32.75 -31.37 30.10
CA SER D 75 -33.86 -31.59 29.19
C SER D 75 -35.15 -31.82 29.97
N ARG D 76 -35.01 -32.31 31.20
CA ARG D 76 -36.12 -32.63 32.09
C ARG D 76 -36.87 -31.39 32.56
N HIS D 77 -36.19 -30.25 32.61
CA HIS D 77 -36.79 -28.99 33.06
C HIS D 77 -37.81 -28.41 32.08
N ASN D 78 -37.75 -28.87 30.83
CA ASN D 78 -38.65 -28.40 29.79
C ASN D 78 -39.17 -29.56 28.94
N GLU D 79 -40.36 -30.04 29.28
CA GLU D 79 -40.99 -31.14 28.53
C GLU D 79 -41.62 -30.66 27.22
N ASP D 80 -42.01 -29.38 27.19
CA ASP D 80 -42.56 -28.73 26.00
C ASP D 80 -41.56 -28.73 24.83
N ASP D 81 -40.31 -28.38 25.13
CA ASP D 81 -39.24 -28.46 24.14
C ASP D 81 -38.05 -29.24 24.68
N PRO D 82 -37.77 -30.41 24.08
CA PRO D 82 -36.57 -31.16 24.45
C PRO D 82 -35.33 -30.36 24.07
N ILE D 83 -34.37 -30.31 24.99
CA ILE D 83 -33.06 -29.72 24.73
C ILE D 83 -32.20 -30.71 23.95
N PHE D 84 -32.17 -31.96 24.42
CA PHE D 84 -31.49 -33.02 23.68
C PHE D 84 -32.48 -33.88 22.90
N VAL D 85 -32.34 -33.87 21.58
CA VAL D 85 -33.18 -34.66 20.70
C VAL D 85 -32.36 -35.85 20.21
N ARG D 86 -32.78 -37.05 20.59
CA ARG D 86 -32.06 -38.28 20.23
C ARG D 86 -32.34 -38.71 18.78
N SER D 87 -31.70 -38.00 17.85
CA SER D 87 -31.85 -38.28 16.42
C SER D 87 -30.98 -39.44 15.98
N GLY D 88 -29.91 -39.68 16.74
CA GLY D 88 -28.89 -40.64 16.36
C GLY D 88 -27.89 -39.99 15.42
N VAL D 89 -26.61 -40.29 15.62
CA VAL D 89 -25.56 -39.78 14.75
C VAL D 89 -24.96 -40.93 13.96
N ILE D 90 -24.81 -40.71 12.66
CA ILE D 90 -24.18 -41.68 11.78
C ILE D 90 -22.83 -41.14 11.31
N ASN D 91 -21.77 -41.89 11.62
CA ASN D 91 -20.41 -41.51 11.24
C ASN D 91 -20.05 -42.13 9.90
N LEU D 92 -19.76 -41.29 8.91
CA LEU D 92 -19.44 -41.76 7.56
C LEU D 92 -17.99 -41.46 7.15
N GLY D 93 -17.46 -42.29 6.25
CA GLY D 93 -16.11 -42.14 5.75
C GLY D 93 -15.61 -43.39 5.07
N PRO D 94 -14.37 -43.35 4.53
CA PRO D 94 -13.73 -44.57 4.03
C PRO D 94 -13.39 -45.51 5.17
N ALA D 95 -13.29 -46.80 4.88
CA ALA D 95 -13.03 -47.82 5.89
C ALA D 95 -11.69 -47.62 6.62
N ASP D 96 -10.70 -47.08 5.93
CA ASP D 96 -9.35 -46.92 6.48
C ASP D 96 -9.06 -45.55 7.11
N SER D 97 -10.09 -44.89 7.66
CA SER D 97 -9.89 -43.57 8.26
C SER D 97 -9.44 -43.65 9.71
N THR D 98 -8.52 -42.78 10.09
CA THR D 98 -8.02 -42.71 11.47
C THR D 98 -9.13 -42.33 12.45
N PHE D 99 -10.04 -41.45 11.99
CA PHE D 99 -11.16 -40.96 12.80
C PHE D 99 -12.14 -42.07 13.19
N LEU D 100 -12.63 -42.81 12.19
CA LEU D 100 -13.57 -43.91 12.42
C LEU D 100 -12.94 -45.05 13.23
N ALA D 101 -11.63 -45.20 13.10
CA ALA D 101 -10.87 -46.17 13.90
C ALA D 101 -11.05 -45.89 15.39
N ASN D 102 -10.94 -44.61 15.75
CA ASN D 102 -11.15 -44.17 17.13
C ASN D 102 -12.60 -44.39 17.58
N VAL D 103 -13.54 -44.14 16.67
CA VAL D 103 -14.95 -44.35 16.95
C VAL D 103 -15.23 -45.83 17.28
N ALA D 104 -14.59 -46.74 16.54
CA ALA D 104 -14.74 -48.18 16.79
C ALA D 104 -14.07 -48.61 18.10
N HIS D 105 -12.87 -48.09 18.35
CA HIS D 105 -12.10 -48.42 19.55
C HIS D 105 -12.80 -47.91 20.82
N SER D 106 -13.39 -46.73 20.73
CA SER D 106 -14.11 -46.12 21.86
C SER D 106 -15.42 -46.84 22.14
N ALA D 107 -16.11 -47.23 21.07
CA ALA D 107 -17.37 -47.95 21.17
C ALA D 107 -17.21 -49.24 21.96
N GLU D 108 -16.14 -49.98 21.66
CA GLU D 108 -15.82 -51.26 22.29
C GLU D 108 -15.51 -51.08 23.77
N GLN D 109 -14.63 -50.13 24.09
CA GLN D 109 -14.16 -49.90 25.45
C GLN D 109 -15.26 -49.54 26.45
N TRP D 110 -16.04 -48.52 26.12
CA TRP D 110 -17.06 -48.03 27.05
C TRP D 110 -18.45 -48.67 26.88
N GLN D 111 -18.49 -49.77 26.11
CA GLN D 111 -19.72 -50.54 25.89
C GLN D 111 -20.82 -49.68 25.29
N LEU D 112 -20.48 -48.99 24.19
CA LEU D 112 -21.38 -48.03 23.58
C LEU D 112 -22.23 -48.64 22.49
N ASN D 113 -23.46 -48.15 22.38
CA ASN D 113 -24.42 -48.64 21.40
C ASN D 113 -24.11 -48.14 19.98
N VAL D 114 -23.14 -48.78 19.33
CA VAL D 114 -22.73 -48.41 17.98
C VAL D 114 -22.89 -49.59 17.02
N GLU D 115 -23.54 -49.33 15.88
CA GLU D 115 -23.71 -50.33 14.85
C GLU D 115 -22.71 -50.13 13.71
N LYS D 116 -21.82 -51.11 13.52
CA LYS D 116 -20.93 -51.10 12.37
C LYS D 116 -21.76 -51.41 11.11
N LEU D 117 -21.84 -50.43 10.22
CA LEU D 117 -22.77 -50.51 9.10
C LEU D 117 -22.07 -50.59 7.74
N ASP D 118 -22.75 -51.26 6.82
CA ASP D 118 -22.21 -51.59 5.50
C ASP D 118 -22.34 -50.42 4.54
N ALA D 119 -21.50 -50.41 3.51
CA ALA D 119 -21.64 -49.45 2.41
C ALA D 119 -23.01 -49.61 1.77
N GLN D 120 -23.35 -50.85 1.41
CA GLN D 120 -24.67 -51.18 0.86
C GLN D 120 -25.78 -51.06 1.91
N GLY D 121 -25.40 -51.19 3.18
CA GLY D 121 -26.35 -51.19 4.30
C GLY D 121 -26.93 -49.83 4.62
N ILE D 122 -26.11 -48.78 4.56
CA ILE D 122 -26.55 -47.42 4.83
C ILE D 122 -27.48 -46.91 3.74
N MET D 123 -27.07 -47.08 2.48
CA MET D 123 -27.90 -46.72 1.32
C MET D 123 -29.24 -47.46 1.33
N ALA D 124 -29.25 -48.67 1.88
CA ALA D 124 -30.45 -49.48 2.00
C ALA D 124 -31.31 -49.05 3.18
N ARG D 125 -30.67 -48.46 4.19
CA ARG D 125 -31.39 -48.00 5.39
C ARG D 125 -31.92 -46.57 5.21
N TRP D 126 -31.07 -45.70 4.69
CA TRP D 126 -31.45 -44.32 4.36
C TRP D 126 -31.13 -44.05 2.89
N PRO D 127 -32.12 -44.22 2.01
CA PRO D 127 -31.93 -44.13 0.56
C PRO D 127 -31.36 -42.80 0.06
N GLU D 128 -31.54 -41.74 0.84
CA GLU D 128 -31.07 -40.40 0.44
C GLU D 128 -29.60 -40.15 0.74
N ILE D 129 -28.97 -41.10 1.43
CA ILE D 129 -27.52 -41.08 1.63
C ILE D 129 -26.85 -41.88 0.52
N ARG D 130 -25.83 -41.28 -0.11
CA ARG D 130 -25.15 -41.88 -1.25
C ARG D 130 -23.64 -41.92 -1.01
N VAL D 131 -23.14 -43.11 -0.70
CA VAL D 131 -21.72 -43.32 -0.41
C VAL D 131 -21.06 -44.22 -1.46
N PRO D 132 -19.77 -43.99 -1.74
CA PRO D 132 -19.01 -44.90 -2.59
C PRO D 132 -18.89 -46.31 -1.98
N ASP D 133 -18.58 -47.29 -2.80
CA ASP D 133 -18.58 -48.70 -2.39
C ASP D 133 -17.50 -49.08 -1.36
N ASN D 134 -16.39 -48.34 -1.35
CA ASN D 134 -15.32 -48.57 -0.37
C ASN D 134 -15.59 -47.95 1.01
N TYR D 135 -16.65 -47.14 1.10
CA TYR D 135 -17.03 -46.42 2.33
C TYR D 135 -17.64 -47.31 3.42
N ILE D 136 -17.50 -46.86 4.67
CA ILE D 136 -18.02 -47.57 5.85
C ILE D 136 -18.61 -46.59 6.87
N GLY D 137 -19.73 -46.97 7.47
CA GLY D 137 -20.42 -46.12 8.44
C GLY D 137 -20.61 -46.72 9.82
N LEU D 138 -20.49 -45.90 10.85
CA LEU D 138 -20.75 -46.33 12.22
C LEU D 138 -21.92 -45.52 12.79
N PHE D 139 -23.01 -46.22 13.11
CA PHE D 139 -24.23 -45.56 13.55
C PHE D 139 -24.44 -45.61 15.06
N GLU D 140 -24.44 -44.43 15.66
CA GLU D 140 -24.68 -44.30 17.09
C GLU D 140 -26.15 -44.02 17.33
N THR D 141 -26.79 -44.85 18.13
CA THR D 141 -28.23 -44.76 18.36
C THR D 141 -28.54 -43.79 19.48
N ASP D 142 -27.79 -43.90 20.58
CA ASP D 142 -28.05 -43.08 21.77
C ASP D 142 -27.70 -41.59 21.58
N SER D 143 -26.91 -41.29 20.55
CA SER D 143 -26.50 -39.92 20.23
C SER D 143 -27.64 -39.10 19.62
N GLY D 144 -27.29 -37.91 19.13
CA GLY D 144 -28.27 -37.00 18.52
C GLY D 144 -27.74 -35.58 18.48
N PHE D 145 -28.60 -34.62 18.84
CA PHE D 145 -28.21 -33.21 18.86
C PHE D 145 -28.80 -32.41 20.04
N LEU D 146 -28.42 -31.14 20.12
CA LEU D 146 -28.75 -30.29 21.26
C LEU D 146 -29.29 -28.93 20.82
N ARG D 147 -30.32 -28.46 21.51
CA ARG D 147 -30.82 -27.10 21.33
C ARG D 147 -29.92 -26.17 22.15
N SER D 148 -28.91 -25.61 21.49
CA SER D 148 -27.89 -24.80 22.15
C SER D 148 -28.43 -23.51 22.78
N GLU D 149 -29.19 -22.75 21.99
CA GLU D 149 -29.76 -21.48 22.46
C GLU D 149 -30.68 -21.66 23.67
N LEU D 150 -31.56 -22.66 23.59
CA LEU D 150 -32.49 -22.99 24.67
C LEU D 150 -31.75 -23.36 25.96
N ALA D 151 -30.66 -24.12 25.81
CA ALA D 151 -29.85 -24.58 26.94
C ALA D 151 -29.29 -23.43 27.76
N ILE D 152 -28.77 -22.42 27.07
CA ILE D 152 -28.31 -21.19 27.72
C ILE D 152 -29.50 -20.50 28.39
N LYS D 153 -30.60 -20.37 27.64
CA LYS D 153 -31.82 -19.71 28.11
C LYS D 153 -32.33 -20.32 29.41
N THR D 154 -32.42 -21.64 29.47
CA THR D 154 -32.93 -22.33 30.65
C THR D 154 -31.94 -22.35 31.81
N TRP D 155 -30.64 -22.40 31.51
CA TRP D 155 -29.61 -22.32 32.55
C TRP D 155 -29.61 -20.95 33.22
N ILE D 156 -29.62 -19.91 32.42
CA ILE D 156 -29.74 -18.54 32.92
C ILE D 156 -30.95 -18.41 33.83
N GLN D 157 -32.13 -18.81 33.34
CA GLN D 157 -33.37 -18.64 34.07
C GLN D 157 -33.47 -19.47 35.35
N LEU D 158 -32.90 -20.66 35.32
CA LEU D 158 -32.80 -21.47 36.54
C LEU D 158 -31.77 -20.91 37.51
N ALA D 159 -30.70 -20.34 36.98
CA ALA D 159 -29.65 -19.73 37.81
C ALA D 159 -30.18 -18.47 38.51
N LYS D 160 -30.93 -17.66 37.76
CA LYS D 160 -31.43 -16.38 38.25
C LYS D 160 -32.40 -16.56 39.41
N GLU D 161 -33.28 -17.55 39.31
CA GLU D 161 -34.29 -17.81 40.33
C GLU D 161 -33.68 -18.39 41.61
N ALA D 162 -32.60 -19.16 41.45
CA ALA D 162 -31.92 -19.77 42.59
C ALA D 162 -31.11 -18.76 43.42
N GLY D 163 -31.18 -17.48 43.01
CA GLY D 163 -30.60 -16.37 43.77
C GLY D 163 -29.30 -15.78 43.24
N CYS D 164 -28.88 -16.21 42.05
CA CYS D 164 -27.59 -15.77 41.48
C CYS D 164 -27.62 -14.35 40.91
N ALA D 165 -26.52 -13.64 41.12
CA ALA D 165 -26.37 -12.28 40.62
C ALA D 165 -25.85 -12.29 39.18
N GLN D 166 -26.52 -11.54 38.30
CA GLN D 166 -26.21 -11.56 36.87
C GLN D 166 -26.05 -10.14 36.30
N LEU D 167 -24.82 -9.82 35.92
CA LEU D 167 -24.51 -8.57 35.25
C LEU D 167 -24.09 -8.91 33.83
N PHE D 168 -24.96 -8.67 32.86
CA PHE D 168 -24.76 -9.23 31.53
C PHE D 168 -24.10 -8.34 30.48
N ASN D 169 -24.79 -7.32 29.99
CA ASN D 169 -24.24 -6.49 28.92
C ASN D 169 -23.05 -5.62 29.33
N CYS D 170 -22.30 -6.08 30.33
CA CYS D 170 -21.16 -5.34 30.87
C CYS D 170 -19.86 -6.13 30.67
N PRO D 171 -19.22 -6.00 29.48
CA PRO D 171 -18.00 -6.71 29.15
C PRO D 171 -16.91 -6.53 30.20
N VAL D 172 -16.22 -7.61 30.54
CA VAL D 172 -15.10 -7.57 31.48
C VAL D 172 -13.85 -7.11 30.74
N THR D 173 -13.27 -6.00 31.19
CA THR D 173 -12.11 -5.39 30.54
C THR D 173 -10.79 -5.94 31.06
N ALA D 174 -10.76 -6.34 32.33
CA ALA D 174 -9.55 -6.90 32.94
C ALA D 174 -9.82 -7.81 34.15
N ILE D 175 -8.86 -8.71 34.42
CA ILE D 175 -8.89 -9.56 35.59
C ILE D 175 -7.65 -9.28 36.43
N ARG D 176 -7.88 -9.03 37.73
CA ARG D 176 -6.81 -8.63 38.65
C ARG D 176 -6.66 -9.61 39.81
N HIS D 177 -5.48 -9.63 40.42
CA HIS D 177 -5.15 -10.59 41.48
C HIS D 177 -4.53 -9.96 42.72
N ASP D 178 -4.83 -10.58 43.87
CA ASP D 178 -4.11 -10.35 45.12
C ASP D 178 -3.77 -11.70 45.78
N ASP D 179 -3.91 -11.80 47.10
CA ASP D 179 -3.64 -13.05 47.80
C ASP D 179 -4.91 -13.86 48.03
N ASP D 180 -5.96 -13.15 48.44
CA ASP D 180 -7.20 -13.80 48.87
C ASP D 180 -8.10 -14.25 47.72
N GLY D 181 -8.16 -13.46 46.66
CA GLY D 181 -9.01 -13.81 45.52
C GLY D 181 -8.79 -13.07 44.22
N VAL D 182 -9.84 -13.03 43.41
CA VAL D 182 -9.81 -12.44 42.07
C VAL D 182 -10.77 -11.25 42.04
N THR D 183 -10.31 -10.13 41.50
CA THR D 183 -11.16 -8.96 41.28
C THR D 183 -11.24 -8.66 39.78
N ILE D 184 -12.46 -8.44 39.29
CA ILE D 184 -12.68 -8.15 37.86
C ILE D 184 -13.27 -6.77 37.66
N GLU D 185 -12.53 -5.92 36.95
CA GLU D 185 -12.99 -4.58 36.64
C GLU D 185 -13.73 -4.55 35.30
N THR D 186 -14.86 -3.87 35.29
CA THR D 186 -15.64 -3.67 34.09
C THR D 186 -15.64 -2.19 33.73
N ALA D 187 -16.45 -1.81 32.75
CA ALA D 187 -16.61 -0.41 32.39
C ALA D 187 -17.41 0.34 33.45
N ASP D 188 -18.27 -0.38 34.17
CA ASP D 188 -19.18 0.22 35.15
C ASP D 188 -18.78 0.03 36.61
N GLY D 189 -18.05 -1.03 36.91
CA GLY D 189 -17.71 -1.35 38.29
C GLY D 189 -16.54 -2.29 38.52
N GLU D 190 -16.31 -2.59 39.80
CA GLU D 190 -15.25 -3.50 40.25
C GLU D 190 -15.83 -4.49 41.24
N TYR D 191 -15.61 -5.79 40.98
CA TYR D 191 -16.16 -6.84 41.81
C TYR D 191 -15.04 -7.81 42.21
N GLN D 192 -15.29 -8.61 43.25
CA GLN D 192 -14.27 -9.55 43.76
C GLN D 192 -14.84 -10.84 44.33
N ALA D 193 -14.11 -11.93 44.09
CA ALA D 193 -14.46 -13.24 44.64
C ALA D 193 -13.21 -14.00 45.06
N LYS D 194 -13.39 -15.08 45.81
CA LYS D 194 -12.26 -15.91 46.26
C LYS D 194 -11.73 -16.80 45.14
N LYS D 195 -12.59 -17.10 44.16
CA LYS D 195 -12.27 -17.92 43.00
C LYS D 195 -13.04 -17.43 41.78
N ALA D 196 -12.50 -17.69 40.59
CA ALA D 196 -13.14 -17.24 39.35
C ALA D 196 -12.96 -18.22 38.21
N ILE D 197 -13.91 -18.22 37.28
CA ILE D 197 -13.79 -19.01 36.05
C ILE D 197 -13.78 -18.13 34.81
N VAL D 198 -12.81 -18.37 33.93
CA VAL D 198 -12.65 -17.63 32.69
C VAL D 198 -13.11 -18.49 31.52
N CYS D 199 -14.29 -18.18 30.99
CA CYS D 199 -14.89 -18.94 29.90
C CYS D 199 -15.51 -18.02 28.85
N ALA D 200 -14.75 -17.02 28.43
CA ALA D 200 -15.23 -16.00 27.49
C ALA D 200 -15.46 -16.54 26.07
N GLY D 201 -15.04 -17.78 25.84
CA GLY D 201 -15.15 -18.39 24.53
C GLY D 201 -14.12 -17.85 23.55
N THR D 202 -14.58 -17.50 22.36
CA THR D 202 -13.72 -17.15 21.23
C THR D 202 -12.88 -15.90 21.46
N TRP D 203 -13.46 -14.91 22.12
CA TRP D 203 -12.84 -13.60 22.29
C TRP D 203 -12.22 -13.40 23.67
N VAL D 204 -11.72 -14.48 24.24
CA VAL D 204 -11.01 -14.42 25.51
C VAL D 204 -9.64 -13.76 25.32
N LYS D 205 -9.12 -13.85 24.10
CA LYS D 205 -7.74 -13.44 23.80
C LYS D 205 -7.48 -11.95 24.03
N ASP D 206 -8.52 -11.12 23.91
CA ASP D 206 -8.37 -9.69 24.19
C ASP D 206 -8.70 -9.33 25.65
N LEU D 207 -8.71 -10.36 26.50
CA LEU D 207 -8.73 -10.20 27.94
C LEU D 207 -7.45 -10.80 28.53
N LEU D 208 -7.13 -12.02 28.08
CA LEU D 208 -5.85 -12.65 28.34
C LEU D 208 -5.15 -12.84 27.00
N PRO D 209 -4.28 -11.90 26.61
CA PRO D 209 -3.62 -11.87 25.30
C PRO D 209 -2.59 -12.99 25.09
N GLU D 210 -2.04 -13.48 26.19
CA GLU D 210 -0.97 -14.48 26.17
C GLU D 210 -1.41 -15.82 25.59
N LEU D 211 -2.69 -16.13 25.78
CA LEU D 211 -3.24 -17.46 25.50
C LEU D 211 -3.00 -17.97 24.08
N PRO D 212 -2.72 -19.27 23.94
CA PRO D 212 -2.52 -19.88 22.65
C PRO D 212 -3.84 -20.36 22.04
N VAL D 213 -4.73 -19.42 21.78
CA VAL D 213 -5.99 -19.71 21.08
C VAL D 213 -6.19 -18.71 19.95
N GLN D 214 -6.71 -19.18 18.82
CA GLN D 214 -6.98 -18.30 17.70
C GLN D 214 -8.44 -18.40 17.25
N PRO D 215 -9.16 -17.27 17.27
CA PRO D 215 -10.47 -17.16 16.66
C PRO D 215 -10.42 -17.37 15.15
N VAL D 216 -11.06 -18.44 14.69
CA VAL D 216 -11.17 -18.70 13.26
C VAL D 216 -12.64 -18.53 12.88
N ARG D 217 -12.90 -17.70 11.87
CA ARG D 217 -14.25 -17.52 11.36
C ARG D 217 -14.74 -18.79 10.69
N LYS D 218 -15.87 -19.28 11.16
CA LYS D 218 -16.48 -20.48 10.62
C LYS D 218 -17.92 -20.23 10.23
N VAL D 219 -18.45 -21.06 9.33
CA VAL D 219 -19.77 -20.86 8.79
C VAL D 219 -20.58 -22.15 8.70
N PHE D 220 -21.82 -22.10 9.16
CA PHE D 220 -22.78 -23.16 8.88
C PHE D 220 -24.02 -22.61 8.17
N ALA D 221 -24.56 -23.40 7.25
CA ALA D 221 -25.63 -22.95 6.37
C ALA D 221 -26.80 -23.93 6.30
N TRP D 222 -27.97 -23.40 5.96
CA TRP D 222 -29.16 -24.22 5.75
C TRP D 222 -29.48 -24.35 4.25
N TYR D 223 -29.64 -25.59 3.80
CA TYR D 223 -29.90 -25.89 2.39
C TYR D 223 -31.29 -26.49 2.20
N GLN D 224 -31.84 -26.34 1.00
CA GLN D 224 -33.24 -26.69 0.74
C GLN D 224 -33.52 -28.20 0.68
N ALA D 225 -33.87 -28.77 1.83
CA ALA D 225 -34.23 -30.18 1.92
C ALA D 225 -35.74 -30.36 2.04
N ASP D 226 -36.18 -31.61 2.23
CA ASP D 226 -37.61 -31.91 2.40
C ASP D 226 -37.86 -33.02 3.42
N GLY D 227 -39.15 -33.34 3.64
CA GLY D 227 -39.61 -34.28 4.65
C GLY D 227 -38.86 -35.58 4.86
N ARG D 228 -38.28 -36.14 3.81
CA ARG D 228 -37.56 -37.41 3.92
C ARG D 228 -36.17 -37.24 4.55
N TYR D 229 -35.79 -35.99 4.78
CA TYR D 229 -34.56 -35.66 5.48
C TYR D 229 -34.85 -35.26 6.94
N SER D 230 -36.07 -35.52 7.41
CA SER D 230 -36.49 -35.11 8.76
C SER D 230 -36.38 -36.24 9.79
N VAL D 231 -36.46 -35.87 11.07
CA VAL D 231 -36.44 -36.82 12.19
C VAL D 231 -37.59 -37.84 12.11
N LYS D 232 -38.74 -37.39 11.60
CA LYS D 232 -39.90 -38.26 11.40
C LYS D 232 -39.58 -39.41 10.46
N ASN D 233 -38.93 -39.10 9.34
CA ASN D 233 -38.50 -40.12 8.38
C ASN D 233 -37.22 -40.85 8.83
N LYS D 234 -36.98 -40.86 10.13
CA LYS D 234 -35.83 -41.56 10.73
C LYS D 234 -34.47 -41.16 10.13
N PHE D 235 -34.33 -39.89 9.78
CA PHE D 235 -33.06 -39.40 9.25
C PHE D 235 -32.13 -38.97 10.40
N PRO D 236 -30.87 -39.43 10.36
CA PRO D 236 -29.93 -39.16 11.45
C PRO D 236 -29.03 -37.95 11.24
N ALA D 237 -28.54 -37.39 12.35
CA ALA D 237 -27.46 -36.41 12.33
C ALA D 237 -26.20 -37.15 11.93
N PHE D 238 -25.21 -36.44 11.37
CA PHE D 238 -24.08 -37.13 10.74
C PHE D 238 -22.73 -36.42 10.80
N THR D 239 -21.67 -37.21 10.74
CA THR D 239 -20.31 -36.73 10.51
C THR D 239 -19.72 -37.50 9.34
N GLY D 240 -19.23 -36.78 8.33
CA GLY D 240 -18.72 -37.41 7.11
C GLY D 240 -17.36 -36.93 6.68
N GLU D 241 -16.50 -37.88 6.31
CA GLU D 241 -15.18 -37.60 5.76
C GLU D 241 -15.15 -37.81 4.25
N LEU D 242 -14.61 -36.85 3.53
CA LEU D 242 -14.28 -37.03 2.12
C LEU D 242 -12.88 -37.69 2.01
N PRO D 243 -12.62 -38.40 0.90
CA PRO D 243 -11.37 -39.15 0.76
C PRO D 243 -10.08 -38.31 0.85
N ASN D 244 -10.20 -36.99 0.64
CA ASN D 244 -9.05 -36.09 0.81
C ASN D 244 -8.85 -35.65 2.26
N GLY D 245 -9.82 -35.94 3.12
CA GLY D 245 -9.70 -35.67 4.55
C GLY D 245 -10.72 -34.71 5.14
N ASP D 246 -11.40 -33.97 4.27
CA ASP D 246 -12.36 -32.94 4.69
C ASP D 246 -13.50 -33.53 5.54
N GLN D 247 -13.74 -32.91 6.70
CA GLN D 247 -14.79 -33.37 7.62
C GLN D 247 -16.03 -32.49 7.57
N TYR D 248 -17.18 -33.13 7.70
CA TYR D 248 -18.46 -32.41 7.65
C TYR D 248 -19.38 -32.90 8.76
N TYR D 249 -20.01 -31.95 9.45
CA TYR D 249 -21.03 -32.24 10.44
C TYR D 249 -22.38 -31.79 9.90
N GLY D 250 -23.44 -32.48 10.31
CA GLY D 250 -24.78 -32.20 9.77
C GLY D 250 -25.95 -32.63 10.61
N PHE D 251 -27.13 -32.10 10.27
CA PHE D 251 -28.33 -32.24 11.08
C PHE D 251 -29.55 -32.63 10.26
N PRO D 252 -30.50 -33.39 10.86
CA PRO D 252 -31.76 -33.71 10.19
C PRO D 252 -32.57 -32.45 9.91
N ALA D 253 -33.07 -32.34 8.68
CA ALA D 253 -33.79 -31.16 8.21
C ALA D 253 -34.87 -30.70 9.20
N GLU D 254 -34.89 -29.40 9.48
CA GLU D 254 -35.80 -28.85 10.47
C GLU D 254 -37.11 -28.41 9.82
N ASN D 255 -37.27 -27.12 9.57
CA ASN D 255 -38.50 -26.60 8.98
C ASN D 255 -38.72 -27.09 7.56
N ASP D 256 -37.66 -27.02 6.75
CA ASP D 256 -37.48 -27.88 5.57
C ASP D 256 -36.08 -27.61 5.04
N ALA D 257 -35.13 -27.55 5.97
CA ALA D 257 -33.77 -27.15 5.67
C ALA D 257 -32.76 -28.06 6.37
N LEU D 258 -31.81 -28.58 5.59
CA LEU D 258 -30.70 -29.37 6.10
C LEU D 258 -29.56 -28.42 6.47
N LYS D 259 -29.01 -28.58 7.68
CA LYS D 259 -27.87 -27.76 8.12
C LYS D 259 -26.54 -28.51 8.03
N ILE D 260 -25.62 -27.98 7.22
CA ILE D 260 -24.30 -28.59 7.04
C ILE D 260 -23.22 -27.62 7.52
N GLY D 261 -21.99 -28.12 7.61
CA GLY D 261 -20.83 -27.28 7.94
C GLY D 261 -19.54 -28.02 7.70
N LYS D 262 -18.58 -27.35 7.07
CA LYS D 262 -17.23 -27.89 6.93
C LYS D 262 -16.53 -27.64 8.25
N HIS D 263 -15.83 -28.65 8.76
CA HIS D 263 -15.13 -28.50 10.04
C HIS D 263 -13.72 -27.96 9.88
N ASN D 264 -12.98 -28.47 8.90
CA ASN D 264 -11.53 -28.30 8.88
C ASN D 264 -10.98 -27.04 8.20
N GLY D 265 -11.84 -26.26 7.55
CA GLY D 265 -11.40 -25.04 6.85
C GLY D 265 -11.40 -23.81 7.74
N GLY D 266 -11.83 -22.69 7.17
CA GLY D 266 -12.06 -21.46 7.94
C GLY D 266 -11.02 -20.37 7.78
N GLN D 267 -11.47 -19.12 7.82
CA GLN D 267 -10.60 -17.95 7.70
C GLN D 267 -10.22 -17.37 9.06
N VAL D 268 -8.94 -17.03 9.19
CA VAL D 268 -8.38 -16.51 10.44
C VAL D 268 -8.67 -15.02 10.62
N ILE D 269 -9.38 -14.71 11.70
CA ILE D 269 -9.73 -13.33 12.05
C ILE D 269 -9.18 -12.95 13.44
N HIS D 270 -9.06 -11.65 13.71
CA HIS D 270 -8.39 -11.17 14.93
C HIS D 270 -9.29 -10.36 15.86
N SER D 271 -10.30 -9.70 15.28
CA SER D 271 -11.20 -8.84 16.04
C SER D 271 -12.65 -9.26 15.83
N ALA D 272 -13.48 -9.08 16.86
CA ALA D 272 -14.90 -9.44 16.82
C ALA D 272 -15.63 -8.87 15.61
N ASP D 273 -15.16 -7.71 15.13
CA ASP D 273 -15.73 -7.04 13.98
C ASP D 273 -15.42 -7.74 12.65
N GLU D 274 -14.30 -8.46 12.62
CA GLU D 274 -13.81 -9.09 11.39
C GLU D 274 -14.63 -10.28 10.92
N ARG D 275 -15.48 -10.80 11.81
CA ARG D 275 -16.38 -11.91 11.47
C ARG D 275 -17.50 -11.39 10.58
N VAL D 276 -17.19 -11.25 9.29
CA VAL D 276 -18.14 -10.70 8.32
C VAL D 276 -19.36 -11.60 8.16
N PRO D 277 -20.54 -11.00 7.93
CA PRO D 277 -21.80 -11.72 7.79
C PRO D 277 -21.74 -12.89 6.81
N PHE D 278 -22.59 -13.89 7.04
CA PHE D 278 -22.55 -15.16 6.32
C PHE D 278 -22.10 -15.09 4.85
N ALA D 279 -22.90 -14.45 4.01
CA ALA D 279 -22.69 -14.52 2.56
C ALA D 279 -21.74 -13.45 1.99
N GLU D 280 -20.88 -12.90 2.84
CA GLU D 280 -19.92 -11.87 2.41
C GLU D 280 -18.56 -12.43 1.99
N VAL D 281 -18.19 -13.61 2.49
CA VAL D 281 -16.99 -14.30 2.00
C VAL D 281 -17.30 -15.44 1.04
N VAL D 282 -16.31 -15.76 0.20
CA VAL D 282 -16.50 -16.50 -1.05
C VAL D 282 -16.88 -17.98 -0.90
N SER D 283 -16.36 -18.62 0.14
CA SER D 283 -16.49 -20.06 0.29
C SER D 283 -17.84 -20.46 0.88
N ASP D 284 -18.44 -19.54 1.63
CA ASP D 284 -19.58 -19.83 2.51
C ASP D 284 -20.73 -20.59 1.87
N GLY D 285 -21.12 -20.18 0.66
CA GLY D 285 -22.18 -20.84 -0.07
C GLY D 285 -21.74 -22.16 -0.70
N SER D 286 -20.46 -22.24 -1.05
CA SER D 286 -19.90 -23.38 -1.79
C SER D 286 -19.10 -24.36 -0.93
N GLU D 287 -19.05 -24.11 0.37
CA GLU D 287 -18.23 -24.88 1.29
C GLU D 287 -18.78 -26.29 1.52
N ALA D 288 -20.11 -26.41 1.58
CA ALA D 288 -20.76 -27.68 1.85
C ALA D 288 -21.04 -28.51 0.59
N PHE D 289 -20.93 -27.86 -0.57
CA PHE D 289 -21.25 -28.49 -1.86
C PHE D 289 -20.53 -29.81 -2.18
N PRO D 290 -19.19 -29.86 -2.01
CA PRO D 290 -18.48 -31.13 -2.25
C PRO D 290 -19.12 -32.32 -1.55
N PHE D 291 -19.60 -32.10 -0.33
CA PHE D 291 -20.25 -33.15 0.46
C PHE D 291 -21.69 -33.40 0.02
N LEU D 292 -22.43 -32.33 -0.18
CA LEU D 292 -23.86 -32.40 -0.49
C LEU D 292 -24.16 -32.96 -1.87
N ARG D 293 -23.23 -32.78 -2.80
CA ARG D 293 -23.41 -33.29 -4.15
C ARG D 293 -23.22 -34.80 -4.19
N ASN D 294 -22.13 -35.28 -3.60
CA ASN D 294 -21.82 -36.72 -3.62
C ASN D 294 -22.66 -37.53 -2.63
N VAL D 295 -22.74 -37.04 -1.40
CA VAL D 295 -23.37 -37.81 -0.33
C VAL D 295 -24.89 -37.66 -0.30
N LEU D 296 -25.38 -36.42 -0.36
CA LEU D 296 -26.82 -36.17 -0.31
C LEU D 296 -27.25 -35.38 -1.56
N PRO D 297 -27.26 -36.06 -2.72
CA PRO D 297 -27.37 -35.39 -4.03
C PRO D 297 -28.69 -34.63 -4.25
N GLY D 298 -29.74 -35.04 -3.55
CA GLY D 298 -31.04 -34.40 -3.69
C GLY D 298 -31.28 -33.43 -2.55
N ILE D 299 -30.58 -32.29 -2.59
CA ILE D 299 -30.60 -31.35 -1.47
C ILE D 299 -30.66 -29.87 -1.91
N GLY D 300 -30.39 -29.61 -3.19
CA GLY D 300 -30.54 -28.26 -3.75
C GLY D 300 -29.63 -27.18 -3.18
N CYS D 301 -29.99 -25.92 -3.42
CA CYS D 301 -29.16 -24.76 -3.08
C CYS D 301 -29.19 -24.37 -1.62
N CYS D 302 -28.42 -23.33 -1.29
CA CYS D 302 -28.38 -22.76 0.04
C CYS D 302 -29.53 -21.78 0.22
N LEU D 303 -30.07 -21.73 1.42
CA LEU D 303 -31.17 -20.81 1.74
C LEU D 303 -30.69 -19.65 2.59
N TYR D 304 -29.97 -19.96 3.68
CA TYR D 304 -29.42 -18.93 4.56
C TYR D 304 -28.25 -19.51 5.37
N GLY D 305 -27.54 -18.64 6.09
CA GLY D 305 -26.34 -19.05 6.82
C GLY D 305 -26.12 -18.40 8.17
N ALA D 306 -24.92 -18.59 8.72
CA ALA D 306 -24.67 -18.33 10.13
C ALA D 306 -23.59 -17.30 10.45
N ALA D 307 -22.33 -17.61 10.07
CA ALA D 307 -21.18 -16.84 10.57
C ALA D 307 -20.99 -17.02 12.09
N CYS D 308 -20.05 -17.88 12.43
CA CYS D 308 -19.74 -18.26 13.80
C CYS D 308 -18.23 -18.31 13.93
N THR D 309 -17.71 -18.69 15.10
CA THR D 309 -16.27 -18.74 15.30
C THR D 309 -15.81 -20.00 16.04
N TYR D 310 -14.63 -20.50 15.65
CA TYR D 310 -13.98 -21.56 16.40
C TYR D 310 -12.98 -20.96 17.39
N ASP D 311 -12.88 -21.60 18.56
CA ASP D 311 -11.94 -21.22 19.58
C ASP D 311 -10.73 -22.17 19.54
N ASN D 312 -9.96 -22.06 18.45
CA ASN D 312 -8.92 -23.03 18.11
C ASN D 312 -7.66 -23.00 18.96
N SER D 313 -7.35 -24.14 19.57
CA SER D 313 -6.05 -24.38 20.16
C SER D 313 -5.16 -25.03 19.09
N PRO D 314 -3.83 -24.82 19.15
CA PRO D 314 -2.90 -25.33 18.14
C PRO D 314 -3.06 -26.82 17.81
N ASP D 315 -3.32 -27.65 18.82
CA ASP D 315 -3.50 -29.08 18.63
C ASP D 315 -4.98 -29.48 18.63
N GLU D 316 -5.86 -28.48 18.65
CA GLU D 316 -7.32 -28.65 18.54
C GLU D 316 -8.00 -29.38 19.72
N ASP D 317 -7.22 -29.73 20.75
CA ASP D 317 -7.77 -30.26 21.98
C ASP D 317 -8.16 -29.13 22.93
N PHE D 318 -8.99 -29.44 23.92
CA PHE D 318 -9.44 -28.44 24.89
C PHE D 318 -8.31 -28.00 25.82
N ILE D 319 -8.45 -26.82 26.40
CA ILE D 319 -7.54 -26.36 27.44
C ILE D 319 -8.35 -26.16 28.71
N ILE D 320 -8.26 -27.12 29.62
CA ILE D 320 -8.86 -27.02 30.94
C ILE D 320 -7.73 -27.06 31.96
N ASP D 321 -7.32 -25.88 32.42
CA ASP D 321 -6.21 -25.75 33.33
C ASP D 321 -6.38 -24.45 34.12
N THR D 322 -5.82 -24.43 35.32
CA THR D 322 -5.81 -23.22 36.14
C THR D 322 -4.75 -22.26 35.58
N LEU D 323 -5.04 -20.95 35.67
CA LEU D 323 -4.12 -19.92 35.17
C LEU D 323 -2.68 -20.08 35.67
N PRO D 324 -1.69 -19.93 34.76
CA PRO D 324 -0.26 -20.24 34.99
C PRO D 324 0.31 -19.83 36.35
N GLY D 325 -0.07 -18.65 36.85
CA GLY D 325 0.39 -18.23 38.16
C GLY D 325 -0.73 -17.99 39.16
N HIS D 326 -1.88 -18.62 38.92
CA HIS D 326 -3.09 -18.31 39.69
C HIS D 326 -3.97 -19.54 39.92
N ASP D 327 -3.90 -20.10 41.13
CA ASP D 327 -4.74 -21.22 41.52
C ASP D 327 -6.16 -20.78 41.87
N ASN D 328 -6.31 -19.47 42.07
CA ASN D 328 -7.62 -18.85 42.31
C ASN D 328 -8.58 -18.98 41.14
N THR D 329 -8.05 -19.04 39.92
CA THR D 329 -8.89 -19.01 38.73
C THR D 329 -8.56 -20.06 37.66
N LEU D 330 -9.62 -20.75 37.22
CA LEU D 330 -9.55 -21.82 36.24
C LEU D 330 -10.14 -21.33 34.92
N LEU D 331 -9.51 -21.70 33.81
CA LEU D 331 -10.03 -21.30 32.49
C LEU D 331 -10.22 -22.46 31.53
N ILE D 332 -11.26 -22.34 30.72
CA ILE D 332 -11.66 -23.35 29.74
C ILE D 332 -11.78 -22.66 28.39
N THR D 333 -10.90 -22.99 27.44
CA THR D 333 -10.85 -22.26 26.17
C THR D 333 -10.38 -22.99 24.91
N GLY D 334 -9.81 -24.18 25.07
CA GLY D 334 -9.25 -24.88 23.92
C GLY D 334 -10.26 -25.47 22.95
N LEU D 335 -11.54 -25.36 23.29
CA LEU D 335 -12.62 -26.00 22.52
C LEU D 335 -12.68 -25.53 21.08
N SER D 336 -12.21 -26.38 20.19
CA SER D 336 -11.91 -26.00 18.81
C SER D 336 -12.91 -26.58 17.81
N GLY D 337 -14.19 -26.21 17.97
CA GLY D 337 -15.23 -26.61 17.05
C GLY D 337 -16.18 -27.66 17.58
N HIS D 338 -15.69 -28.50 18.49
CA HIS D 338 -16.47 -29.60 19.03
C HIS D 338 -16.75 -29.41 20.52
N GLY D 339 -17.01 -28.16 20.91
CA GLY D 339 -17.07 -27.78 22.31
C GLY D 339 -18.38 -27.95 23.03
N PHE D 340 -19.49 -27.62 22.36
CA PHE D 340 -20.78 -27.50 23.05
C PHE D 340 -21.27 -28.75 23.78
N LYS D 341 -21.18 -29.91 23.14
CA LYS D 341 -21.65 -31.16 23.75
C LYS D 341 -21.04 -31.38 25.14
N PHE D 342 -19.90 -30.74 25.39
CA PHE D 342 -19.20 -30.86 26.66
C PHE D 342 -19.56 -29.75 27.66
N ALA D 343 -20.38 -28.80 27.21
CA ALA D 343 -20.70 -27.62 28.00
C ALA D 343 -21.26 -27.92 29.39
N SER D 344 -22.10 -28.95 29.49
CA SER D 344 -22.73 -29.30 30.76
C SER D 344 -21.74 -29.89 31.75
N VAL D 345 -20.84 -30.75 31.27
CA VAL D 345 -19.84 -31.38 32.14
C VAL D 345 -18.74 -30.40 32.54
N LEU D 346 -18.40 -29.48 31.65
CA LEU D 346 -17.41 -28.45 31.93
C LEU D 346 -17.93 -27.48 32.99
N GLY D 347 -19.22 -27.18 32.92
CA GLY D 347 -19.88 -26.36 33.94
C GLY D 347 -19.84 -27.03 35.30
N GLU D 348 -20.16 -28.33 35.33
CA GLU D 348 -20.13 -29.11 36.56
C GLU D 348 -18.73 -29.15 37.19
N ILE D 349 -17.71 -29.37 36.37
CA ILE D 349 -16.34 -29.47 36.89
C ILE D 349 -15.78 -28.10 37.27
N ALA D 350 -16.36 -27.05 36.69
CA ALA D 350 -16.06 -25.68 37.07
C ALA D 350 -16.62 -25.41 38.46
N ALA D 351 -17.90 -25.73 38.64
CA ALA D 351 -18.58 -25.60 39.93
C ALA D 351 -17.97 -26.52 40.99
N ASP D 352 -17.42 -27.65 40.53
CA ASP D 352 -16.67 -28.55 41.40
C ASP D 352 -15.40 -27.86 41.89
N PHE D 353 -14.71 -27.18 40.98
CA PHE D 353 -13.49 -26.43 41.30
C PHE D 353 -13.78 -25.25 42.23
N ALA D 354 -14.93 -24.61 42.03
CA ALA D 354 -15.39 -23.50 42.88
C ALA D 354 -15.54 -23.93 44.33
N GLN D 355 -15.97 -25.18 44.54
CA GLN D 355 -16.13 -25.74 45.86
C GLN D 355 -14.86 -26.42 46.34
N ASP D 356 -13.74 -26.11 45.66
CA ASP D 356 -12.43 -26.72 45.93
C ASP D 356 -12.41 -28.24 45.71
N LYS D 357 -13.57 -28.82 45.44
CA LYS D 357 -13.73 -30.25 45.23
C LYS D 357 -12.96 -30.71 43.99
N LYS D 358 -12.41 -31.92 44.07
CA LYS D 358 -11.68 -32.53 42.97
C LYS D 358 -12.63 -32.91 41.83
N SER D 359 -12.10 -33.59 40.80
CA SER D 359 -12.94 -34.00 39.68
C SER D 359 -12.55 -35.35 39.10
N ASP D 360 -13.54 -36.24 39.01
CA ASP D 360 -13.35 -37.65 38.62
C ASP D 360 -12.41 -37.89 37.41
N PHE D 361 -12.59 -37.09 36.35
CA PHE D 361 -11.80 -37.23 35.13
C PHE D 361 -10.43 -36.60 35.30
N ASP D 362 -9.41 -37.16 34.64
CA ASP D 362 -8.10 -36.53 34.63
C ASP D 362 -7.97 -35.55 33.46
N LEU D 363 -7.65 -34.30 33.77
CA LEU D 363 -7.60 -33.24 32.77
C LEU D 363 -6.18 -32.94 32.34
N THR D 364 -5.28 -33.89 32.55
CA THR D 364 -3.87 -33.78 32.18
C THR D 364 -3.62 -33.66 30.66
N PRO D 365 -4.43 -34.35 29.82
CA PRO D 365 -4.30 -34.12 28.39
C PRO D 365 -4.70 -32.69 27.98
N PHE D 366 -5.44 -32.00 28.84
CA PHE D 366 -5.90 -30.65 28.56
C PHE D 366 -5.06 -29.60 29.28
N ARG D 367 -3.77 -29.91 29.41
CA ARG D 367 -2.73 -29.02 29.94
C ARG D 367 -2.57 -27.74 29.15
N LEU D 368 -2.32 -26.65 29.87
CA LEU D 368 -1.95 -25.37 29.26
C LEU D 368 -0.46 -25.36 28.93
N SER D 369 0.28 -26.24 29.60
CA SER D 369 1.72 -26.41 29.41
C SER D 369 2.10 -26.77 27.97
N ARG D 370 1.27 -27.60 27.32
CA ARG D 370 1.49 -28.07 25.94
C ARG D 370 2.10 -26.99 25.05
N PHE D 371 1.51 -25.79 25.10
CA PHE D 371 1.94 -24.68 24.25
C PHE D 371 2.71 -23.65 25.07
PA FAD E . 13.46 22.19 -21.28
O1A FAD E . 13.40 23.48 -20.49
O2A FAD E . 13.73 21.03 -20.36
O5B FAD E . 12.09 21.95 -22.07
C5B FAD E . 11.86 20.76 -22.79
C4B FAD E . 10.44 20.26 -22.53
O4B FAD E . 10.05 19.31 -23.50
C3B FAD E . 10.33 19.60 -21.16
O3B FAD E . 9.31 20.26 -20.45
C2B FAD E . 9.96 18.15 -21.47
O2B FAD E . 9.02 17.61 -20.57
C1B FAD E . 9.37 18.24 -22.87
N9A FAD E . 9.53 16.98 -23.61
C8A FAD E . 10.65 16.20 -23.73
N7A FAD E . 10.37 15.13 -24.51
C5A FAD E . 9.07 15.20 -24.88
C6A FAD E . 8.27 14.38 -25.68
N6A FAD E . 8.88 13.51 -26.48
N1A FAD E . 6.94 14.73 -25.90
C2A FAD E . 6.42 15.88 -25.34
N3A FAD E . 7.22 16.69 -24.56
C4A FAD E . 8.52 16.36 -24.34
N1 FAD E . 21.10 28.51 -18.76
C2 FAD E . 21.33 29.84 -18.52
O2 FAD E . 21.04 30.67 -19.37
N3 FAD E . 21.88 30.23 -17.30
C4 FAD E . 22.19 29.28 -16.34
O4 FAD E . 22.68 29.64 -15.26
C4X FAD E . 21.97 27.93 -16.60
N5 FAD E . 22.28 26.98 -15.64
C5X FAD E . 22.04 25.65 -15.90
C6 FAD E . 22.36 24.67 -14.94
C7 FAD E . 22.12 23.32 -15.22
C7M FAD E . 22.46 22.27 -14.20
C8 FAD E . 21.56 22.95 -16.45
C8M FAD E . 21.29 21.53 -16.80
C9 FAD E . 21.25 23.92 -17.39
C9A FAD E . 21.49 25.26 -17.12
N10 FAD E . 21.17 26.21 -18.07
C10 FAD E . 21.41 27.56 -17.82
C1' FAD E . 20.59 25.79 -19.39
C2' FAD E . 19.07 25.87 -19.40
O2' FAD E . 18.55 25.21 -18.26
C3' FAD E . 18.53 25.21 -20.66
O3' FAD E . 19.20 25.72 -21.79
C4' FAD E . 17.03 25.37 -20.88
O4' FAD E . 16.32 25.55 -19.68
C5' FAD E . 16.52 24.12 -21.59
O5' FAD E . 15.83 24.51 -22.75
P FAD E . 14.71 23.57 -23.43
O1P FAD E . 13.41 24.32 -23.57
O2P FAD E . 15.25 23.13 -24.77
O3P FAD E . 14.57 22.29 -22.45
NA NA F . 20.64 22.45 -21.63
PA FAD G . 15.68 -5.84 4.23
O1A FAD G . 17.16 -5.90 4.52
O2A FAD G . 15.30 -4.59 3.46
O5B FAD G . 15.22 -7.16 3.45
C5B FAD G . 13.89 -7.29 3.02
C4B FAD G . 13.85 -7.69 1.55
O4B FAD G . 12.53 -8.05 1.18
C3B FAD G . 14.29 -6.56 0.64
O3B FAD G . 15.29 -7.06 -0.20
C2B FAD G . 13.05 -6.20 -0.17
O2B FAD G . 13.35 -5.96 -1.53
C1B FAD G . 12.19 -7.44 -0.05
N9A FAD G . 10.76 -7.12 -0.13
C8A FAD G . 10.13 -6.02 0.39
N7A FAD G . 8.81 -6.09 0.08
C5A FAD G . 8.61 -7.23 -0.63
C6A FAD G . 7.46 -7.76 -1.19
N6A FAD G . 6.46 -6.93 -1.45
N1A FAD G . 7.55 -8.96 -1.88
C2A FAD G . 8.77 -9.61 -2.02
N3A FAD G . 9.91 -9.05 -1.47
C4A FAD G . 9.82 -7.89 -0.78
N1 FAD G . 21.39 -2.40 12.17
C2 FAD G . 22.46 -2.65 13.02
O2 FAD G . 22.55 -3.76 13.56
N3 FAD G . 23.40 -1.67 13.26
C4 FAD G . 23.28 -0.44 12.65
O4 FAD G . 24.12 0.43 12.86
C4X FAD G . 22.22 -0.19 11.80
N5 FAD G . 22.11 1.05 11.19
C5X FAD G . 21.05 1.32 10.34
C6 FAD G . 20.96 2.56 9.74
C7 FAD G . 19.90 2.85 8.87
C7M FAD G . 19.82 4.21 8.26
C8 FAD G . 18.94 1.88 8.62
C8M FAD G . 17.78 2.15 7.69
C9 FAD G . 19.03 0.63 9.22
C9A FAD G . 20.09 0.34 10.09
N10 FAD G . 20.20 -0.91 10.71
C10 FAD G . 21.26 -1.16 11.55
C1' FAD G . 18.99 -1.80 10.76
C2' FAD G . 19.09 -2.90 9.72
O2' FAD G . 19.61 -2.38 8.51
C3' FAD G . 17.73 -3.52 9.43
O3' FAD G . 17.00 -3.63 10.64
C4' FAD G . 17.81 -4.88 8.76
O4' FAD G . 18.60 -4.84 7.60
C5' FAD G . 16.41 -5.35 8.39
O5' FAD G . 16.53 -6.38 7.46
P FAD G . 15.23 -6.99 6.75
O1P FAD G . 15.56 -8.36 6.16
O2P FAD G . 14.10 -7.08 7.74
O3P FAD G . 14.87 -5.91 5.62
NA NA H . 14.87 -1.67 10.74
PA FAD I . -18.64 6.37 -4.92
O1A FAD I . -17.81 5.62 -5.92
O2A FAD I . -19.37 5.42 -4.00
O5B FAD I . -17.70 7.39 -4.09
C5B FAD I . -18.27 8.33 -3.20
C4B FAD I . -17.41 8.47 -1.95
O4B FAD I . -17.82 9.58 -1.16
C3B FAD I . -17.51 7.23 -1.07
O3B FAD I . -16.25 6.62 -1.02
C2B FAD I . -17.93 7.74 0.30
O2B FAD I . -17.14 7.17 1.33
C1B FAD I . -17.68 9.23 0.21
N9A FAD I . -18.59 9.99 1.10
C8A FAD I . -19.91 9.74 1.33
N7A FAD I . -20.37 10.66 2.21
C5A FAD I . -19.36 11.50 2.54
C6A FAD I . -19.29 12.60 3.39
N6A FAD I . -20.39 13.06 3.97
N1A FAD I . -18.09 13.27 3.53
C2A FAD I . -16.97 12.85 2.83
N3A FAD I . -17.05 11.75 1.99
C4A FAD I . -18.23 11.09 1.85
N1 FAD I . -21.15 1.08 -13.05
C2 FAD I . -20.78 0.68 -14.32
O2 FAD I . -20.26 1.49 -15.09
N3 FAD I . -21.01 -0.63 -14.73
C4 FAD I . -21.60 -1.54 -13.87
O4 FAD I . -21.80 -2.69 -14.22
C4X FAD I . -21.97 -1.13 -12.58
N5 FAD I . -22.57 -2.03 -11.71
C5X FAD I . -22.93 -1.63 -10.45
C6 FAD I . -23.52 -2.54 -9.58
C7 FAD I . -23.91 -2.16 -8.30
C7M FAD I . -24.55 -3.19 -7.41
C8 FAD I . -23.69 -0.85 -7.87
C8M FAD I . -24.08 -0.41 -6.49
C9 FAD I . -23.09 0.07 -8.74
C9A FAD I . -22.71 -0.32 -10.03
N10 FAD I . -22.12 0.60 -10.90
C10 FAD I . -21.75 0.18 -12.17
C1' FAD I . -22.34 2.07 -10.68
C2' FAD I . -21.07 2.73 -10.18
O2' FAD I . -20.46 1.89 -9.22
C3' FAD I . -21.37 4.09 -9.56
O3' FAD I . -21.96 4.91 -10.55
C4' FAD I . -20.14 4.80 -9.00
O4' FAD I . -19.41 3.94 -8.17
C5' FAD I . -20.55 6.02 -8.17
O5' FAD I . -19.47 6.92 -8.18
P FAD I . -19.30 8.05 -7.06
O1P FAD I . -17.87 8.54 -7.03
O2P FAD I . -20.26 9.19 -7.36
O3P FAD I . -19.69 7.33 -5.69
NA NA J . -24.46 4.47 -8.25
PA FAD K . -19.62 -19.09 24.09
O1A FAD K . -20.76 -20.08 24.00
O2A FAD K . -19.61 -18.14 22.91
O5B FAD K . -19.74 -18.28 25.47
C5B FAD K . -18.83 -17.24 25.75
C4B FAD K . -19.55 -16.04 26.33
O4B FAD K . -18.59 -15.13 26.85
C3B FAD K . -20.34 -15.27 25.28
O3B FAD K . -21.71 -15.30 25.61
C2B FAD K . -19.81 -13.86 25.32
O2B FAD K . -20.86 -12.92 25.41
C1B FAD K . -18.99 -13.81 26.58
N9A FAD K . -17.81 -12.94 26.47
C8A FAD K . -16.97 -12.80 25.40
N7A FAD K . -16.01 -11.90 25.71
C5A FAD K . -16.23 -11.45 26.97
C6A FAD K . -15.56 -10.54 27.79
N6A FAD K . -14.34 -10.12 27.44
N1A FAD K . -16.03 -10.28 29.07
C2A FAD K . -17.16 -10.94 29.53
N3A FAD K . -17.82 -11.85 28.72
C4A FAD K . -17.37 -12.10 27.46
N1 FAD K . -20.08 -27.99 19.31
C2 FAD K . -20.54 -29.29 19.37
O2 FAD K . -20.44 -29.93 20.42
N3 FAD K . -21.08 -29.88 18.25
C4 FAD K . -21.20 -29.17 17.07
O4 FAD K . -21.69 -29.70 16.08
C4X FAD K . -20.73 -27.85 17.01
N5 FAD K . -20.84 -27.13 15.85
C5X FAD K . -20.40 -25.83 15.79
C6 FAD K . -20.50 -25.11 14.59
C7 FAD K . -20.06 -23.80 14.53
C7M FAD K . -20.17 -23.05 13.23
C8 FAD K . -19.49 -23.18 15.65
C8M FAD K . -19.02 -21.76 15.59
C9 FAD K . -19.39 -23.90 16.84
C9A FAD K . -19.84 -25.23 16.91
N10 FAD K . -19.72 -25.95 18.10
C10 FAD K . -20.18 -27.26 18.14
C1' FAD K . -18.70 -25.55 19.11
C2' FAD K . -19.37 -24.88 20.31
O2' FAD K . -20.42 -24.05 19.85
C3' FAD K . -18.37 -24.07 21.11
O3' FAD K . -17.17 -24.80 21.25
C4' FAD K . -18.89 -23.67 22.48
O4' FAD K . -20.16 -23.03 22.37
C5' FAD K . -17.94 -22.71 23.15
O5' FAD K . -18.42 -22.41 24.44
P FAD K . -17.98 -21.07 25.21
O1P FAD K . -18.84 -20.91 26.44
O2P FAD K . -16.51 -21.17 25.53
O3P FAD K . -18.21 -19.87 24.18
NA NA L . -15.36 -23.40 19.25
#